data_1UVJ
#
_entry.id   1UVJ
#
_cell.length_a   105.062
_cell.length_b   93.510
_cell.length_c   140.711
_cell.angle_alpha   90.00
_cell.angle_beta   101.19
_cell.angle_gamma   90.00
#
_symmetry.space_group_name_H-M   'P 1 21 1'
#
loop_
_entity.id
_entity.type
_entity.pdbx_description
1 polymer 'RNA-directed RNA polymerase'
2 polymer "5'-R(*UP*UP*CP*CP)-3'"
3 non-polymer 'MANGANESE (II) ION'
4 water water
#
loop_
_entity_poly.entity_id
_entity_poly.type
_entity_poly.pdbx_seq_one_letter_code
_entity_poly.pdbx_strand_id
1 'polypeptide(L)'
;PRRAPAFPLSDIKAQMLFANNIKAQQASKRSFKEGAIETYEGLLSVDPRFLSFKNELSRYLTDHFPANVDEYGRVYGNGV
RTNFFGMRHMNGFPMIPATWPLASNLKKRADADLADGPVSERDNLLFRAAVRLMFSDLEPVPLKIRKGSSTCIPYFSNDM
GTKIEIAERALEKAEEAGNLMLQGKFDDAYQLHQMGGAYYVVYRAQSTDAITLDPKTGKFVSKDRMVADFEYAVTGGEQG
SLFAASKDASRLKEQYGIDVPDGFFCERRRTAMGGPFALNAPIMAVAQPVRNKIYSKYAYTFHHTTRLNKEEKVKEWSLC
VATDVSDHDTFWPGWLRDLICDELLNMGYAPWWVKLFETSLKLPVYVGAPAPEQGHTLLGDPSNPDLEVGLSSGQGATDL
MGTLLMSITYLVMQLDHTAPHLNSRIKDMPSACRFLDSYWQGHEEIRQISKSDDAMLGWTKGRALVGGHRLFEMLKEGKV
NPSPYMKISYEHGGAFLGDILLYDSRREPGSAIFVGNINSMLNNQFSPEYGVQSGVRDRSKRKRPFPGLAWASMKDTYGA
CPIYSDVLEAIERCWWNAFGESYRAYREDMLKRDTLELSRYVASMARQAGLAELTPIDLEVLADPNKLQYKWTEADVSAN
IHEVLMHGVSVEKTERFLRSVMPR
;
A,B,C
2 'polyribonucleotide' UUUUUCC D,E,F
#
loop_
_chem_comp.id
_chem_comp.type
_chem_comp.name
_chem_comp.formula
C RNA linking CYTIDINE-5'-MONOPHOSPHATE 'C9 H14 N3 O8 P'
MN non-polymer 'MANGANESE (II) ION' 'Mn 2'
U RNA linking URIDINE-5'-MONOPHOSPHATE 'C9 H13 N2 O9 P'
#
# COMPACT_ATOMS: atom_id res chain seq x y z
N PRO A 1 -8.46 24.96 18.27
CA PRO A 1 -7.27 25.15 17.40
C PRO A 1 -7.53 25.64 15.97
N ARG A 2 -8.53 26.50 15.79
CA ARG A 2 -8.84 27.10 14.48
C ARG A 2 -9.26 26.17 13.35
N ARG A 3 -10.47 26.37 12.83
CA ARG A 3 -10.93 25.55 11.71
C ARG A 3 -10.29 26.17 10.48
N ALA A 4 -10.03 25.38 9.45
CA ALA A 4 -9.45 25.95 8.24
C ALA A 4 -10.56 26.66 7.48
N PRO A 5 -10.23 27.77 6.80
CA PRO A 5 -11.30 28.44 6.06
C PRO A 5 -11.62 27.56 4.85
N ALA A 6 -12.85 27.58 4.38
CA ALA A 6 -13.20 26.77 3.23
C ALA A 6 -14.02 27.67 2.29
N PHE A 7 -13.84 27.49 0.99
CA PHE A 7 -14.51 28.29 0.00
C PHE A 7 -15.14 27.44 -1.10
N PRO A 8 -16.40 27.72 -1.46
CA PRO A 8 -17.08 26.96 -2.51
C PRO A 8 -16.44 27.34 -3.84
N LEU A 9 -16.59 26.46 -4.83
CA LEU A 9 -16.05 26.71 -6.16
C LEU A 9 -16.47 28.09 -6.73
N SER A 10 -17.69 28.53 -6.41
CA SER A 10 -18.19 29.80 -6.93
C SER A 10 -17.41 31.00 -6.39
N ASP A 11 -16.74 30.83 -5.25
CA ASP A 11 -15.99 31.92 -4.63
C ASP A 11 -14.79 32.30 -5.49
N ILE A 12 -14.52 33.60 -5.57
CA ILE A 12 -13.40 34.08 -6.36
C ILE A 12 -12.09 33.36 -6.01
N LYS A 13 -11.87 33.02 -4.73
CA LYS A 13 -10.64 32.34 -4.36
C LYS A 13 -10.50 30.97 -5.03
N ALA A 14 -11.61 30.27 -5.22
CA ALA A 14 -11.56 28.97 -5.91
C ALA A 14 -11.52 29.18 -7.41
N GLN A 15 -12.29 30.16 -7.91
CA GLN A 15 -12.33 30.44 -9.36
C GLN A 15 -10.94 30.77 -9.90
N MET A 16 -10.15 31.46 -9.09
CA MET A 16 -8.82 31.86 -9.52
C MET A 16 -7.87 30.66 -9.69
N LEU A 17 -8.25 29.49 -9.18
CA LEU A 17 -7.40 28.30 -9.31
C LEU A 17 -7.52 27.65 -10.71
N PHE A 18 -8.50 28.10 -11.48
CA PHE A 18 -8.72 27.52 -12.79
C PHE A 18 -8.73 28.53 -13.91
N ALA A 19 -7.75 28.39 -14.80
CA ALA A 19 -7.60 29.26 -15.96
C ALA A 19 -8.83 29.21 -16.85
N ASN A 20 -8.95 30.21 -17.72
CA ASN A 20 -10.06 30.35 -18.65
C ASN A 20 -9.90 29.44 -19.88
N ASN A 21 -9.77 28.15 -19.63
CA ASN A 21 -9.72 27.20 -20.74
C ASN A 21 -10.61 26.03 -20.35
N ILE A 22 -11.11 25.31 -21.34
CA ILE A 22 -12.05 24.22 -21.12
C ILE A 22 -11.58 23.12 -20.16
N LYS A 23 -10.34 22.69 -20.30
CA LYS A 23 -9.82 21.66 -19.42
C LYS A 23 -9.79 22.08 -17.96
N ALA A 24 -9.32 23.30 -17.71
CA ALA A 24 -9.25 23.77 -16.32
C ALA A 24 -10.68 23.89 -15.74
N GLN A 25 -11.58 24.49 -16.52
CA GLN A 25 -12.95 24.65 -16.03
C GLN A 25 -13.59 23.27 -15.81
N GLN A 26 -13.37 22.33 -16.74
CA GLN A 26 -13.93 20.99 -16.55
C GLN A 26 -13.33 20.33 -15.30
N ALA A 27 -12.04 20.54 -15.04
CA ALA A 27 -11.44 19.94 -13.85
C ALA A 27 -12.07 20.54 -12.59
N SER A 28 -12.40 21.83 -12.63
CA SER A 28 -12.95 22.48 -11.45
C SER A 28 -14.31 21.92 -11.07
N LYS A 29 -15.11 21.62 -12.10
CA LYS A 29 -16.48 21.16 -11.93
C LYS A 29 -16.75 19.67 -12.02
N ARG A 30 -15.73 18.86 -12.34
CA ARG A 30 -16.00 17.44 -12.54
C ARG A 30 -16.79 16.79 -11.42
N SER A 31 -17.89 16.15 -11.78
CA SER A 31 -18.68 15.50 -10.75
C SER A 31 -18.15 14.10 -10.47
N PHE A 32 -18.67 13.49 -9.42
CA PHE A 32 -18.27 12.15 -9.04
C PHE A 32 -18.50 11.27 -10.29
N LYS A 33 -17.56 10.38 -10.59
CA LYS A 33 -17.64 9.50 -11.76
C LYS A 33 -17.21 8.09 -11.40
N GLU A 34 -17.80 7.08 -12.02
CA GLU A 34 -17.43 5.69 -11.75
C GLU A 34 -17.87 4.86 -12.96
N GLY A 35 -17.25 3.70 -13.13
CA GLY A 35 -17.59 2.83 -14.23
C GLY A 35 -16.56 1.71 -14.31
N ALA A 36 -16.88 0.62 -15.00
CA ALA A 36 -15.95 -0.49 -15.12
C ALA A 36 -14.70 -0.05 -15.88
N ILE A 37 -13.53 -0.53 -15.49
CA ILE A 37 -12.35 -0.15 -16.25
C ILE A 37 -12.18 -1.19 -17.35
N GLU A 38 -11.52 -0.80 -18.44
CA GLU A 38 -11.23 -1.73 -19.52
C GLU A 38 -9.94 -2.41 -19.04
N THR A 39 -10.10 -3.49 -18.28
CA THR A 39 -8.96 -4.23 -17.70
C THR A 39 -7.88 -4.52 -18.74
N TYR A 40 -8.28 -5.02 -19.91
CA TYR A 40 -7.38 -5.27 -21.07
C TYR A 40 -8.26 -4.89 -22.24
N GLU A 41 -7.68 -4.78 -23.44
CA GLU A 41 -8.48 -4.39 -24.60
C GLU A 41 -9.67 -5.31 -24.80
N GLY A 42 -10.87 -4.76 -24.80
CA GLY A 42 -12.05 -5.60 -25.01
C GLY A 42 -12.51 -6.44 -23.82
N LEU A 43 -12.00 -6.14 -22.62
CA LEU A 43 -12.41 -6.89 -21.43
C LEU A 43 -12.70 -5.93 -20.30
N LEU A 44 -13.94 -5.90 -19.82
CA LEU A 44 -14.32 -5.02 -18.71
C LEU A 44 -14.07 -5.72 -17.38
N SER A 45 -13.73 -4.95 -16.34
CA SER A 45 -13.46 -5.53 -15.03
C SER A 45 -14.69 -6.23 -14.44
N VAL A 46 -15.88 -5.91 -14.94
CA VAL A 46 -17.09 -6.56 -14.44
C VAL A 46 -17.67 -7.61 -15.39
N ASP A 47 -16.93 -7.94 -16.45
CA ASP A 47 -17.38 -8.98 -17.40
C ASP A 47 -17.73 -10.20 -16.52
N PRO A 48 -18.92 -10.81 -16.70
CA PRO A 48 -19.30 -11.98 -15.88
C PRO A 48 -18.27 -13.11 -15.90
N ARG A 49 -17.66 -13.35 -17.06
CA ARG A 49 -16.67 -14.43 -17.10
C ARG A 49 -15.47 -14.09 -16.24
N PHE A 50 -15.04 -12.83 -16.28
CA PHE A 50 -13.89 -12.37 -15.51
C PHE A 50 -14.15 -12.47 -14.02
N LEU A 51 -15.34 -12.06 -13.59
CA LEU A 51 -15.65 -12.16 -12.18
C LEU A 51 -15.73 -13.64 -11.73
N SER A 52 -16.24 -14.51 -12.59
CA SER A 52 -16.36 -15.93 -12.27
C SER A 52 -14.94 -16.48 -12.10
N PHE A 53 -14.07 -16.05 -13.00
CA PHE A 53 -12.66 -16.41 -12.96
C PHE A 53 -12.04 -15.99 -11.62
N LYS A 54 -12.20 -14.72 -11.25
CA LYS A 54 -11.65 -14.23 -9.99
C LYS A 54 -12.25 -14.99 -8.79
N ASN A 55 -13.55 -15.27 -8.86
CA ASN A 55 -14.18 -16.00 -7.77
C ASN A 55 -13.51 -17.34 -7.60
N GLU A 56 -13.42 -18.10 -8.69
CA GLU A 56 -12.81 -19.43 -8.60
C GLU A 56 -11.34 -19.41 -8.21
N LEU A 57 -10.56 -18.52 -8.84
CA LEU A 57 -9.13 -18.43 -8.55
C LEU A 57 -8.80 -17.99 -7.14
N SER A 58 -9.49 -16.97 -6.64
CA SER A 58 -9.19 -16.50 -5.29
C SER A 58 -9.50 -17.58 -4.24
N ARG A 59 -10.60 -18.32 -4.41
CA ARG A 59 -10.97 -19.37 -3.45
C ARG A 59 -9.98 -20.54 -3.48
N TYR A 60 -9.64 -20.97 -4.68
CA TYR A 60 -8.71 -22.08 -4.85
C TYR A 60 -7.32 -21.77 -4.31
N LEU A 61 -6.78 -20.60 -4.61
CA LEU A 61 -5.44 -20.29 -4.12
C LEU A 61 -5.44 -20.11 -2.61
N THR A 62 -6.49 -19.53 -2.07
CA THR A 62 -6.51 -19.31 -0.62
C THR A 62 -6.57 -20.67 0.08
N ASP A 63 -7.45 -21.52 -0.43
CA ASP A 63 -7.60 -22.84 0.14
C ASP A 63 -6.31 -23.69 0.06
N HIS A 64 -5.66 -23.72 -1.09
CA HIS A 64 -4.47 -24.52 -1.22
C HIS A 64 -3.17 -23.89 -0.75
N PHE A 65 -3.11 -22.56 -0.66
CA PHE A 65 -1.87 -21.95 -0.23
C PHE A 65 -2.08 -20.95 0.89
N PRO A 66 -2.34 -21.45 2.11
CA PRO A 66 -2.57 -20.60 3.28
C PRO A 66 -1.28 -19.83 3.56
N ALA A 67 -1.42 -18.67 4.19
CA ALA A 67 -0.28 -17.86 4.51
C ALA A 67 0.71 -18.63 5.39
N ASN A 68 1.98 -18.36 5.19
CA ASN A 68 3.05 -18.97 5.97
C ASN A 68 3.82 -17.81 6.58
N VAL A 69 3.32 -17.26 7.69
CA VAL A 69 3.98 -16.14 8.37
C VAL A 69 4.08 -16.50 9.86
N ASP A 70 5.29 -16.51 10.42
CA ASP A 70 5.40 -16.88 11.83
C ASP A 70 4.99 -15.75 12.82
N GLU A 71 5.04 -16.07 14.11
CA GLU A 71 4.64 -15.13 15.16
C GLU A 71 5.39 -13.81 15.13
N TYR A 72 6.57 -13.78 14.51
CA TYR A 72 7.34 -12.54 14.40
C TYR A 72 7.13 -11.90 13.01
N GLY A 73 6.11 -12.36 12.30
CA GLY A 73 5.82 -11.80 10.98
C GLY A 73 6.83 -12.11 9.89
N ARG A 74 7.64 -13.16 10.05
CA ARG A 74 8.57 -13.52 9.00
C ARG A 74 7.84 -14.53 8.12
N VAL A 75 7.90 -14.34 6.81
CA VAL A 75 7.25 -15.32 5.94
C VAL A 75 8.26 -16.44 5.67
N TYR A 76 7.76 -17.65 5.52
CA TYR A 76 8.59 -18.80 5.25
C TYR A 76 7.77 -19.68 4.33
N GLY A 77 8.22 -20.91 4.14
CA GLY A 77 7.46 -21.85 3.34
C GLY A 77 7.00 -21.43 1.96
N ASN A 78 5.69 -21.43 1.74
CA ASN A 78 5.16 -21.08 0.42
C ASN A 78 5.33 -19.60 -0.02
N GLY A 79 5.81 -18.74 0.87
CA GLY A 79 6.03 -17.34 0.52
C GLY A 79 4.75 -16.53 0.42
N VAL A 80 3.67 -17.07 0.95
CA VAL A 80 2.39 -16.41 0.90
C VAL A 80 2.15 -15.74 2.24
N ARG A 81 1.71 -14.48 2.22
CA ARG A 81 1.48 -13.81 3.49
C ARG A 81 0.04 -13.49 3.84
N THR A 82 -0.90 -13.82 2.96
CA THR A 82 -2.31 -13.59 3.27
C THR A 82 -3.18 -14.30 2.25
N ASN A 83 -4.50 -14.30 2.43
CA ASN A 83 -5.40 -14.95 1.50
C ASN A 83 -5.34 -14.19 0.16
N PHE A 84 -5.97 -14.76 -0.87
CA PHE A 84 -5.95 -14.16 -2.21
C PHE A 84 -7.27 -13.43 -2.58
N PHE A 85 -8.07 -13.12 -1.57
CA PHE A 85 -9.37 -12.50 -1.82
C PHE A 85 -9.31 -11.03 -2.22
N GLY A 86 -8.12 -10.43 -2.12
CA GLY A 86 -7.99 -9.02 -2.48
C GLY A 86 -8.40 -8.68 -3.90
N MET A 87 -8.45 -9.71 -4.77
CA MET A 87 -8.80 -9.49 -6.16
C MET A 87 -10.28 -9.36 -6.37
N ARG A 88 -11.06 -9.59 -5.31
CA ARG A 88 -12.50 -9.52 -5.42
C ARG A 88 -13.13 -8.13 -5.42
N HIS A 89 -12.67 -7.22 -6.27
CA HIS A 89 -13.30 -5.90 -6.28
C HIS A 89 -13.80 -5.56 -7.67
N MET A 90 -14.89 -4.79 -7.74
CA MET A 90 -15.44 -4.33 -9.00
C MET A 90 -14.57 -3.12 -9.43
N ASN A 91 -13.43 -3.38 -10.05
CA ASN A 91 -12.53 -2.30 -10.42
C ASN A 91 -13.17 -1.18 -11.24
N GLY A 92 -12.99 0.07 -10.79
CA GLY A 92 -13.59 1.20 -11.47
C GLY A 92 -14.71 1.77 -10.62
N PHE A 93 -15.19 0.98 -9.65
CA PHE A 93 -16.27 1.45 -8.78
C PHE A 93 -15.70 1.63 -7.37
N PRO A 94 -15.68 2.89 -6.89
CA PRO A 94 -15.15 3.19 -5.56
C PRO A 94 -16.07 3.08 -4.36
N MET A 95 -15.44 2.96 -3.20
CA MET A 95 -16.16 2.97 -1.95
C MET A 95 -16.76 4.41 -1.87
N ILE A 96 -17.87 4.58 -1.17
CA ILE A 96 -18.52 5.88 -1.01
C ILE A 96 -18.76 6.19 0.48
N PRO A 97 -18.33 7.36 0.95
CA PRO A 97 -17.63 8.40 0.21
C PRO A 97 -16.12 8.21 0.40
N ALA A 98 -15.33 8.98 -0.33
CA ALA A 98 -13.90 8.90 -0.16
C ALA A 98 -13.70 9.93 0.94
N THR A 99 -12.49 10.01 1.48
CA THR A 99 -12.24 10.91 2.59
C THR A 99 -11.95 12.34 2.17
N TRP A 100 -12.32 13.29 3.04
CA TRP A 100 -12.00 14.70 2.81
C TRP A 100 -10.62 14.76 3.45
N PRO A 101 -9.64 15.39 2.78
CA PRO A 101 -8.30 15.47 3.35
C PRO A 101 -8.24 16.37 4.57
N LEU A 102 -7.54 15.91 5.60
CA LEU A 102 -7.43 16.66 6.86
C LEU A 102 -6.64 17.97 6.62
N ALA A 103 -7.20 19.12 7.00
CA ALA A 103 -6.49 20.40 6.78
C ALA A 103 -5.35 20.60 7.78
N SER A 104 -5.45 19.97 8.93
CA SER A 104 -4.40 20.08 9.94
C SER A 104 -4.24 18.75 10.64
N ASN A 105 -3.01 18.26 10.71
CA ASN A 105 -2.75 16.99 11.33
C ASN A 105 -2.08 17.18 12.70
N LEU A 106 -2.11 18.40 13.25
CA LEU A 106 -1.46 18.61 14.55
C LEU A 106 -2.16 17.82 15.66
N LYS A 107 -3.48 17.87 15.68
CA LYS A 107 -4.24 17.14 16.69
C LYS A 107 -4.11 15.64 16.47
N LYS A 108 -4.09 15.23 15.20
CA LYS A 108 -3.96 13.82 14.87
C LYS A 108 -2.67 13.27 15.47
N ARG A 109 -1.56 13.99 15.30
CA ARG A 109 -0.26 13.60 15.83
C ARG A 109 -0.22 13.63 17.36
N ALA A 110 -0.72 14.70 17.97
CA ALA A 110 -0.74 14.81 19.42
C ALA A 110 -1.58 13.68 20.05
N ASP A 111 -2.73 13.41 19.46
CA ASP A 111 -3.59 12.36 19.98
C ASP A 111 -2.99 10.98 19.83
N ALA A 112 -2.08 10.80 18.86
CA ALA A 112 -1.43 9.52 18.64
C ALA A 112 -0.13 9.49 19.47
N ASP A 113 0.04 10.50 20.31
CA ASP A 113 1.22 10.61 21.16
C ASP A 113 2.53 10.69 20.40
N LEU A 114 2.54 11.47 19.34
CA LEU A 114 3.72 11.66 18.54
C LEU A 114 4.23 13.05 18.87
N ALA A 115 5.54 13.25 18.77
CA ALA A 115 6.15 14.52 19.13
C ALA A 115 5.93 15.68 18.17
N ASP A 116 5.90 16.88 18.74
CA ASP A 116 5.69 18.09 17.94
C ASP A 116 7.00 18.76 17.62
N GLY A 117 8.08 17.98 17.74
CA GLY A 117 9.40 18.49 17.41
C GLY A 117 10.44 17.44 17.77
N PRO A 118 11.72 17.63 17.40
CA PRO A 118 12.77 16.66 17.75
C PRO A 118 12.74 16.58 19.27
N VAL A 119 12.75 15.39 19.83
CA VAL A 119 12.66 15.25 21.28
C VAL A 119 13.92 15.64 22.04
N SER A 120 15.08 15.33 21.48
CA SER A 120 16.34 15.65 22.13
C SER A 120 17.24 16.38 21.16
N GLU A 121 18.32 16.96 21.64
CA GLU A 121 19.24 17.67 20.75
C GLU A 121 19.94 16.68 19.80
N ARG A 122 20.11 15.44 20.24
CA ARG A 122 20.77 14.44 19.41
C ARG A 122 19.93 14.33 18.13
N ASP A 123 18.63 14.08 18.30
CA ASP A 123 17.68 13.94 17.19
C ASP A 123 17.67 15.20 16.30
N ASN A 124 17.61 16.37 16.92
CA ASN A 124 17.65 17.60 16.15
C ASN A 124 18.91 17.62 15.29
N LEU A 125 20.04 17.17 15.83
CA LEU A 125 21.28 17.17 15.03
C LEU A 125 21.22 16.15 13.88
N LEU A 126 20.60 15.00 14.12
CA LEU A 126 20.54 13.97 13.11
C LEU A 126 19.63 14.41 11.96
N PHE A 127 18.45 14.97 12.28
CA PHE A 127 17.57 15.45 11.21
C PHE A 127 18.30 16.52 10.38
N ARG A 128 18.97 17.45 11.05
CA ARG A 128 19.70 18.49 10.33
C ARG A 128 20.89 17.93 9.57
N ALA A 129 21.52 16.88 10.10
CA ALA A 129 22.65 16.29 9.40
C ALA A 129 22.14 15.65 8.10
N ALA A 130 20.95 15.08 8.17
CA ALA A 130 20.36 14.46 6.99
C ALA A 130 20.22 15.51 5.87
N VAL A 131 19.80 16.71 6.24
CA VAL A 131 19.64 17.78 5.29
C VAL A 131 21.00 18.15 4.68
N ARG A 132 22.02 18.27 5.52
CA ARG A 132 23.33 18.64 5.02
C ARG A 132 23.88 17.59 4.08
N LEU A 133 23.73 16.32 4.42
CA LEU A 133 24.26 15.28 3.54
C LEU A 133 23.48 15.17 2.24
N MET A 134 22.16 15.30 2.31
CA MET A 134 21.32 15.17 1.14
C MET A 134 21.36 16.33 0.15
N PHE A 135 21.45 17.56 0.65
CA PHE A 135 21.42 18.73 -0.22
C PHE A 135 22.74 19.44 -0.47
N SER A 136 23.87 18.82 -0.09
CA SER A 136 25.14 19.52 -0.25
C SER A 136 25.92 19.60 -1.56
N ASP A 137 26.38 18.51 -2.14
CA ASP A 137 27.20 18.74 -3.33
C ASP A 137 26.50 18.19 -4.57
N LEU A 138 25.40 18.85 -4.91
CA LEU A 138 24.56 18.45 -6.02
C LEU A 138 25.05 18.83 -7.41
N GLU A 139 24.84 17.93 -8.37
CA GLU A 139 25.21 18.17 -9.77
C GLU A 139 23.93 18.44 -10.53
N PRO A 140 23.91 19.46 -11.38
CA PRO A 140 22.71 19.78 -12.16
C PRO A 140 22.42 18.68 -13.16
N VAL A 141 21.15 18.53 -13.50
CA VAL A 141 20.71 17.56 -14.50
C VAL A 141 19.45 18.10 -15.16
N PRO A 142 19.07 17.57 -16.32
CA PRO A 142 17.85 18.09 -16.94
C PRO A 142 16.61 17.78 -16.09
N LEU A 143 15.67 18.71 -16.09
CA LEU A 143 14.44 18.53 -15.35
C LEU A 143 13.59 17.61 -16.27
N LYS A 144 13.30 16.40 -15.82
CA LYS A 144 12.50 15.47 -16.62
C LYS A 144 11.03 15.58 -16.23
N ILE A 145 10.16 15.51 -17.24
CA ILE A 145 8.72 15.63 -17.09
C ILE A 145 8.02 14.40 -17.69
N ARG A 146 7.06 13.83 -16.96
CA ARG A 146 6.29 12.66 -17.42
C ARG A 146 5.36 13.04 -18.59
N LYS A 147 5.45 12.32 -19.70
CA LYS A 147 4.59 12.63 -20.83
C LYS A 147 3.10 12.42 -20.46
N GLY A 148 2.25 13.34 -20.89
CA GLY A 148 0.83 13.19 -20.60
C GLY A 148 0.36 13.57 -19.20
N SER A 149 1.30 13.89 -18.30
CA SER A 149 0.94 14.32 -16.94
C SER A 149 0.32 15.71 -17.03
N SER A 150 -0.59 16.03 -16.12
CA SER A 150 -1.27 17.35 -16.12
C SER A 150 -0.49 18.38 -15.31
N THR A 151 -0.53 19.64 -15.74
CA THR A 151 0.16 20.66 -14.98
C THR A 151 -0.74 21.10 -13.82
N CYS A 152 -1.95 20.55 -13.75
CA CYS A 152 -2.91 20.92 -12.70
C CYS A 152 -3.11 22.45 -12.56
N ILE A 153 -3.26 22.97 -11.34
CA ILE A 153 -3.57 24.39 -11.18
C ILE A 153 -2.47 25.31 -11.73
N PRO A 154 -2.87 26.31 -12.55
CA PRO A 154 -4.24 26.61 -12.97
C PRO A 154 -4.59 26.18 -14.39
N TYR A 155 -3.60 25.73 -15.17
CA TYR A 155 -3.87 25.44 -16.60
C TYR A 155 -4.41 24.07 -16.97
N PHE A 156 -4.03 23.06 -16.21
CA PHE A 156 -4.48 21.69 -16.46
C PHE A 156 -4.13 21.27 -17.86
N SER A 157 -2.91 21.58 -18.28
CA SER A 157 -2.47 21.22 -19.61
C SER A 157 -1.76 19.87 -19.59
N ASN A 158 -1.93 19.10 -20.65
CA ASN A 158 -1.27 17.79 -20.72
C ASN A 158 -0.33 17.81 -21.92
N ASP A 159 -0.20 18.98 -22.53
CA ASP A 159 0.62 19.13 -23.72
C ASP A 159 2.08 19.34 -23.35
N MET A 160 2.95 18.48 -23.87
CA MET A 160 4.37 18.55 -23.56
C MET A 160 5.04 19.86 -23.91
N GLY A 161 4.69 20.47 -25.04
CA GLY A 161 5.29 21.73 -25.39
C GLY A 161 4.93 22.78 -24.36
N THR A 162 3.66 22.79 -23.96
CA THR A 162 3.15 23.74 -22.97
C THR A 162 3.84 23.47 -21.63
N LYS A 163 3.98 22.19 -21.28
CA LYS A 163 4.62 21.84 -20.01
C LYS A 163 6.09 22.28 -19.95
N ILE A 164 6.79 22.14 -21.08
CA ILE A 164 8.19 22.56 -21.16
C ILE A 164 8.27 24.08 -20.99
N GLU A 165 7.41 24.83 -21.68
CA GLU A 165 7.39 26.29 -21.57
C GLU A 165 7.08 26.74 -20.13
N ILE A 166 6.07 26.12 -19.52
CA ILE A 166 5.70 26.45 -18.13
C ILE A 166 6.90 26.20 -17.22
N ALA A 167 7.57 25.06 -17.42
CA ALA A 167 8.71 24.70 -16.59
C ALA A 167 9.90 25.64 -16.77
N GLU A 168 10.18 26.03 -18.00
CA GLU A 168 11.32 26.94 -18.23
C GLU A 168 11.00 28.32 -17.70
N ARG A 169 9.78 28.77 -17.91
CA ARG A 169 9.37 30.08 -17.43
C ARG A 169 9.45 30.07 -15.91
N ALA A 170 9.02 28.98 -15.30
CA ALA A 170 9.04 28.83 -13.86
C ALA A 170 10.48 28.89 -13.32
N LEU A 171 11.43 28.21 -13.96
CA LEU A 171 12.80 28.29 -13.48
C LEU A 171 13.36 29.71 -13.64
N GLU A 172 12.87 30.44 -14.63
CA GLU A 172 13.32 31.79 -14.87
C GLU A 172 12.74 32.80 -13.88
N LYS A 173 11.52 32.57 -13.44
CA LYS A 173 10.87 33.49 -12.53
C LYS A 173 10.73 32.99 -11.08
N ALA A 174 11.33 31.84 -10.76
CA ALA A 174 11.21 31.30 -9.39
C ALA A 174 11.73 32.30 -8.36
N GLU A 175 12.88 32.90 -8.67
CA GLU A 175 13.48 33.85 -7.74
C GLU A 175 12.53 35.00 -7.41
N GLU A 176 11.95 35.59 -8.44
CA GLU A 176 11.05 36.69 -8.26
C GLU A 176 9.80 36.29 -7.48
N ALA A 177 9.32 35.06 -7.74
CA ALA A 177 8.15 34.55 -7.05
C ALA A 177 8.46 34.28 -5.58
N GLY A 178 9.60 33.65 -5.31
CA GLY A 178 9.99 33.37 -3.94
C GLY A 178 10.16 34.63 -3.12
N ASN A 179 10.74 35.67 -3.71
CA ASN A 179 10.91 36.90 -2.98
C ASN A 179 9.56 37.54 -2.67
N LEU A 180 8.62 37.48 -3.60
CA LEU A 180 7.28 38.03 -3.35
C LEU A 180 6.69 37.30 -2.16
N MET A 181 6.91 35.98 -2.12
CA MET A 181 6.39 35.20 -1.00
C MET A 181 7.06 35.61 0.30
N LEU A 182 8.37 35.86 0.26
CA LEU A 182 9.10 36.30 1.45
C LEU A 182 8.48 37.59 1.97
N GLN A 183 7.86 38.36 1.06
CA GLN A 183 7.22 39.62 1.43
C GLN A 183 5.75 39.42 1.84
N GLY A 184 5.28 38.17 1.84
CA GLY A 184 3.90 37.92 2.20
C GLY A 184 2.94 38.12 1.03
N LYS A 185 3.51 38.35 -0.15
CA LYS A 185 2.70 38.57 -1.34
C LYS A 185 2.43 37.31 -2.14
N PHE A 186 1.68 36.39 -1.53
CA PHE A 186 1.35 35.12 -2.17
C PHE A 186 0.43 35.28 -3.35
N ASP A 187 -0.57 36.14 -3.25
CA ASP A 187 -1.48 36.33 -4.37
C ASP A 187 -0.69 36.88 -5.55
N ASP A 188 0.24 37.78 -5.29
CA ASP A 188 1.03 38.35 -6.37
C ASP A 188 1.85 37.27 -7.06
N ALA A 189 2.56 36.46 -6.28
CA ALA A 189 3.37 35.39 -6.84
C ALA A 189 2.51 34.42 -7.65
N TYR A 190 1.30 34.14 -7.16
CA TYR A 190 0.41 33.23 -7.87
C TYR A 190 -0.12 33.85 -9.17
N GLN A 191 -0.58 35.09 -9.09
CA GLN A 191 -1.12 35.76 -10.26
C GLN A 191 -0.10 36.01 -11.35
N LEU A 192 1.13 36.32 -10.96
CA LEU A 192 2.18 36.57 -11.93
C LEU A 192 2.86 35.32 -12.46
N HIS A 193 3.12 34.34 -11.59
CA HIS A 193 3.88 33.17 -12.01
C HIS A 193 3.24 31.82 -11.77
N GLN A 194 1.99 31.84 -11.34
CA GLN A 194 1.23 30.63 -11.07
C GLN A 194 1.89 29.75 -10.03
N MET A 195 2.63 30.36 -9.11
CA MET A 195 3.30 29.60 -8.07
C MET A 195 2.50 29.87 -6.81
N GLY A 196 1.69 28.89 -6.42
CA GLY A 196 0.82 29.06 -5.26
C GLY A 196 -0.50 28.43 -5.61
N GLY A 197 -1.59 28.99 -5.07
CA GLY A 197 -2.90 28.44 -5.37
C GLY A 197 -3.22 27.25 -4.49
N ALA A 198 -3.20 26.03 -5.06
CA ALA A 198 -3.57 24.85 -4.29
C ALA A 198 -3.19 23.59 -4.98
N TYR A 199 -3.31 22.49 -4.24
CA TYR A 199 -3.10 21.16 -4.76
C TYR A 199 -4.49 20.78 -5.27
N TYR A 200 -4.55 19.96 -6.32
CA TYR A 200 -5.83 19.54 -6.86
C TYR A 200 -6.01 18.09 -6.39
N VAL A 201 -7.05 17.85 -5.61
CA VAL A 201 -7.25 16.51 -5.09
C VAL A 201 -7.86 15.53 -6.07
N VAL A 202 -7.16 14.44 -6.36
CA VAL A 202 -7.73 13.41 -7.24
C VAL A 202 -7.72 12.11 -6.46
N TYR A 203 -8.85 11.42 -6.46
CA TYR A 203 -8.96 10.16 -5.73
C TYR A 203 -8.53 8.98 -6.60
N ARG A 204 -7.60 8.18 -6.10
CA ARG A 204 -7.11 7.05 -6.89
C ARG A 204 -7.50 5.73 -6.25
N ALA A 205 -7.64 4.74 -7.11
CA ALA A 205 -8.01 3.40 -6.67
C ALA A 205 -6.80 2.64 -6.13
N GLN A 206 -7.04 1.93 -5.04
CA GLN A 206 -6.08 1.01 -4.44
C GLN A 206 -6.97 -0.21 -4.77
N SER A 207 -6.73 -0.78 -5.96
CA SER A 207 -7.53 -1.84 -6.56
C SER A 207 -7.77 -3.13 -5.78
N THR A 208 -6.87 -3.42 -4.86
CA THR A 208 -7.01 -4.58 -4.04
C THR A 208 -6.87 -4.09 -2.60
N ASP A 209 -7.70 -4.61 -1.73
CA ASP A 209 -7.64 -4.25 -0.32
C ASP A 209 -8.14 -5.52 0.36
N ALA A 210 -7.78 -5.69 1.62
CA ALA A 210 -8.15 -6.88 2.37
C ALA A 210 -9.62 -7.25 2.39
N ILE A 211 -9.82 -8.56 2.26
CA ILE A 211 -11.14 -9.17 2.29
C ILE A 211 -10.94 -10.53 2.97
N THR A 212 -11.83 -10.89 3.88
CA THR A 212 -11.69 -12.17 4.56
C THR A 212 -12.98 -12.93 4.38
N LEU A 213 -12.93 -14.23 4.63
CA LEU A 213 -14.11 -15.07 4.50
C LEU A 213 -14.42 -15.60 5.90
N ASP A 214 -15.58 -15.22 6.42
CA ASP A 214 -16.01 -15.65 7.76
C ASP A 214 -16.38 -17.14 7.75
N PRO A 215 -15.55 -17.97 8.39
CA PRO A 215 -15.79 -19.42 8.45
C PRO A 215 -17.22 -19.75 8.88
N LYS A 216 -17.69 -19.06 9.90
CA LYS A 216 -19.05 -19.30 10.41
C LYS A 216 -20.14 -19.07 9.37
N THR A 217 -20.24 -17.83 8.87
CA THR A 217 -21.27 -17.46 7.91
C THR A 217 -21.00 -17.86 6.45
N GLY A 218 -19.74 -18.05 6.10
CA GLY A 218 -19.44 -18.37 4.71
C GLY A 218 -19.58 -17.10 3.87
N LYS A 219 -19.66 -15.94 4.54
CA LYS A 219 -19.80 -14.66 3.86
C LYS A 219 -18.46 -13.94 3.84
N PHE A 220 -18.23 -13.13 2.82
CA PHE A 220 -16.97 -12.37 2.74
C PHE A 220 -17.17 -11.05 3.46
N VAL A 221 -16.09 -10.51 4.04
CA VAL A 221 -16.11 -9.24 4.75
C VAL A 221 -14.98 -8.34 4.24
N SER A 222 -15.31 -7.15 3.75
CA SER A 222 -14.26 -6.24 3.24
C SER A 222 -13.74 -5.39 4.38
N LYS A 223 -12.44 -5.06 4.36
CA LYS A 223 -11.85 -4.26 5.44
C LYS A 223 -12.46 -2.86 5.47
N ASP A 224 -12.86 -2.42 6.65
CA ASP A 224 -13.45 -1.09 6.76
C ASP A 224 -12.32 -0.07 6.58
N ARG A 225 -12.61 0.96 5.81
CA ARG A 225 -11.64 2.03 5.60
C ARG A 225 -12.36 3.25 6.13
N MET A 226 -11.78 3.87 7.16
CA MET A 226 -12.37 5.03 7.81
C MET A 226 -12.14 6.27 6.98
N VAL A 227 -13.19 7.10 6.87
CA VAL A 227 -13.08 8.34 6.12
C VAL A 227 -13.60 9.51 6.97
N ALA A 228 -13.07 10.69 6.70
CA ALA A 228 -13.44 11.92 7.42
C ALA A 228 -14.43 12.71 6.57
N ASP A 229 -15.46 13.27 7.20
CA ASP A 229 -16.41 14.08 6.44
C ASP A 229 -15.82 15.47 6.47
N PHE A 230 -16.44 16.41 5.77
CA PHE A 230 -15.90 17.79 5.69
C PHE A 230 -15.64 18.48 7.03
N GLU A 231 -16.58 18.35 7.96
CA GLU A 231 -16.41 18.98 9.26
C GLU A 231 -15.16 18.50 9.97
N TYR A 232 -14.97 17.19 9.97
CA TYR A 232 -13.80 16.60 10.61
C TYR A 232 -12.52 17.13 9.93
N ALA A 233 -12.53 17.16 8.60
CA ALA A 233 -11.36 17.60 7.85
C ALA A 233 -10.93 19.04 8.10
N VAL A 234 -11.89 19.96 8.16
CA VAL A 234 -11.51 21.35 8.37
C VAL A 234 -11.23 21.70 9.81
N THR A 235 -11.63 20.83 10.75
CA THR A 235 -11.36 21.09 12.17
C THR A 235 -10.25 20.19 12.72
N GLY A 236 -9.55 19.50 11.81
CA GLY A 236 -8.46 18.62 12.22
C GLY A 236 -8.97 17.51 13.12
N GLY A 237 -10.24 17.16 12.98
CA GLY A 237 -10.83 16.09 13.79
C GLY A 237 -11.49 16.55 15.09
N GLU A 238 -11.45 17.84 15.39
CA GLU A 238 -12.08 18.31 16.63
C GLU A 238 -13.59 18.15 16.60
N GLN A 239 -14.19 18.27 15.42
CA GLN A 239 -15.63 18.09 15.26
C GLN A 239 -15.86 17.17 14.06
N GLY A 240 -17.12 16.98 13.68
CA GLY A 240 -17.45 16.14 12.54
C GLY A 240 -17.21 14.68 12.85
N SER A 241 -17.19 13.83 11.83
CA SER A 241 -16.94 12.42 12.11
C SER A 241 -16.02 11.68 11.18
N LEU A 242 -15.49 10.59 11.74
CA LEU A 242 -14.59 9.66 11.08
C LEU A 242 -15.46 8.40 11.08
N PHE A 243 -15.75 7.85 9.90
CA PHE A 243 -16.61 6.65 9.81
C PHE A 243 -16.17 5.75 8.67
N ALA A 244 -16.71 4.53 8.63
CA ALA A 244 -16.36 3.56 7.59
C ALA A 244 -17.07 3.83 6.29
N ALA A 245 -16.30 3.94 5.21
CA ALA A 245 -16.91 4.18 3.89
C ALA A 245 -17.63 2.89 3.52
N SER A 246 -18.56 2.96 2.60
CA SER A 246 -19.27 1.76 2.17
C SER A 246 -18.65 1.17 0.92
N LYS A 247 -18.20 -0.07 1.05
CA LYS A 247 -17.59 -0.80 -0.04
C LYS A 247 -18.65 -1.75 -0.63
N ASP A 248 -19.88 -1.66 -0.11
CA ASP A 248 -21.00 -2.50 -0.59
C ASP A 248 -21.25 -2.26 -2.07
N ALA A 249 -21.21 -3.32 -2.87
CA ALA A 249 -21.39 -3.19 -4.32
C ALA A 249 -22.77 -3.57 -4.87
N SER A 250 -23.67 -3.94 -3.98
CA SER A 250 -25.03 -4.33 -4.36
C SER A 250 -25.63 -3.24 -5.21
N ARG A 251 -25.36 -1.99 -4.83
CA ARG A 251 -25.88 -0.84 -5.55
C ARG A 251 -25.67 -0.86 -7.07
N LEU A 252 -24.59 -1.51 -7.53
CA LEU A 252 -24.31 -1.53 -8.95
C LEU A 252 -25.39 -2.20 -9.78
N LYS A 253 -26.07 -3.18 -9.19
CA LYS A 253 -27.12 -3.88 -9.90
C LYS A 253 -28.25 -2.87 -10.03
N GLU A 254 -28.67 -2.36 -8.89
CA GLU A 254 -29.74 -1.37 -8.82
C GLU A 254 -29.46 -0.20 -9.77
N GLN A 255 -28.29 0.41 -9.65
CA GLN A 255 -27.91 1.58 -10.46
C GLN A 255 -27.50 1.41 -11.89
N TYR A 256 -26.75 0.35 -12.18
CA TYR A 256 -26.23 0.18 -13.53
C TYR A 256 -26.59 -1.10 -14.25
N GLY A 257 -27.37 -1.98 -13.62
CA GLY A 257 -27.70 -3.22 -14.29
C GLY A 257 -26.52 -4.17 -14.36
N ILE A 258 -25.56 -3.99 -13.47
CA ILE A 258 -24.40 -4.89 -13.47
C ILE A 258 -24.66 -5.99 -12.46
N ASP A 259 -24.41 -7.24 -12.86
CA ASP A 259 -24.57 -8.34 -11.90
C ASP A 259 -23.38 -8.35 -10.93
N VAL A 260 -23.67 -8.40 -9.64
CA VAL A 260 -22.62 -8.42 -8.63
C VAL A 260 -22.58 -9.77 -7.92
N PRO A 261 -21.54 -10.59 -8.19
CA PRO A 261 -21.46 -11.89 -7.52
C PRO A 261 -21.25 -11.66 -6.06
N ASP A 262 -21.56 -12.69 -5.28
CA ASP A 262 -21.41 -12.65 -3.83
C ASP A 262 -19.94 -12.44 -3.52
N GLY A 263 -19.67 -11.62 -2.51
CA GLY A 263 -18.28 -11.42 -2.13
C GLY A 263 -17.42 -10.53 -3.00
N PHE A 264 -18.05 -9.61 -3.75
CA PHE A 264 -17.28 -8.64 -4.57
C PHE A 264 -17.63 -7.24 -4.06
N PHE A 265 -16.62 -6.38 -3.94
CA PHE A 265 -16.83 -5.06 -3.35
C PHE A 265 -16.31 -3.90 -4.17
N CYS A 266 -16.71 -2.70 -3.77
CA CYS A 266 -16.23 -1.48 -4.42
C CYS A 266 -14.82 -1.30 -3.88
N GLU A 267 -13.99 -0.59 -4.65
CA GLU A 267 -12.60 -0.34 -4.29
C GLU A 267 -12.29 0.73 -3.28
N ARG A 268 -11.22 0.50 -2.53
CA ARG A 268 -10.72 1.45 -1.59
C ARG A 268 -10.21 2.62 -2.44
N ARG A 269 -10.55 3.86 -2.05
CA ARG A 269 -10.08 5.05 -2.78
C ARG A 269 -9.13 5.80 -1.88
N ARG A 270 -8.04 6.30 -2.44
CA ARG A 270 -7.10 7.07 -1.67
C ARG A 270 -6.96 8.46 -2.29
N THR A 271 -6.67 9.45 -1.45
CA THR A 271 -6.52 10.81 -1.95
C THR A 271 -5.14 10.92 -2.55
N ALA A 272 -5.03 11.67 -3.62
CA ALA A 272 -3.76 11.93 -4.26
C ALA A 272 -3.90 13.42 -4.53
N MET A 273 -2.78 14.11 -4.68
CA MET A 273 -2.81 15.54 -4.91
C MET A 273 -1.94 15.91 -6.09
N GLY A 274 -2.47 16.70 -7.00
CA GLY A 274 -1.68 17.12 -8.14
C GLY A 274 -1.23 18.52 -7.79
N GLY A 275 0.07 18.76 -7.89
CA GLY A 275 0.59 20.07 -7.55
C GLY A 275 0.56 21.08 -8.67
N PRO A 276 0.61 22.38 -8.32
CA PRO A 276 0.61 23.43 -9.35
C PRO A 276 1.98 23.33 -9.95
N PHE A 277 2.03 22.91 -11.21
CA PHE A 277 3.31 22.67 -11.86
C PHE A 277 4.33 23.80 -11.83
N ALA A 278 3.91 25.04 -11.99
CA ALA A 278 4.88 26.15 -11.97
C ALA A 278 5.64 26.19 -10.60
N LEU A 279 4.96 25.80 -9.53
CA LEU A 279 5.60 25.78 -8.19
C LEU A 279 6.46 24.53 -8.05
N ASN A 280 5.99 23.41 -8.59
CA ASN A 280 6.74 22.16 -8.50
C ASN A 280 8.04 22.10 -9.32
N ALA A 281 8.02 22.69 -10.51
CA ALA A 281 9.19 22.71 -11.38
C ALA A 281 10.48 23.13 -10.68
N PRO A 282 10.50 24.31 -10.02
CA PRO A 282 11.76 24.68 -9.35
C PRO A 282 12.12 23.75 -8.20
N ILE A 283 11.15 23.02 -7.69
CA ILE A 283 11.44 22.10 -6.59
C ILE A 283 12.02 20.81 -7.19
N MET A 284 11.40 20.33 -8.27
CA MET A 284 11.87 19.13 -8.96
C MET A 284 13.31 19.31 -9.48
N ALA A 285 13.65 20.51 -9.94
CA ALA A 285 14.98 20.78 -10.45
C ALA A 285 16.06 20.54 -9.39
N VAL A 286 15.69 20.59 -8.12
CA VAL A 286 16.63 20.35 -7.03
C VAL A 286 16.50 18.91 -6.55
N ALA A 287 15.27 18.43 -6.51
CA ALA A 287 14.98 17.06 -6.05
C ALA A 287 15.70 16.00 -6.83
N GLN A 288 15.73 16.10 -8.15
CA GLN A 288 16.41 15.04 -8.91
C GLN A 288 17.90 14.99 -8.55
N PRO A 289 18.58 16.15 -8.51
CA PRO A 289 19.99 16.14 -8.13
C PRO A 289 20.19 15.49 -6.75
N VAL A 290 19.25 15.72 -5.84
CA VAL A 290 19.32 15.12 -4.50
C VAL A 290 19.21 13.59 -4.60
N ARG A 291 18.23 13.10 -5.37
CA ARG A 291 18.08 11.66 -5.54
C ARG A 291 19.36 11.07 -6.13
N ASN A 292 19.93 11.76 -7.11
CA ASN A 292 21.16 11.25 -7.73
C ASN A 292 22.26 11.10 -6.69
N LYS A 293 22.38 12.08 -5.80
CA LYS A 293 23.39 11.98 -4.75
C LYS A 293 23.10 10.84 -3.78
N ILE A 294 21.93 10.81 -3.16
CA ILE A 294 21.68 9.72 -2.21
C ILE A 294 21.66 8.32 -2.84
N TYR A 295 21.34 8.20 -4.12
CA TYR A 295 21.32 6.88 -4.73
C TYR A 295 22.74 6.44 -5.16
N SER A 296 23.68 7.40 -5.19
CA SER A 296 25.07 7.07 -5.53
C SER A 296 25.91 6.96 -4.25
N LYS A 297 26.17 8.08 -3.60
CA LYS A 297 26.99 8.07 -2.40
C LYS A 297 26.39 7.23 -1.28
N TYR A 298 25.07 7.26 -1.11
CA TYR A 298 24.42 6.51 -0.06
C TYR A 298 23.58 5.39 -0.61
N ALA A 299 24.07 4.78 -1.67
CA ALA A 299 23.35 3.69 -2.34
C ALA A 299 23.04 2.57 -1.38
N TYR A 300 23.93 2.32 -0.44
CA TYR A 300 23.67 1.23 0.48
C TYR A 300 22.30 1.28 1.13
N THR A 301 21.96 2.40 1.76
CA THR A 301 20.68 2.43 2.42
C THR A 301 19.54 2.83 1.51
N PHE A 302 19.86 3.58 0.45
CA PHE A 302 18.83 4.14 -0.44
C PHE A 302 18.58 3.62 -1.87
N HIS A 303 19.56 3.03 -2.53
CA HIS A 303 19.35 2.57 -3.90
C HIS A 303 19.00 1.09 -3.95
N HIS A 304 17.74 0.81 -4.25
CA HIS A 304 17.24 -0.54 -4.31
C HIS A 304 16.73 -0.88 -5.71
N THR A 305 17.25 -1.96 -6.24
CA THR A 305 16.89 -2.40 -7.58
C THR A 305 16.30 -3.80 -7.58
N THR A 306 17.16 -4.82 -7.66
CA THR A 306 16.68 -6.20 -7.72
C THR A 306 16.57 -6.90 -6.38
N ARG A 307 15.96 -8.09 -6.41
CA ARG A 307 15.83 -8.87 -5.21
C ARG A 307 17.21 -9.26 -4.70
N LEU A 308 18.14 -9.53 -5.63
CA LEU A 308 19.51 -9.91 -5.24
C LEU A 308 20.28 -8.72 -4.69
N ASN A 309 20.00 -7.54 -5.24
CA ASN A 309 20.63 -6.29 -4.78
C ASN A 309 20.29 -6.12 -3.28
N LYS A 310 19.02 -6.36 -2.94
CA LYS A 310 18.58 -6.24 -1.56
C LYS A 310 19.17 -7.37 -0.74
N GLU A 311 19.11 -8.58 -1.32
CA GLU A 311 19.57 -9.77 -0.64
C GLU A 311 21.02 -9.72 -0.16
N GLU A 312 21.92 -9.21 -0.98
CA GLU A 312 23.33 -9.16 -0.59
C GLU A 312 23.55 -8.37 0.69
N LYS A 313 22.76 -7.32 0.90
CA LYS A 313 22.94 -6.50 2.10
C LYS A 313 22.39 -7.19 3.34
N VAL A 314 21.13 -7.62 3.25
CA VAL A 314 20.47 -8.28 4.36
C VAL A 314 21.15 -9.58 4.79
N LYS A 315 21.82 -10.27 3.85
CA LYS A 315 22.50 -11.54 4.15
C LYS A 315 23.57 -11.38 5.23
N GLU A 316 24.28 -10.26 5.17
CA GLU A 316 25.34 -9.97 6.12
C GLU A 316 24.85 -9.58 7.51
N TRP A 317 23.54 -9.44 7.68
CA TRP A 317 23.01 -9.04 8.98
C TRP A 317 22.75 -10.24 9.88
N SER A 318 22.80 -10.02 11.19
CA SER A 318 22.52 -11.08 12.14
C SER A 318 21.05 -11.01 12.48
N LEU A 319 20.50 -9.80 12.33
CA LEU A 319 19.08 -9.60 12.61
C LEU A 319 18.50 -8.60 11.62
N CYS A 320 17.33 -8.91 11.11
CA CYS A 320 16.67 -8.05 10.14
C CYS A 320 15.26 -7.77 10.64
N VAL A 321 14.93 -6.50 10.88
CA VAL A 321 13.58 -6.19 11.37
C VAL A 321 12.78 -5.42 10.30
N ALA A 322 11.68 -6.03 9.85
CA ALA A 322 10.82 -5.42 8.82
C ALA A 322 9.77 -4.51 9.45
N THR A 323 9.99 -3.20 9.34
CA THR A 323 9.06 -2.26 9.94
C THR A 323 7.89 -1.85 9.09
N ASP A 324 6.92 -1.26 9.75
CA ASP A 324 5.69 -0.77 9.13
C ASP A 324 5.37 0.58 9.75
N VAL A 325 4.92 1.53 8.92
CA VAL A 325 4.55 2.86 9.41
C VAL A 325 3.07 3.07 9.08
N SER A 326 2.30 3.48 10.08
CA SER A 326 0.89 3.74 9.86
C SER A 326 0.63 5.11 9.21
N ASP A 327 -0.15 5.11 8.13
CA ASP A 327 -0.57 6.34 7.45
C ASP A 327 0.54 7.42 7.38
N HIS A 328 1.67 7.08 6.77
CA HIS A 328 2.80 7.97 6.71
C HIS A 328 2.58 9.40 6.21
N ASP A 329 1.92 9.57 5.07
CA ASP A 329 1.72 10.91 4.53
C ASP A 329 0.87 11.84 5.37
N THR A 330 -0.18 11.31 5.97
CA THR A 330 -1.05 12.14 6.77
C THR A 330 -0.45 12.49 8.14
N PHE A 331 0.43 11.62 8.66
CA PHE A 331 1.15 11.85 9.93
C PHE A 331 2.45 12.67 9.74
N TRP A 332 2.90 12.84 8.50
CA TRP A 332 4.16 13.55 8.25
C TRP A 332 4.09 14.91 8.95
N PRO A 333 5.11 15.21 9.77
CA PRO A 333 5.11 16.47 10.51
C PRO A 333 5.59 17.76 9.88
N GLY A 334 4.74 18.78 9.97
CA GLY A 334 5.10 20.08 9.47
C GLY A 334 6.31 20.64 10.17
N TRP A 335 6.60 20.22 11.40
CA TRP A 335 7.80 20.78 12.04
C TRP A 335 9.04 20.28 11.30
N LEU A 336 8.96 19.13 10.65
CA LEU A 336 10.15 18.66 9.90
C LEU A 336 10.33 19.55 8.65
N ARG A 337 9.22 19.96 8.04
CA ARG A 337 9.29 20.88 6.90
C ARG A 337 10.05 22.14 7.37
N ASP A 338 9.63 22.68 8.51
CA ASP A 338 10.29 23.88 9.02
C ASP A 338 11.73 23.64 9.44
N LEU A 339 12.02 22.49 10.02
CA LEU A 339 13.39 22.20 10.39
C LEU A 339 14.25 22.13 9.11
N ILE A 340 13.72 21.47 8.08
CA ILE A 340 14.48 21.34 6.84
C ILE A 340 14.77 22.69 6.19
N CYS A 341 13.75 23.54 6.12
CA CYS A 341 13.93 24.84 5.51
C CYS A 341 14.98 25.64 6.29
N ASP A 342 14.89 25.57 7.61
CA ASP A 342 15.83 26.28 8.47
C ASP A 342 17.25 25.84 8.18
N GLU A 343 17.49 24.53 8.15
CA GLU A 343 18.83 24.03 7.90
C GLU A 343 19.34 24.38 6.49
N LEU A 344 18.44 24.40 5.49
CA LEU A 344 18.86 24.74 4.13
C LEU A 344 19.31 26.20 4.14
N LEU A 345 18.60 27.05 4.88
CA LEU A 345 19.00 28.45 4.97
C LEU A 345 20.40 28.54 5.63
N ASN A 346 20.63 27.78 6.71
CA ASN A 346 21.92 27.76 7.40
C ASN A 346 23.01 27.31 6.41
N MET A 347 22.68 26.37 5.51
CA MET A 347 23.65 25.88 4.52
C MET A 347 23.95 26.89 3.42
N GLY A 348 23.13 27.93 3.31
CA GLY A 348 23.36 28.91 2.26
C GLY A 348 22.45 28.81 1.04
N TYR A 349 21.40 28.00 1.13
CA TYR A 349 20.45 27.91 0.02
C TYR A 349 19.76 29.27 -0.17
N ALA A 350 19.46 29.62 -1.41
CA ALA A 350 18.78 30.87 -1.71
C ALA A 350 17.50 30.92 -0.88
N PRO A 351 17.26 32.04 -0.16
CA PRO A 351 16.07 32.20 0.67
C PRO A 351 14.79 32.13 -0.13
N TRP A 352 14.80 32.73 -1.30
CA TRP A 352 13.62 32.71 -2.14
C TRP A 352 13.27 31.27 -2.52
N TRP A 353 14.28 30.42 -2.76
CA TRP A 353 13.98 29.02 -3.13
C TRP A 353 13.44 28.25 -1.95
N VAL A 354 14.03 28.47 -0.78
CA VAL A 354 13.55 27.80 0.42
C VAL A 354 12.10 28.23 0.68
N LYS A 355 11.79 29.48 0.38
CA LYS A 355 10.42 29.95 0.61
C LYS A 355 9.46 29.22 -0.31
N LEU A 356 9.86 28.97 -1.56
CA LEU A 356 9.01 28.25 -2.49
C LEU A 356 8.78 26.86 -1.91
N PHE A 357 9.86 26.23 -1.44
CA PHE A 357 9.78 24.86 -0.88
C PHE A 357 8.89 24.80 0.35
N GLU A 358 9.07 25.75 1.25
CA GLU A 358 8.25 25.81 2.46
C GLU A 358 6.78 25.95 2.08
N THR A 359 6.50 26.89 1.18
CA THR A 359 5.12 27.11 0.78
C THR A 359 4.44 25.88 0.12
N SER A 360 5.20 25.09 -0.63
CA SER A 360 4.64 23.89 -1.28
C SER A 360 4.19 22.87 -0.23
N LEU A 361 4.67 22.99 1.01
CA LEU A 361 4.27 22.05 2.04
C LEU A 361 3.28 22.67 3.05
N LYS A 362 2.63 23.76 2.63
CA LYS A 362 1.64 24.47 3.45
C LYS A 362 0.43 24.88 2.62
N LEU A 363 0.42 24.45 1.37
CA LEU A 363 -0.61 24.85 0.44
C LEU A 363 -2.05 24.38 0.64
N PRO A 364 -3.02 25.22 0.25
CA PRO A 364 -4.43 24.87 0.34
C PRO A 364 -4.66 23.66 -0.57
N VAL A 365 -5.82 23.02 -0.43
CA VAL A 365 -6.13 21.88 -1.27
C VAL A 365 -7.56 22.02 -1.79
N TYR A 366 -7.73 21.80 -3.09
CA TYR A 366 -9.05 21.87 -3.71
C TYR A 366 -9.61 20.46 -3.82
N VAL A 367 -10.75 20.25 -3.18
CA VAL A 367 -11.39 18.95 -3.16
C VAL A 367 -12.43 18.83 -4.26
N GLY A 368 -12.20 17.89 -5.17
CA GLY A 368 -13.10 17.69 -6.29
C GLY A 368 -14.40 16.97 -5.98
N ALA A 369 -14.41 15.65 -6.06
CA ALA A 369 -15.65 14.91 -5.84
C ALA A 369 -15.45 13.60 -5.07
N PRO A 370 -15.54 13.65 -3.74
CA PRO A 370 -15.37 12.48 -2.87
C PRO A 370 -16.55 11.53 -2.99
N ALA A 371 -17.67 12.07 -3.44
CA ALA A 371 -18.90 11.29 -3.58
C ALA A 371 -19.90 12.08 -4.38
N PRO A 372 -21.01 11.45 -4.77
CA PRO A 372 -22.03 12.15 -5.56
C PRO A 372 -22.57 13.33 -4.72
N GLU A 373 -22.77 14.48 -5.35
CA GLU A 373 -23.30 15.66 -4.64
C GLU A 373 -22.40 16.25 -3.55
N GLN A 374 -21.12 15.92 -3.57
CA GLN A 374 -20.20 16.44 -2.56
C GLN A 374 -18.94 16.96 -3.22
N GLY A 375 -18.28 17.92 -2.56
CA GLY A 375 -17.03 18.42 -3.09
C GLY A 375 -16.97 19.82 -3.62
N HIS A 376 -16.10 20.01 -4.61
CA HIS A 376 -15.88 21.31 -5.24
C HIS A 376 -15.75 22.36 -4.16
N THR A 377 -14.76 22.16 -3.29
CA THR A 377 -14.52 23.08 -2.18
C THR A 377 -13.02 23.24 -1.97
N LEU A 378 -12.58 24.48 -1.83
CA LEU A 378 -11.20 24.79 -1.57
C LEU A 378 -11.03 24.83 -0.03
N LEU A 379 -10.05 24.10 0.50
CA LEU A 379 -9.74 24.10 1.94
C LEU A 379 -8.46 24.92 2.11
N GLY A 380 -8.51 25.97 2.92
CA GLY A 380 -7.32 26.81 3.13
C GLY A 380 -7.37 28.07 2.28
N ASP A 381 -6.63 29.10 2.67
CA ASP A 381 -6.64 30.37 1.94
C ASP A 381 -5.32 30.56 1.19
N PRO A 382 -5.39 30.58 -0.15
CA PRO A 382 -4.19 30.74 -0.97
C PRO A 382 -3.43 32.04 -0.68
N SER A 383 -4.11 33.06 -0.14
CA SER A 383 -3.42 34.34 0.14
C SER A 383 -2.39 34.17 1.28
N ASN A 384 -2.58 33.15 2.11
CA ASN A 384 -1.61 32.88 3.18
C ASN A 384 -1.59 31.40 3.52
N PRO A 385 -0.80 30.64 2.76
CA PRO A 385 -0.66 29.18 2.91
C PRO A 385 -0.29 28.80 4.33
N ASP A 386 -1.17 28.04 4.98
CA ASP A 386 -0.94 27.68 6.38
C ASP A 386 -1.55 26.34 6.75
N LEU A 387 -1.69 25.43 5.79
CA LEU A 387 -2.26 24.12 6.10
C LEU A 387 -1.16 23.20 6.64
N GLU A 388 -1.60 22.15 7.32
CA GLU A 388 -0.73 21.12 7.88
C GLU A 388 -1.34 19.79 7.46
N VAL A 389 -1.41 19.51 6.16
CA VAL A 389 -2.00 18.26 5.69
C VAL A 389 -1.07 17.06 5.84
N GLY A 390 0.17 17.33 6.18
CA GLY A 390 1.14 16.25 6.27
C GLY A 390 1.95 16.35 5.00
N LEU A 391 2.12 15.25 4.26
CA LEU A 391 2.93 15.29 3.04
C LEU A 391 1.99 15.19 1.84
N SER A 392 2.00 16.20 0.96
CA SER A 392 1.15 16.18 -0.25
C SER A 392 1.83 15.32 -1.30
N SER A 393 1.14 14.31 -1.83
CA SER A 393 1.73 13.43 -2.84
C SER A 393 2.24 14.14 -4.12
N GLY A 394 1.64 15.24 -4.51
CA GLY A 394 2.10 15.92 -5.73
C GLY A 394 3.17 16.97 -5.50
N GLN A 395 3.71 17.02 -4.29
CA GLN A 395 4.76 17.99 -4.03
C GLN A 395 6.00 17.47 -4.77
N GLY A 396 6.79 18.36 -5.34
CA GLY A 396 7.94 17.92 -6.12
C GLY A 396 9.02 17.06 -5.48
N ALA A 397 9.00 16.91 -4.14
CA ALA A 397 10.01 16.11 -3.47
C ALA A 397 9.40 15.18 -2.42
N THR A 398 8.16 14.76 -2.62
CA THR A 398 7.54 13.93 -1.57
C THR A 398 8.33 12.68 -1.21
N ASP A 399 8.98 12.03 -2.18
CA ASP A 399 9.74 10.83 -1.84
C ASP A 399 10.89 11.16 -0.88
N LEU A 400 11.62 12.22 -1.19
CA LEU A 400 12.72 12.65 -0.35
C LEU A 400 12.25 13.04 1.06
N MET A 401 11.12 13.73 1.18
CA MET A 401 10.63 14.13 2.52
C MET A 401 10.31 12.92 3.37
N GLY A 402 9.70 11.92 2.74
CA GLY A 402 9.34 10.71 3.46
C GLY A 402 10.60 9.93 3.82
N THR A 403 11.53 9.89 2.89
CA THR A 403 12.76 9.16 3.14
C THR A 403 13.58 9.82 4.27
N LEU A 404 13.71 11.15 4.26
CA LEU A 404 14.45 11.89 5.29
C LEU A 404 13.81 11.65 6.66
N LEU A 405 12.51 11.85 6.76
CA LEU A 405 11.81 11.62 8.01
C LEU A 405 12.08 10.22 8.56
N MET A 406 11.74 9.22 7.76
CA MET A 406 11.85 7.84 8.19
C MET A 406 13.26 7.32 8.40
N SER A 407 14.19 7.66 7.53
CA SER A 407 15.54 7.14 7.73
C SER A 407 16.04 7.52 9.11
N ILE A 408 15.91 8.81 9.47
CA ILE A 408 16.35 9.29 10.77
C ILE A 408 15.47 8.66 11.89
N THR A 409 14.18 8.53 11.64
CA THR A 409 13.30 7.94 12.65
C THR A 409 13.78 6.53 12.99
N TYR A 410 14.15 5.74 11.98
CA TYR A 410 14.62 4.37 12.22
C TYR A 410 15.97 4.40 12.94
N LEU A 411 16.88 5.27 12.51
CA LEU A 411 18.18 5.34 13.17
C LEU A 411 17.99 5.66 14.66
N VAL A 412 17.12 6.63 14.95
CA VAL A 412 16.86 6.99 16.34
C VAL A 412 16.31 5.80 17.11
N MET A 413 15.43 5.04 16.47
CA MET A 413 14.87 3.88 17.12
C MET A 413 16.01 2.90 17.45
N GLN A 414 17.00 2.80 16.56
CA GLN A 414 18.10 1.87 16.84
C GLN A 414 18.99 2.39 17.97
N LEU A 415 19.21 3.71 17.98
CA LEU A 415 20.03 4.31 19.03
C LEU A 415 19.36 4.15 20.37
N ASP A 416 18.11 4.59 20.47
CA ASP A 416 17.32 4.51 21.71
C ASP A 416 17.21 3.14 22.34
N HIS A 417 16.86 2.13 21.54
CA HIS A 417 16.67 0.81 22.11
C HIS A 417 17.79 -0.21 21.97
N THR A 418 18.86 0.12 21.26
CA THR A 418 19.92 -0.86 21.06
C THR A 418 21.36 -0.38 21.06
N ALA A 419 21.59 0.90 20.81
CA ALA A 419 22.97 1.39 20.72
C ALA A 419 23.34 2.67 21.47
N PRO A 420 23.06 2.72 22.78
CA PRO A 420 23.41 3.95 23.52
C PRO A 420 24.90 4.27 23.45
N HIS A 421 25.69 3.23 23.25
CA HIS A 421 27.12 3.39 23.13
C HIS A 421 27.52 4.18 21.90
N LEU A 422 26.60 4.44 20.99
CA LEU A 422 26.96 5.25 19.84
C LEU A 422 26.58 6.71 20.05
N ASN A 423 25.84 7.01 21.11
CA ASN A 423 25.43 8.40 21.30
C ASN A 423 26.58 9.38 21.42
N SER A 424 27.69 8.94 22.03
CA SER A 424 28.81 9.85 22.20
C SER A 424 29.40 10.28 20.87
N ARG A 425 29.09 9.56 19.80
CA ARG A 425 29.62 9.92 18.48
C ARG A 425 28.86 11.10 17.87
N ILE A 426 27.76 11.53 18.50
CA ILE A 426 26.94 12.61 17.96
C ILE A 426 26.92 13.77 18.97
N LYS A 427 27.90 14.65 18.86
CA LYS A 427 28.08 15.75 19.79
C LYS A 427 27.73 17.13 19.25
N ASP A 428 27.87 17.28 17.95
CA ASP A 428 27.58 18.56 17.29
C ASP A 428 27.26 18.26 15.83
N MET A 429 27.19 19.29 15.01
CA MET A 429 26.85 19.08 13.61
C MET A 429 27.92 18.32 12.83
N PRO A 430 29.20 18.71 12.97
CA PRO A 430 30.26 18.00 12.25
C PRO A 430 30.31 16.49 12.58
N SER A 431 30.18 16.16 13.85
CA SER A 431 30.21 14.76 14.26
C SER A 431 28.91 14.02 13.92
N ALA A 432 27.79 14.74 13.91
CA ALA A 432 26.51 14.12 13.55
C ALA A 432 26.60 13.71 12.09
N CYS A 433 27.11 14.63 11.28
CA CYS A 433 27.27 14.41 9.84
C CYS A 433 28.20 13.23 9.55
N ARG A 434 29.35 13.19 10.23
CA ARG A 434 30.29 12.08 10.02
C ARG A 434 29.66 10.77 10.42
N PHE A 435 28.93 10.77 11.54
CA PHE A 435 28.29 9.54 11.97
C PHE A 435 27.21 9.11 10.94
N LEU A 436 26.32 10.03 10.58
CA LEU A 436 25.26 9.72 9.62
C LEU A 436 25.85 9.27 8.27
N ASP A 437 26.87 9.98 7.81
CA ASP A 437 27.54 9.62 6.56
C ASP A 437 28.03 8.17 6.58
N SER A 438 28.61 7.78 7.72
CA SER A 438 29.09 6.42 7.89
C SER A 438 27.93 5.43 7.98
N TYR A 439 26.91 5.80 8.73
CA TYR A 439 25.74 4.94 8.92
C TYR A 439 25.00 4.68 7.60
N TRP A 440 24.82 5.73 6.81
CA TRP A 440 24.13 5.61 5.53
C TRP A 440 24.92 4.78 4.50
N GLN A 441 26.23 4.63 4.69
CA GLN A 441 27.02 3.83 3.75
C GLN A 441 27.09 2.38 4.22
N GLY A 442 26.35 2.08 5.29
CA GLY A 442 26.33 0.72 5.82
C GLY A 442 27.60 0.34 6.58
N HIS A 443 28.33 1.34 7.06
CA HIS A 443 29.58 1.06 7.78
C HIS A 443 29.49 0.85 9.29
N GLU A 444 28.30 0.95 9.88
CA GLU A 444 28.19 0.78 11.33
C GLU A 444 27.54 -0.54 11.61
N GLU A 445 27.58 -0.95 12.88
CA GLU A 445 26.99 -2.23 13.30
C GLU A 445 25.48 -2.21 13.26
N ILE A 446 24.92 -1.02 13.16
CA ILE A 446 23.48 -0.92 13.00
C ILE A 446 23.35 -0.40 11.57
N ARG A 447 22.39 -0.94 10.84
CA ARG A 447 22.20 -0.55 9.44
C ARG A 447 20.73 -0.47 9.07
N GLN A 448 20.49 -0.07 7.84
CA GLN A 448 19.12 0.00 7.35
C GLN A 448 19.08 0.15 5.83
N ILE A 449 18.00 -0.35 5.25
CA ILE A 449 17.77 -0.13 3.84
C ILE A 449 16.36 0.44 3.88
N SER A 450 16.11 1.55 3.18
CA SER A 450 14.78 2.11 3.23
C SER A 450 14.40 2.97 2.05
N LYS A 451 13.10 3.26 2.00
CA LYS A 451 12.55 4.14 0.98
C LYS A 451 11.21 4.57 1.54
N SER A 452 11.08 5.87 1.80
CA SER A 452 9.85 6.39 2.40
C SER A 452 9.44 5.53 3.59
N ASP A 453 8.22 5.00 3.55
CA ASP A 453 7.70 4.22 4.65
C ASP A 453 7.95 2.73 4.63
N ASP A 454 8.91 2.28 3.83
CA ASP A 454 9.23 0.86 3.80
C ASP A 454 10.69 0.74 4.19
N ALA A 455 11.01 -0.26 5.01
CA ALA A 455 12.38 -0.40 5.44
C ALA A 455 12.65 -1.70 6.15
N MET A 456 13.92 -2.04 6.21
CA MET A 456 14.33 -3.19 6.96
C MET A 456 15.53 -2.69 7.74
N LEU A 457 15.48 -2.91 9.05
CA LEU A 457 16.54 -2.47 9.94
C LEU A 457 17.43 -3.65 10.30
N GLY A 458 18.74 -3.45 10.18
CA GLY A 458 19.68 -4.52 10.49
C GLY A 458 20.71 -4.27 11.60
N TRP A 459 21.15 -5.37 12.19
CA TRP A 459 22.16 -5.40 13.24
C TRP A 459 23.17 -6.48 12.84
N THR A 460 24.45 -6.14 12.85
CA THR A 460 25.50 -7.13 12.58
C THR A 460 25.90 -7.58 13.97
N LYS A 461 26.93 -8.42 14.07
CA LYS A 461 27.39 -8.88 15.39
C LYS A 461 27.92 -7.65 16.13
N GLY A 462 27.73 -7.62 17.43
CA GLY A 462 28.22 -6.49 18.20
C GLY A 462 27.38 -6.17 19.41
N ARG A 463 27.73 -5.05 20.06
CA ARG A 463 27.02 -4.59 21.25
C ARG A 463 25.56 -4.25 21.07
N ALA A 464 25.18 -3.76 19.89
CA ALA A 464 23.78 -3.42 19.66
C ALA A 464 22.89 -4.65 19.39
N LEU A 465 23.49 -5.75 18.98
CA LEU A 465 22.69 -6.93 18.64
C LEU A 465 21.70 -7.37 19.69
N VAL A 466 22.13 -7.47 20.95
CA VAL A 466 21.22 -7.90 22.00
C VAL A 466 20.03 -6.91 22.11
N GLY A 467 20.33 -5.62 21.94
CA GLY A 467 19.28 -4.61 21.98
C GLY A 467 18.35 -4.78 20.78
N GLY A 468 18.94 -5.14 19.64
CA GLY A 468 18.13 -5.36 18.44
C GLY A 468 17.06 -6.40 18.71
N HIS A 469 17.41 -7.49 19.40
CA HIS A 469 16.43 -8.53 19.69
C HIS A 469 15.38 -8.06 20.67
N ARG A 470 15.76 -7.20 21.61
CA ARG A 470 14.77 -6.71 22.56
C ARG A 470 13.75 -5.84 21.83
N LEU A 471 14.24 -5.00 20.92
CA LEU A 471 13.35 -4.15 20.13
C LEU A 471 12.37 -4.97 19.28
N PHE A 472 12.88 -5.99 18.62
CA PHE A 472 12.05 -6.84 17.78
C PHE A 472 10.96 -7.42 18.69
N GLU A 473 11.36 -7.88 19.88
CA GLU A 473 10.40 -8.45 20.82
C GLU A 473 9.34 -7.40 21.21
N MET A 474 9.78 -6.17 21.47
CA MET A 474 8.84 -5.10 21.83
C MET A 474 7.82 -4.87 20.69
N LEU A 475 8.32 -4.90 19.45
CA LEU A 475 7.44 -4.72 18.30
C LEU A 475 6.46 -5.88 18.25
N LYS A 476 6.95 -7.10 18.47
CA LYS A 476 6.05 -8.26 18.44
C LYS A 476 4.94 -8.10 19.48
N GLU A 477 5.31 -7.68 20.68
CA GLU A 477 4.34 -7.50 21.74
C GLU A 477 3.36 -6.43 21.34
N GLY A 478 3.85 -5.47 20.56
CA GLY A 478 3.02 -4.40 20.05
C GLY A 478 2.15 -3.60 21.02
N LYS A 479 2.69 -3.31 22.20
CA LYS A 479 1.94 -2.54 23.18
C LYS A 479 2.54 -1.15 23.31
N VAL A 480 3.81 -1.01 22.94
CA VAL A 480 4.45 0.28 23.06
C VAL A 480 5.12 0.74 21.79
N ASN A 481 4.80 1.95 21.36
CA ASN A 481 5.41 2.50 20.14
C ASN A 481 6.88 2.79 20.39
N PRO A 482 7.78 2.16 19.61
CA PRO A 482 9.21 2.38 19.79
C PRO A 482 9.72 3.75 19.35
N SER A 483 8.86 4.53 18.72
CA SER A 483 9.29 5.85 18.25
C SER A 483 8.46 7.00 18.75
N PRO A 484 9.10 8.16 18.99
CA PRO A 484 8.29 9.30 19.45
C PRO A 484 7.75 10.05 18.22
N TYR A 485 8.28 9.73 17.04
CA TYR A 485 7.89 10.43 15.82
C TYR A 485 6.75 9.92 14.93
N MET A 486 6.67 8.61 14.72
CA MET A 486 5.62 8.05 13.88
C MET A 486 5.18 6.77 14.54
N LYS A 487 4.03 6.23 14.13
CA LYS A 487 3.54 4.96 14.70
C LYS A 487 4.20 3.82 13.92
N ILE A 488 5.14 3.15 14.59
CA ILE A 488 5.91 2.05 14.02
C ILE A 488 5.50 0.69 14.59
N SER A 489 5.40 -0.30 13.72
CA SER A 489 5.07 -1.66 14.15
C SER A 489 5.91 -2.57 13.28
N TYR A 490 5.76 -3.89 13.41
CA TYR A 490 6.53 -4.77 12.54
C TYR A 490 5.55 -5.16 11.41
N GLU A 491 6.08 -5.35 10.19
CA GLU A 491 5.24 -5.73 9.05
C GLU A 491 4.82 -7.19 9.15
N HIS A 492 3.54 -7.48 8.96
CA HIS A 492 3.08 -8.87 9.02
C HIS A 492 3.43 -9.51 7.69
N GLY A 493 4.57 -10.19 7.66
CA GLY A 493 5.02 -10.81 6.42
C GLY A 493 5.97 -9.78 5.84
N GLY A 494 7.12 -9.64 6.51
CA GLY A 494 8.14 -8.69 6.11
C GLY A 494 8.50 -8.70 4.64
N ALA A 495 8.47 -7.51 4.03
CA ALA A 495 8.81 -7.35 2.63
C ALA A 495 9.50 -5.99 2.48
N PHE A 496 10.25 -5.81 1.39
CA PHE A 496 10.90 -4.52 1.15
C PHE A 496 10.77 -4.18 -0.32
N LEU A 497 10.05 -3.10 -0.61
CA LEU A 497 9.86 -2.67 -1.99
C LEU A 497 9.37 -3.78 -2.92
N GLY A 498 8.28 -4.43 -2.54
CA GLY A 498 7.71 -5.48 -3.36
C GLY A 498 8.23 -6.89 -3.16
N ASP A 499 9.48 -7.02 -2.69
CA ASP A 499 10.04 -8.35 -2.47
C ASP A 499 9.90 -8.89 -1.05
N ILE A 500 9.38 -10.10 -0.92
CA ILE A 500 9.19 -10.75 0.36
C ILE A 500 10.50 -11.37 0.82
N LEU A 501 10.84 -11.22 2.10
CA LEU A 501 12.06 -11.82 2.63
C LEU A 501 11.66 -13.21 3.13
N LEU A 502 11.97 -14.22 2.32
CA LEU A 502 11.61 -15.61 2.64
C LEU A 502 12.68 -16.27 3.51
N TYR A 503 12.30 -16.56 4.76
CA TYR A 503 13.22 -17.18 5.74
C TYR A 503 13.11 -18.71 5.67
N ASP A 504 14.12 -19.42 6.15
CA ASP A 504 14.00 -20.89 6.18
C ASP A 504 13.80 -21.30 7.63
N SER A 505 14.09 -22.55 7.97
CA SER A 505 13.87 -23.01 9.35
C SER A 505 14.70 -22.29 10.41
N ARG A 506 15.87 -21.80 10.04
CA ARG A 506 16.70 -21.09 11.00
C ARG A 506 16.15 -19.72 11.33
N ARG A 507 15.31 -19.18 10.45
CA ARG A 507 14.73 -17.87 10.67
C ARG A 507 15.84 -16.85 10.92
N GLU A 508 16.85 -16.86 10.08
CA GLU A 508 17.96 -15.91 10.21
C GLU A 508 18.22 -15.29 8.84
N PRO A 509 18.63 -14.01 8.82
CA PRO A 509 18.91 -13.25 7.60
C PRO A 509 19.93 -13.92 6.69
N GLY A 510 20.93 -14.55 7.30
CA GLY A 510 21.95 -15.20 6.51
C GLY A 510 21.42 -16.27 5.57
N SER A 511 20.41 -17.03 5.98
CA SER A 511 19.90 -18.07 5.10
C SER A 511 18.51 -17.71 4.57
N ALA A 512 18.23 -16.41 4.48
CA ALA A 512 16.93 -15.95 3.96
C ALA A 512 17.14 -15.42 2.55
N ILE A 513 16.08 -15.40 1.75
CA ILE A 513 16.21 -14.90 0.39
C ILE A 513 15.04 -14.03 0.02
N PHE A 514 15.29 -13.03 -0.81
CA PHE A 514 14.20 -12.16 -1.28
C PHE A 514 13.54 -12.80 -2.51
N VAL A 515 12.22 -12.93 -2.48
CA VAL A 515 11.48 -13.49 -3.61
C VAL A 515 10.34 -12.52 -3.97
N GLY A 516 9.92 -12.53 -5.24
CA GLY A 516 8.83 -11.66 -5.64
C GLY A 516 7.59 -11.99 -4.83
N ASN A 517 6.63 -11.07 -4.77
CA ASN A 517 5.40 -11.31 -4.03
C ASN A 517 4.38 -11.80 -5.04
N ILE A 518 4.02 -13.09 -4.98
CA ILE A 518 3.10 -13.66 -5.97
C ILE A 518 1.76 -12.95 -6.00
N ASN A 519 1.30 -12.47 -4.85
CA ASN A 519 0.04 -11.75 -4.78
C ASN A 519 0.08 -10.44 -5.60
N SER A 520 1.24 -9.79 -5.65
CA SER A 520 1.36 -8.56 -6.44
C SER A 520 1.26 -8.90 -7.92
N MET A 521 1.71 -10.10 -8.32
CA MET A 521 1.60 -10.47 -9.73
C MET A 521 0.11 -10.53 -10.04
N LEU A 522 -0.63 -11.15 -9.13
CA LEU A 522 -2.07 -11.27 -9.31
C LEU A 522 -2.74 -9.89 -9.30
N ASN A 523 -2.31 -9.01 -8.41
CA ASN A 523 -2.88 -7.65 -8.34
C ASN A 523 -2.64 -6.96 -9.68
N ASN A 524 -1.39 -6.98 -10.15
CA ASN A 524 -1.02 -6.32 -11.40
C ASN A 524 -1.72 -6.88 -12.63
N GLN A 525 -1.80 -8.21 -12.75
CA GLN A 525 -2.44 -8.78 -13.92
C GLN A 525 -3.97 -8.77 -13.91
N PHE A 526 -4.61 -8.91 -12.75
CA PHE A 526 -6.07 -8.96 -12.78
C PHE A 526 -6.78 -7.81 -12.08
N SER A 527 -6.03 -6.94 -11.42
CA SER A 527 -6.68 -5.78 -10.78
C SER A 527 -5.86 -4.48 -11.05
N PRO A 528 -5.63 -4.16 -12.32
CA PRO A 528 -4.85 -2.92 -12.58
C PRO A 528 -5.59 -1.73 -11.99
N GLU A 529 -4.85 -0.68 -11.68
CA GLU A 529 -5.45 0.53 -11.14
C GLU A 529 -6.17 1.35 -12.20
N TYR A 530 -5.75 1.22 -13.45
CA TYR A 530 -6.37 1.98 -14.54
C TYR A 530 -6.78 1.08 -15.68
N GLY A 531 -7.72 1.55 -16.50
CA GLY A 531 -8.09 0.78 -17.67
C GLY A 531 -6.95 0.94 -18.68
N VAL A 532 -7.07 0.34 -19.85
CA VAL A 532 -6.02 0.44 -20.86
C VAL A 532 -6.02 1.75 -21.66
N GLN A 533 -7.05 2.57 -21.45
CA GLN A 533 -7.22 3.86 -22.15
C GLN A 533 -6.97 3.68 -23.66
N SER A 534 -7.69 2.74 -24.27
CA SER A 534 -7.48 2.42 -25.69
C SER A 534 -7.81 3.56 -26.65
N GLY A 535 -8.47 4.60 -26.14
CA GLY A 535 -8.80 5.74 -26.97
C GLY A 535 -7.72 6.82 -26.96
N VAL A 536 -6.70 6.67 -26.11
CA VAL A 536 -5.60 7.63 -26.08
C VAL A 536 -4.59 7.11 -27.10
N ARG A 537 -4.55 7.72 -28.29
CA ARG A 537 -3.67 7.24 -29.37
C ARG A 537 -2.19 7.15 -29.00
N ASP A 538 -1.69 8.15 -28.29
CA ASP A 538 -0.27 8.16 -27.91
C ASP A 538 -0.07 7.25 -26.71
N ARG A 539 0.43 6.05 -26.94
CA ARG A 539 0.55 5.11 -25.82
C ARG A 539 1.44 5.59 -24.71
N SER A 540 2.46 6.39 -25.04
CA SER A 540 3.39 6.87 -24.04
C SER A 540 2.66 7.75 -23.02
N LYS A 541 1.49 8.27 -23.39
CA LYS A 541 0.74 9.11 -22.47
C LYS A 541 -0.23 8.36 -21.54
N ARG A 542 -0.47 7.08 -21.81
CA ARG A 542 -1.38 6.26 -21.02
C ARG A 542 -0.82 5.87 -19.63
N LYS A 543 -1.70 5.56 -18.69
CA LYS A 543 -1.24 5.11 -17.38
C LYS A 543 -0.59 3.74 -17.55
N ARG A 544 -1.01 2.99 -18.57
CA ARG A 544 -0.44 1.65 -18.82
C ARG A 544 -0.13 1.58 -20.33
N PRO A 545 1.03 2.14 -20.73
CA PRO A 545 1.46 2.17 -22.12
C PRO A 545 1.48 0.86 -22.91
N PHE A 546 2.10 -0.18 -22.36
CA PHE A 546 2.20 -1.47 -23.05
C PHE A 546 1.97 -2.61 -22.08
N PRO A 547 0.70 -2.82 -21.69
CA PRO A 547 0.37 -3.90 -20.75
C PRO A 547 0.93 -5.28 -21.10
N GLY A 548 0.93 -5.62 -22.37
CA GLY A 548 1.40 -6.95 -22.76
C GLY A 548 2.85 -7.29 -22.43
N LEU A 549 3.70 -6.28 -22.30
CA LEU A 549 5.12 -6.51 -22.05
C LEU A 549 5.43 -7.15 -20.71
N ALA A 550 4.57 -6.94 -19.74
CA ALA A 550 4.77 -7.51 -18.41
C ALA A 550 4.88 -9.03 -18.46
N TRP A 551 4.29 -9.65 -19.49
CA TRP A 551 4.36 -11.11 -19.60
C TRP A 551 5.81 -11.59 -19.80
N ALA A 552 6.61 -10.78 -20.48
CA ALA A 552 8.00 -11.12 -20.78
C ALA A 552 8.96 -10.95 -19.60
N SER A 553 8.53 -10.25 -18.57
CA SER A 553 9.39 -10.02 -17.41
C SER A 553 8.83 -10.77 -16.22
N MET A 554 7.69 -11.43 -16.39
CA MET A 554 7.07 -12.16 -15.29
C MET A 554 7.97 -13.17 -14.57
N LYS A 555 8.65 -14.01 -15.34
CA LYS A 555 9.52 -15.04 -14.77
C LYS A 555 10.64 -14.37 -13.98
N ASP A 556 11.25 -13.33 -14.53
CA ASP A 556 12.30 -12.70 -13.79
C ASP A 556 11.79 -12.06 -12.49
N THR A 557 10.62 -11.44 -12.55
CA THR A 557 10.06 -10.77 -11.39
C THR A 557 9.48 -11.71 -10.33
N TYR A 558 8.74 -12.73 -10.76
CA TYR A 558 8.08 -13.64 -9.83
C TYR A 558 8.56 -15.09 -9.81
N GLY A 559 9.51 -15.42 -10.68
CA GLY A 559 9.98 -16.80 -10.76
C GLY A 559 10.44 -17.46 -9.48
N ALA A 560 11.00 -16.65 -8.58
CA ALA A 560 11.51 -17.17 -7.31
C ALA A 560 10.44 -17.44 -6.27
N CYS A 561 9.19 -17.09 -6.54
CA CYS A 561 8.17 -17.38 -5.53
C CYS A 561 7.96 -18.89 -5.44
N PRO A 562 8.03 -19.45 -4.24
CA PRO A 562 7.83 -20.90 -4.11
C PRO A 562 6.65 -21.46 -4.90
N ILE A 563 5.53 -20.75 -4.92
CA ILE A 563 4.37 -21.27 -5.64
C ILE A 563 4.11 -20.68 -7.03
N TYR A 564 5.13 -20.07 -7.64
CA TYR A 564 5.00 -19.48 -8.98
C TYR A 564 4.31 -20.41 -9.99
N SER A 565 4.86 -21.61 -10.18
CA SER A 565 4.29 -22.58 -11.13
C SER A 565 2.84 -22.92 -10.83
N ASP A 566 2.57 -23.13 -9.55
CA ASP A 566 1.23 -23.49 -9.11
C ASP A 566 0.20 -22.41 -9.46
N VAL A 567 0.62 -21.16 -9.32
CA VAL A 567 -0.30 -20.08 -9.56
C VAL A 567 -0.56 -19.96 -11.07
N LEU A 568 0.49 -20.03 -11.88
CA LEU A 568 0.29 -19.95 -13.31
C LEU A 568 -0.63 -21.08 -13.79
N GLU A 569 -0.48 -22.27 -13.20
CA GLU A 569 -1.32 -23.40 -13.56
C GLU A 569 -2.76 -23.17 -13.09
N ALA A 570 -2.94 -22.65 -11.88
CA ALA A 570 -4.30 -22.39 -11.38
C ALA A 570 -4.97 -21.32 -12.26
N ILE A 571 -4.18 -20.34 -12.68
CA ILE A 571 -4.74 -19.31 -13.56
C ILE A 571 -5.18 -19.95 -14.90
N GLU A 572 -4.30 -20.74 -15.50
CA GLU A 572 -4.61 -21.38 -16.78
C GLU A 572 -5.91 -22.20 -16.65
N ARG A 573 -5.98 -23.03 -15.61
CA ARG A 573 -7.16 -23.83 -15.39
C ARG A 573 -8.43 -23.01 -15.18
N CYS A 574 -8.36 -21.98 -14.33
CA CYS A 574 -9.57 -21.17 -14.07
C CYS A 574 -9.98 -20.30 -15.25
N TRP A 575 -8.97 -19.87 -16.00
CA TRP A 575 -9.27 -19.03 -17.15
C TRP A 575 -9.96 -19.89 -18.20
N TRP A 576 -9.53 -21.14 -18.29
CA TRP A 576 -10.15 -22.12 -19.20
C TRP A 576 -11.63 -22.31 -18.81
N ASN A 577 -11.87 -22.47 -17.52
CA ASN A 577 -13.26 -22.66 -17.06
C ASN A 577 -14.14 -21.45 -17.37
N ALA A 578 -13.58 -20.25 -17.16
CA ALA A 578 -14.30 -19.01 -17.39
C ALA A 578 -14.44 -18.53 -18.86
N PHE A 579 -13.38 -18.62 -19.65
CA PHE A 579 -13.42 -18.13 -21.02
C PHE A 579 -13.35 -19.18 -22.10
N GLY A 580 -13.00 -20.41 -21.73
CA GLY A 580 -12.86 -21.44 -22.75
C GLY A 580 -11.69 -21.09 -23.66
N GLU A 581 -10.64 -20.50 -23.10
CA GLU A 581 -9.46 -20.13 -23.88
C GLU A 581 -8.25 -20.28 -23.00
N SER A 582 -7.07 -20.28 -23.61
CA SER A 582 -5.82 -20.37 -22.87
C SER A 582 -5.33 -18.98 -22.44
N TYR A 583 -5.10 -18.79 -21.15
CA TYR A 583 -4.63 -17.50 -20.67
C TYR A 583 -3.22 -17.24 -21.20
N ARG A 584 -2.36 -18.25 -21.15
CA ARG A 584 -1.00 -18.12 -21.65
C ARG A 584 -1.01 -17.64 -23.10
N ALA A 585 -1.84 -18.27 -23.93
CA ALA A 585 -1.88 -17.88 -25.33
C ALA A 585 -2.42 -16.46 -25.46
N TYR A 586 -3.42 -16.13 -24.65
CA TYR A 586 -3.97 -14.80 -24.67
C TYR A 586 -2.88 -13.78 -24.37
N ARG A 587 -2.05 -14.06 -23.38
CA ARG A 587 -0.96 -13.16 -23.01
C ARG A 587 0.15 -13.16 -24.06
N GLU A 588 0.41 -14.30 -24.69
CA GLU A 588 1.47 -14.29 -25.69
C GLU A 588 1.06 -13.40 -26.84
N ASP A 589 -0.22 -13.42 -27.18
CA ASP A 589 -0.68 -12.56 -28.27
C ASP A 589 -0.55 -11.07 -27.90
N MET A 590 -0.97 -10.73 -26.69
CA MET A 590 -0.87 -9.37 -26.19
C MET A 590 0.59 -8.93 -26.16
N LEU A 591 1.48 -9.82 -25.71
CA LEU A 591 2.92 -9.56 -25.69
C LEU A 591 3.38 -9.23 -27.11
N LYS A 592 3.01 -10.08 -28.07
CA LYS A 592 3.41 -9.85 -29.48
C LYS A 592 2.94 -8.50 -30.00
N ARG A 593 1.66 -8.19 -29.80
CA ARG A 593 1.12 -6.93 -30.29
C ARG A 593 1.80 -5.72 -29.67
N ASP A 594 1.96 -5.73 -28.37
CA ASP A 594 2.60 -4.61 -27.69
C ASP A 594 4.07 -4.46 -28.06
N THR A 595 4.75 -5.58 -28.33
CA THR A 595 6.16 -5.53 -28.71
C THR A 595 6.23 -4.82 -30.05
N LEU A 596 5.33 -5.16 -30.97
CA LEU A 596 5.35 -4.50 -32.27
C LEU A 596 5.02 -3.03 -32.14
N GLU A 597 4.06 -2.68 -31.30
CA GLU A 597 3.68 -1.30 -31.14
C GLU A 597 4.84 -0.49 -30.49
N LEU A 598 5.57 -1.12 -29.58
CA LEU A 598 6.67 -0.44 -28.90
C LEU A 598 7.71 0.12 -29.88
N SER A 599 8.06 -0.64 -30.92
CA SER A 599 9.07 -0.18 -31.87
C SER A 599 8.68 1.16 -32.48
N ARG A 600 7.40 1.46 -32.48
CA ARG A 600 6.94 2.72 -33.04
C ARG A 600 7.35 3.90 -32.16
N TYR A 601 7.62 3.61 -30.90
CA TYR A 601 7.98 4.65 -29.94
C TYR A 601 9.47 4.75 -29.62
N VAL A 602 10.24 3.74 -29.98
CA VAL A 602 11.66 3.72 -29.68
C VAL A 602 12.42 3.87 -30.99
N ALA A 603 13.05 5.02 -31.16
CA ALA A 603 13.82 5.31 -32.35
C ALA A 603 14.93 4.28 -32.55
N SER A 604 15.59 3.90 -31.46
CA SER A 604 16.68 2.93 -31.51
C SER A 604 16.18 1.50 -31.61
N MET A 605 14.97 1.33 -32.11
CA MET A 605 14.40 0.00 -32.22
C MET A 605 13.94 -0.24 -33.64
N ALA A 606 14.51 -1.27 -34.26
CA ALA A 606 14.16 -1.62 -35.62
C ALA A 606 12.64 -1.65 -35.73
N ARG A 607 12.13 -1.31 -36.90
CA ARG A 607 10.69 -1.28 -37.12
C ARG A 607 9.98 -2.57 -36.71
N GLN A 608 10.72 -3.50 -36.13
CA GLN A 608 10.17 -4.76 -35.65
C GLN A 608 11.21 -5.57 -34.88
N ALA A 609 12.16 -4.88 -34.26
CA ALA A 609 13.17 -5.58 -33.48
C ALA A 609 12.44 -5.95 -32.21
N GLY A 610 12.79 -7.10 -31.63
CA GLY A 610 12.11 -7.52 -30.42
C GLY A 610 12.49 -6.81 -29.15
N LEU A 611 12.32 -7.50 -28.03
CA LEU A 611 12.63 -6.98 -26.71
C LEU A 611 14.02 -7.37 -26.22
N ALA A 612 14.83 -7.92 -27.12
CA ALA A 612 16.18 -8.40 -26.81
C ALA A 612 17.02 -7.48 -25.94
N GLU A 613 17.06 -6.20 -26.27
CA GLU A 613 17.89 -5.27 -25.49
C GLU A 613 17.28 -4.76 -24.18
N LEU A 614 16.01 -5.07 -23.94
CA LEU A 614 15.35 -4.59 -22.74
C LEU A 614 15.47 -5.44 -21.49
N THR A 615 15.55 -4.78 -20.34
CA THR A 615 15.68 -5.50 -19.08
C THR A 615 14.31 -5.78 -18.45
N PRO A 616 14.26 -6.67 -17.46
CA PRO A 616 12.99 -6.95 -16.80
C PRO A 616 12.41 -5.63 -16.25
N ILE A 617 13.24 -4.77 -15.67
CA ILE A 617 12.78 -3.47 -15.15
C ILE A 617 12.14 -2.65 -16.27
N ASP A 618 12.84 -2.53 -17.40
CA ASP A 618 12.33 -1.81 -18.54
C ASP A 618 10.91 -2.28 -18.88
N LEU A 619 10.72 -3.58 -18.90
CA LEU A 619 9.43 -4.14 -19.28
C LEU A 619 8.34 -3.84 -18.27
N GLU A 620 8.63 -4.02 -16.98
CA GLU A 620 7.65 -3.75 -15.92
C GLU A 620 7.25 -2.27 -15.94
N VAL A 621 8.23 -1.41 -16.20
CA VAL A 621 7.96 0.02 -16.24
C VAL A 621 7.12 0.43 -17.45
N LEU A 622 7.35 -0.22 -18.59
CA LEU A 622 6.59 0.11 -19.79
C LEU A 622 5.14 -0.32 -19.63
N ALA A 623 4.93 -1.39 -18.85
CA ALA A 623 3.57 -1.86 -18.60
C ALA A 623 2.93 -1.04 -17.47
N ASP A 624 3.77 -0.47 -16.60
CA ASP A 624 3.23 0.27 -15.45
C ASP A 624 4.21 1.34 -15.00
N PRO A 625 4.18 2.51 -15.66
CA PRO A 625 5.09 3.62 -15.33
C PRO A 625 5.03 4.05 -13.87
N ASN A 626 3.92 3.74 -13.20
CA ASN A 626 3.74 4.11 -11.81
C ASN A 626 4.83 3.46 -10.93
N LYS A 627 5.42 2.36 -11.38
CA LYS A 627 6.46 1.72 -10.61
C LYS A 627 7.71 2.61 -10.53
N LEU A 628 7.74 3.65 -11.37
CA LEU A 628 8.83 4.62 -11.39
C LEU A 628 8.53 5.66 -10.28
N GLN A 629 7.31 5.61 -9.75
CA GLN A 629 6.89 6.54 -8.71
C GLN A 629 7.03 6.00 -7.31
N TYR A 630 7.30 4.71 -7.19
CA TYR A 630 7.42 4.13 -5.87
C TYR A 630 8.42 3.00 -5.74
N LYS A 631 8.78 2.39 -6.87
CA LYS A 631 9.69 1.26 -6.85
C LYS A 631 11.09 1.60 -7.36
N TRP A 632 11.17 2.08 -8.61
CA TRP A 632 12.44 2.39 -9.21
C TRP A 632 12.63 3.86 -9.52
N THR A 633 13.80 4.20 -10.05
CA THR A 633 14.11 5.56 -10.41
C THR A 633 14.69 5.55 -11.82
N GLU A 634 14.73 6.71 -12.46
CA GLU A 634 15.23 6.87 -13.82
C GLU A 634 16.50 6.13 -14.16
N ALA A 635 17.46 6.17 -13.25
CA ALA A 635 18.72 5.52 -13.50
C ALA A 635 18.60 4.00 -13.63
N ASP A 636 17.46 3.45 -13.20
CA ASP A 636 17.30 1.99 -13.27
C ASP A 636 16.75 1.51 -14.62
N VAL A 637 16.35 2.45 -15.46
CA VAL A 637 15.76 2.14 -16.74
C VAL A 637 16.68 2.44 -17.93
N SER A 638 16.70 1.55 -18.92
CA SER A 638 17.52 1.80 -20.11
C SER A 638 17.22 3.22 -20.61
N ALA A 639 18.25 3.94 -21.04
CA ALA A 639 18.05 5.31 -21.49
C ALA A 639 17.06 5.47 -22.64
N ASN A 640 17.14 4.60 -23.63
CA ASN A 640 16.21 4.72 -24.75
C ASN A 640 14.77 4.44 -24.35
N ILE A 641 14.57 3.80 -23.22
CA ILE A 641 13.23 3.50 -22.74
C ILE A 641 12.73 4.67 -21.87
N HIS A 642 13.61 5.24 -21.05
CA HIS A 642 13.19 6.35 -20.21
C HIS A 642 12.63 7.46 -21.09
N GLU A 643 13.26 7.70 -22.22
CA GLU A 643 12.81 8.72 -23.16
C GLU A 643 11.39 8.50 -23.69
N VAL A 644 10.92 7.25 -23.67
CA VAL A 644 9.57 6.95 -24.12
C VAL A 644 8.54 7.57 -23.16
N LEU A 645 8.89 7.52 -21.89
CA LEU A 645 8.01 7.98 -20.85
C LEU A 645 8.21 9.39 -20.37
N MET A 646 9.38 9.97 -20.60
CA MET A 646 9.68 11.31 -20.11
C MET A 646 10.31 12.20 -21.15
N HIS A 647 10.20 13.51 -20.95
CA HIS A 647 10.84 14.47 -21.82
C HIS A 647 11.54 15.46 -20.89
N GLY A 648 12.64 16.05 -21.35
CA GLY A 648 13.34 16.98 -20.47
C GLY A 648 13.49 18.43 -20.90
N VAL A 649 13.79 19.27 -19.92
CA VAL A 649 14.02 20.69 -20.16
C VAL A 649 15.54 20.78 -20.35
N SER A 650 16.02 21.74 -21.15
CA SER A 650 17.46 21.87 -21.39
C SER A 650 18.32 21.89 -20.14
N VAL A 651 19.48 21.24 -20.24
CA VAL A 651 20.43 21.20 -19.14
C VAL A 651 21.02 22.58 -18.88
N GLU A 652 21.06 23.41 -19.92
CA GLU A 652 21.61 24.76 -19.79
C GLU A 652 20.72 25.60 -18.89
N LYS A 653 19.42 25.48 -19.08
CA LYS A 653 18.48 26.24 -18.27
C LYS A 653 18.37 25.77 -16.83
N THR A 654 18.48 24.46 -16.58
CA THR A 654 18.38 23.99 -15.20
C THR A 654 19.71 24.23 -14.51
N GLU A 655 20.79 24.16 -15.29
CA GLU A 655 22.12 24.39 -14.77
C GLU A 655 22.21 25.81 -14.24
N ARG A 656 21.72 26.76 -15.01
CA ARG A 656 21.74 28.16 -14.60
C ARG A 656 20.82 28.37 -13.40
N PHE A 657 19.70 27.66 -13.38
CA PHE A 657 18.76 27.75 -12.27
C PHE A 657 19.39 27.22 -10.97
N LEU A 658 19.96 26.02 -11.03
CA LEU A 658 20.57 25.42 -9.85
C LEU A 658 21.69 26.28 -9.26
N ARG A 659 22.48 26.87 -10.15
CA ARG A 659 23.57 27.72 -9.73
C ARG A 659 23.07 28.86 -8.84
N SER A 660 21.90 29.42 -9.16
CA SER A 660 21.34 30.50 -8.37
C SER A 660 20.70 30.00 -7.07
N VAL A 661 20.41 28.71 -6.99
CA VAL A 661 19.79 28.18 -5.79
C VAL A 661 20.78 27.74 -4.73
N MET A 662 21.68 26.86 -5.13
CA MET A 662 22.64 26.30 -4.21
C MET A 662 23.68 27.25 -3.64
N PRO A 663 24.25 26.86 -2.50
CA PRO A 663 25.27 27.63 -1.78
C PRO A 663 26.52 27.64 -2.65
N ARG A 664 27.07 26.44 -2.82
CA ARG A 664 28.28 26.18 -3.62
C ARG A 664 28.04 24.88 -4.40
N PRO B 1 -46.27 -30.43 -44.63
CA PRO B 1 -45.19 -31.16 -45.35
C PRO B 1 -44.07 -31.76 -44.49
N ARG B 2 -44.40 -32.18 -43.26
CA ARG B 2 -43.47 -32.83 -42.34
C ARG B 2 -42.28 -32.03 -41.81
N ARG B 3 -42.25 -31.76 -40.50
CA ARG B 3 -41.10 -31.05 -39.95
C ARG B 3 -39.94 -32.04 -39.98
N ALA B 4 -38.72 -31.54 -40.08
CA ALA B 4 -37.56 -32.41 -40.05
C ALA B 4 -37.36 -32.78 -38.59
N PRO B 5 -36.88 -33.99 -38.31
CA PRO B 5 -36.68 -34.32 -36.89
C PRO B 5 -35.42 -33.60 -36.41
N ALA B 6 -35.37 -33.24 -35.13
CA ALA B 6 -34.21 -32.54 -34.58
C ALA B 6 -33.82 -33.24 -33.28
N PHE B 7 -32.52 -33.34 -33.03
CA PHE B 7 -32.01 -34.00 -31.84
C PHE B 7 -30.97 -33.16 -31.14
N PRO B 8 -31.11 -33.00 -29.80
CA PRO B 8 -30.16 -32.22 -29.00
C PRO B 8 -28.84 -33.00 -28.97
N LEU B 9 -27.75 -32.29 -28.70
CA LEU B 9 -26.42 -32.93 -28.63
C LEU B 9 -26.43 -34.14 -27.68
N SER B 10 -27.19 -34.08 -26.61
CA SER B 10 -27.23 -35.20 -25.66
C SER B 10 -27.82 -36.47 -26.24
N ASP B 11 -28.58 -36.33 -27.32
CA ASP B 11 -29.17 -37.49 -27.97
C ASP B 11 -28.11 -38.41 -28.56
N ILE B 12 -28.32 -39.73 -28.46
CA ILE B 12 -27.34 -40.66 -29.03
C ILE B 12 -27.11 -40.40 -30.53
N LYS B 13 -28.13 -39.93 -31.26
CA LYS B 13 -27.93 -39.69 -32.70
C LYS B 13 -26.91 -38.60 -32.97
N ALA B 14 -26.90 -37.58 -32.12
CA ALA B 14 -25.95 -36.48 -32.20
C ALA B 14 -24.60 -36.93 -31.60
N GLN B 15 -24.65 -37.60 -30.46
CA GLN B 15 -23.42 -38.07 -29.82
C GLN B 15 -22.59 -38.92 -30.77
N MET B 16 -23.25 -39.70 -31.61
CA MET B 16 -22.53 -40.59 -32.51
C MET B 16 -21.82 -39.91 -33.66
N LEU B 17 -22.02 -38.60 -33.79
CA LEU B 17 -21.35 -37.83 -34.86
C LEU B 17 -19.96 -37.41 -34.40
N PHE B 18 -19.69 -37.60 -33.11
CA PHE B 18 -18.41 -37.18 -32.55
C PHE B 18 -17.62 -38.32 -31.94
N ALA B 19 -16.47 -38.61 -32.52
CA ALA B 19 -15.60 -39.66 -32.00
C ALA B 19 -15.16 -39.39 -30.54
N ASN B 20 -14.62 -40.44 -29.95
CA ASN B 20 -14.13 -40.37 -28.57
C ASN B 20 -12.71 -39.78 -28.51
N ASN B 21 -12.53 -38.52 -28.91
CA ASN B 21 -11.25 -37.82 -28.83
C ASN B 21 -11.61 -36.37 -28.48
N ILE B 22 -10.66 -35.63 -27.90
CA ILE B 22 -10.90 -34.25 -27.46
C ILE B 22 -11.37 -33.26 -28.48
N LYS B 23 -10.76 -33.29 -29.67
CA LYS B 23 -11.13 -32.34 -30.72
C LYS B 23 -12.57 -32.53 -31.11
N ALA B 24 -12.96 -33.79 -31.33
CA ALA B 24 -14.33 -34.05 -31.77
C ALA B 24 -15.33 -33.66 -30.69
N GLN B 25 -15.02 -33.98 -29.44
CA GLN B 25 -15.91 -33.63 -28.35
C GLN B 25 -16.00 -32.11 -28.21
N GLN B 26 -14.86 -31.42 -28.31
CA GLN B 26 -14.88 -29.97 -28.22
C GLN B 26 -15.69 -29.38 -29.37
N ALA B 27 -15.52 -29.92 -30.57
CA ALA B 27 -16.23 -29.38 -31.71
C ALA B 27 -17.73 -29.52 -31.48
N SER B 28 -18.15 -30.62 -30.87
CA SER B 28 -19.60 -30.79 -30.64
C SER B 28 -20.16 -29.74 -29.70
N LYS B 29 -19.32 -29.34 -28.73
CA LYS B 29 -19.74 -28.40 -27.71
C LYS B 29 -19.36 -26.93 -27.87
N ARG B 30 -18.53 -26.60 -28.85
CA ARG B 30 -18.10 -25.20 -28.98
C ARG B 30 -19.24 -24.19 -28.91
N SER B 31 -19.13 -23.25 -28.00
CA SER B 31 -20.17 -22.24 -27.84
C SER B 31 -19.93 -21.07 -28.79
N PHE B 32 -20.89 -20.16 -28.81
CA PHE B 32 -20.79 -18.95 -29.61
C PHE B 32 -19.50 -18.22 -29.19
N LYS B 33 -18.74 -17.75 -30.16
CA LYS B 33 -17.50 -17.03 -29.90
C LYS B 33 -17.39 -15.76 -30.77
N GLU B 34 -16.77 -14.71 -30.24
CA GLU B 34 -16.57 -13.48 -31.01
C GLU B 34 -15.39 -12.69 -30.42
N GLY B 35 -14.81 -11.83 -31.26
CA GLY B 35 -13.68 -11.03 -30.82
C GLY B 35 -13.00 -10.39 -32.02
N ALA B 36 -12.28 -9.29 -31.80
CA ALA B 36 -11.63 -8.63 -32.92
C ALA B 36 -10.67 -9.56 -33.64
N ILE B 37 -10.61 -9.48 -34.96
CA ILE B 37 -9.63 -10.33 -35.64
C ILE B 37 -8.31 -9.55 -35.69
N GLU B 38 -7.20 -10.27 -35.78
CA GLU B 38 -5.89 -9.63 -35.91
C GLU B 38 -5.76 -9.42 -37.42
N THR B 39 -6.21 -8.25 -37.88
CA THR B 39 -6.22 -7.87 -39.31
C THR B 39 -4.85 -8.05 -39.98
N TYR B 40 -3.81 -7.57 -39.31
CA TYR B 40 -2.42 -7.75 -39.74
C TYR B 40 -1.67 -7.95 -38.44
N GLU B 41 -0.46 -8.50 -38.52
CA GLU B 41 0.29 -8.71 -37.27
C GLU B 41 0.33 -7.47 -36.41
N GLY B 42 -0.12 -7.60 -35.16
CA GLY B 42 -0.13 -6.47 -34.25
C GLY B 42 -1.27 -5.48 -34.36
N LEU B 43 -2.22 -5.72 -35.26
CA LEU B 43 -3.30 -4.75 -35.45
C LEU B 43 -4.66 -5.43 -35.36
N LEU B 44 -5.47 -5.01 -34.40
CA LEU B 44 -6.82 -5.53 -34.25
C LEU B 44 -7.79 -4.71 -35.12
N SER B 45 -8.82 -5.38 -35.63
CA SER B 45 -9.81 -4.75 -36.51
C SER B 45 -10.57 -3.63 -35.84
N VAL B 46 -10.55 -3.57 -34.51
CA VAL B 46 -11.26 -2.51 -33.81
C VAL B 46 -10.34 -1.48 -33.21
N ASP B 47 -9.06 -1.53 -33.58
CA ASP B 47 -8.10 -0.54 -33.11
C ASP B 47 -8.68 0.84 -33.48
N PRO B 48 -8.76 1.76 -32.52
CA PRO B 48 -9.31 3.09 -32.79
C PRO B 48 -8.69 3.79 -34.00
N ARG B 49 -7.40 3.59 -34.25
CA ARG B 49 -6.79 4.24 -35.40
C ARG B 49 -7.30 3.58 -36.68
N PHE B 50 -7.42 2.25 -36.64
CA PHE B 50 -7.89 1.54 -37.83
C PHE B 50 -9.33 1.93 -38.19
N LEU B 51 -10.21 2.05 -37.18
CA LEU B 51 -11.59 2.45 -37.45
C LEU B 51 -11.66 3.92 -37.92
N SER B 52 -10.83 4.78 -37.36
CA SER B 52 -10.82 6.17 -37.80
C SER B 52 -10.40 6.17 -39.29
N PHE B 53 -9.38 5.39 -39.63
CA PHE B 53 -8.90 5.30 -41.02
C PHE B 53 -10.06 4.86 -41.94
N LYS B 54 -10.72 3.78 -41.58
CA LYS B 54 -11.86 3.30 -42.38
C LYS B 54 -12.99 4.34 -42.43
N ASN B 55 -13.21 5.07 -41.33
CA ASN B 55 -14.26 6.08 -41.33
C ASN B 55 -13.95 7.17 -42.34
N GLU B 56 -12.74 7.73 -42.23
CA GLU B 56 -12.32 8.78 -43.16
C GLU B 56 -12.28 8.34 -44.62
N LEU B 57 -11.59 7.22 -44.90
CA LEU B 57 -11.47 6.72 -46.26
C LEU B 57 -12.81 6.36 -46.92
N SER B 58 -13.67 5.61 -46.21
CA SER B 58 -14.96 5.26 -46.81
C SER B 58 -15.79 6.50 -47.15
N ARG B 59 -15.81 7.49 -46.27
CA ARG B 59 -16.55 8.72 -46.57
C ARG B 59 -15.94 9.46 -47.75
N TYR B 60 -14.62 9.59 -47.77
CA TYR B 60 -13.95 10.33 -48.84
C TYR B 60 -14.16 9.71 -50.22
N LEU B 61 -13.90 8.41 -50.31
CA LEU B 61 -14.05 7.73 -51.58
C LEU B 61 -15.48 7.76 -52.11
N THR B 62 -16.45 7.56 -51.22
CA THR B 62 -17.85 7.57 -51.63
C THR B 62 -18.21 8.98 -52.16
N ASP B 63 -17.76 10.01 -51.46
CA ASP B 63 -18.04 11.38 -51.87
C ASP B 63 -17.39 11.73 -53.22
N HIS B 64 -16.10 11.43 -53.36
CA HIS B 64 -15.35 11.74 -54.58
C HIS B 64 -15.56 10.82 -55.76
N PHE B 65 -15.91 9.56 -55.52
CA PHE B 65 -16.10 8.64 -56.64
C PHE B 65 -17.45 7.93 -56.56
N PRO B 66 -18.52 8.64 -56.92
CA PRO B 66 -19.87 8.09 -56.88
C PRO B 66 -19.97 6.99 -57.93
N ALA B 67 -20.86 6.03 -57.70
CA ALA B 67 -21.02 4.92 -58.64
C ALA B 67 -21.37 5.44 -60.04
N ASN B 68 -20.81 4.78 -61.04
CA ASN B 68 -21.07 5.10 -62.45
C ASN B 68 -21.68 3.82 -63.04
N VAL B 69 -22.99 3.67 -62.87
CA VAL B 69 -23.69 2.49 -63.39
C VAL B 69 -24.96 2.98 -64.08
N ASP B 70 -25.13 2.67 -65.36
CA ASP B 70 -26.33 3.15 -66.06
C ASP B 70 -27.62 2.37 -65.73
N GLU B 71 -28.72 2.73 -66.40
CA GLU B 71 -30.02 2.13 -66.16
C GLU B 71 -30.07 0.64 -66.47
N TYR B 72 -29.11 0.17 -67.25
CA TYR B 72 -29.04 -1.24 -67.58
C TYR B 72 -28.00 -1.99 -66.76
N GLY B 73 -27.51 -1.36 -65.69
CA GLY B 73 -26.53 -2.02 -64.83
C GLY B 73 -25.12 -2.10 -65.39
N ARG B 74 -24.82 -1.37 -66.44
CA ARG B 74 -23.48 -1.44 -67.00
C ARG B 74 -22.64 -0.39 -66.31
N VAL B 75 -21.45 -0.76 -65.88
CA VAL B 75 -20.64 0.25 -65.25
C VAL B 75 -19.86 0.95 -66.35
N TYR B 76 -19.55 2.22 -66.13
CA TYR B 76 -18.79 3.01 -67.10
C TYR B 76 -17.96 4.00 -66.29
N GLY B 77 -17.37 4.98 -66.96
CA GLY B 77 -16.62 6.00 -66.27
C GLY B 77 -15.58 5.57 -65.27
N ASN B 78 -15.79 5.91 -64.00
CA ASN B 78 -14.82 5.60 -62.96
C ASN B 78 -14.68 4.14 -62.52
N GLY B 79 -15.55 3.26 -63.04
CA GLY B 79 -15.47 1.83 -62.69
C GLY B 79 -15.97 1.44 -61.31
N VAL B 80 -16.66 2.37 -60.67
CA VAL B 80 -17.19 2.17 -59.33
C VAL B 80 -18.64 1.80 -59.45
N ARG B 81 -19.08 0.78 -58.73
CA ARG B 81 -20.47 0.42 -58.84
C ARG B 81 -21.31 0.67 -57.61
N THR B 82 -20.67 1.03 -56.50
CA THR B 82 -21.44 1.34 -55.30
C THR B 82 -20.59 2.18 -54.33
N ASN B 83 -21.14 2.55 -53.19
CA ASN B 83 -20.41 3.33 -52.20
C ASN B 83 -19.30 2.46 -51.59
N PHE B 84 -18.45 3.08 -50.77
CA PHE B 84 -17.33 2.37 -50.17
C PHE B 84 -17.54 2.08 -48.69
N PHE B 85 -18.79 2.22 -48.22
CA PHE B 85 -19.12 2.03 -46.82
C PHE B 85 -19.10 0.58 -46.35
N GLY B 86 -19.00 -0.34 -47.31
CA GLY B 86 -18.97 -1.76 -46.97
C GLY B 86 -17.85 -2.13 -46.00
N MET B 87 -16.79 -1.31 -45.93
CA MET B 87 -15.68 -1.56 -45.02
C MET B 87 -15.99 -1.20 -43.56
N ARG B 88 -17.12 -0.55 -43.30
CA ARG B 88 -17.43 -0.14 -41.92
C ARG B 88 -17.99 -1.22 -40.99
N HIS B 89 -17.30 -2.35 -40.82
CA HIS B 89 -17.80 -3.37 -39.89
C HIS B 89 -16.74 -3.65 -38.84
N MET B 90 -17.18 -4.04 -37.66
CA MET B 90 -16.26 -4.42 -36.59
C MET B 90 -15.90 -5.88 -36.82
N ASN B 91 -14.94 -6.14 -37.71
CA ASN B 91 -14.59 -7.52 -38.11
C ASN B 91 -14.25 -8.46 -36.95
N GLY B 92 -14.93 -9.60 -36.93
CA GLY B 92 -14.75 -10.55 -35.86
C GLY B 92 -15.97 -10.58 -34.93
N PHE B 93 -16.82 -9.55 -34.98
CA PHE B 93 -18.03 -9.50 -34.15
C PHE B 93 -19.24 -9.68 -35.09
N PRO B 94 -19.92 -10.84 -35.00
CA PRO B 94 -21.06 -11.10 -35.89
C PRO B 94 -22.44 -10.51 -35.59
N MET B 95 -23.24 -10.43 -36.64
CA MET B 95 -24.63 -10.03 -36.50
C MET B 95 -25.21 -11.14 -35.61
N ILE B 96 -26.28 -10.86 -34.87
CA ILE B 96 -26.86 -11.88 -33.97
C ILE B 96 -28.38 -11.91 -34.19
N PRO B 97 -28.95 -13.10 -34.43
CA PRO B 97 -28.32 -14.42 -34.53
C PRO B 97 -27.99 -14.70 -36.01
N ALA B 98 -27.16 -15.71 -36.26
CA ALA B 98 -26.90 -16.12 -37.64
C ALA B 98 -28.12 -17.04 -37.91
N THR B 99 -28.32 -17.41 -39.16
CA THR B 99 -29.50 -18.23 -39.51
C THR B 99 -29.36 -19.71 -39.19
N TRP B 100 -30.49 -20.37 -38.92
CA TRP B 100 -30.49 -21.81 -38.74
C TRP B 100 -30.72 -22.21 -40.19
N PRO B 101 -29.98 -23.20 -40.69
CA PRO B 101 -30.11 -23.67 -42.07
C PRO B 101 -31.45 -24.37 -42.32
N LEU B 102 -32.17 -23.95 -43.36
CA LEU B 102 -33.45 -24.52 -43.73
C LEU B 102 -33.27 -26.02 -44.00
N ALA B 103 -34.03 -26.89 -43.34
CA ALA B 103 -33.90 -28.34 -43.58
C ALA B 103 -34.51 -28.79 -44.91
N SER B 104 -35.50 -28.06 -45.38
CA SER B 104 -36.16 -28.38 -46.65
C SER B 104 -36.43 -27.09 -47.40
N ASN B 105 -36.04 -27.06 -48.68
CA ASN B 105 -36.24 -25.87 -49.48
C ASN B 105 -37.39 -26.04 -50.46
N LEU B 106 -38.17 -27.13 -50.33
CA LEU B 106 -39.27 -27.34 -51.29
C LEU B 106 -40.29 -26.23 -51.28
N LYS B 107 -40.69 -25.79 -50.10
CA LYS B 107 -41.68 -24.74 -50.01
C LYS B 107 -41.06 -23.40 -50.45
N LYS B 108 -39.81 -23.21 -50.11
CA LYS B 108 -39.12 -21.97 -50.48
C LYS B 108 -39.19 -21.84 -52.00
N ARG B 109 -38.86 -22.93 -52.70
CA ARG B 109 -38.88 -22.92 -54.17
C ARG B 109 -40.30 -22.71 -54.72
N ALA B 110 -41.25 -23.49 -54.22
CA ALA B 110 -42.63 -23.38 -54.69
C ALA B 110 -43.16 -21.97 -54.47
N ASP B 111 -42.94 -21.40 -53.29
CA ASP B 111 -43.45 -20.07 -53.02
C ASP B 111 -42.79 -19.02 -53.91
N ALA B 112 -41.60 -19.33 -54.42
CA ALA B 112 -40.88 -18.38 -55.28
C ALA B 112 -41.26 -18.66 -56.72
N ASP B 113 -42.24 -19.55 -56.90
CA ASP B 113 -42.66 -19.90 -58.24
C ASP B 113 -41.56 -20.50 -59.13
N LEU B 114 -40.74 -21.36 -58.55
CA LEU B 114 -39.69 -22.07 -59.26
C LEU B 114 -40.19 -23.50 -59.42
N ALA B 115 -39.80 -24.14 -60.52
CA ALA B 115 -40.28 -25.48 -60.84
C ALA B 115 -39.75 -26.63 -60.00
N ASP B 116 -40.57 -27.66 -59.83
CA ASP B 116 -40.16 -28.83 -59.05
C ASP B 116 -39.57 -29.94 -59.91
N GLY B 117 -39.16 -29.57 -61.14
CA GLY B 117 -38.56 -30.53 -62.06
C GLY B 117 -38.39 -29.89 -63.42
N PRO B 118 -37.75 -30.56 -64.39
CA PRO B 118 -37.58 -29.95 -65.72
C PRO B 118 -38.98 -29.62 -66.24
N VAL B 119 -39.18 -28.42 -66.77
CA VAL B 119 -40.51 -28.05 -67.23
C VAL B 119 -40.91 -28.69 -68.55
N SER B 120 -39.93 -28.92 -69.43
CA SER B 120 -40.20 -29.51 -70.75
C SER B 120 -39.25 -30.64 -71.06
N GLU B 121 -39.58 -31.46 -72.04
CA GLU B 121 -38.70 -32.57 -72.40
C GLU B 121 -37.37 -32.00 -72.93
N ARG B 122 -37.41 -30.87 -73.62
CA ARG B 122 -36.19 -30.27 -74.12
C ARG B 122 -35.23 -29.98 -72.93
N ASP B 123 -35.74 -29.34 -71.89
CA ASP B 123 -34.92 -29.02 -70.71
C ASP B 123 -34.41 -30.30 -70.05
N ASN B 124 -35.28 -31.31 -69.94
CA ASN B 124 -34.86 -32.57 -69.37
C ASN B 124 -33.65 -33.12 -70.14
N LEU B 125 -33.71 -33.05 -71.47
CA LEU B 125 -32.62 -33.55 -72.29
C LEU B 125 -31.34 -32.75 -72.09
N LEU B 126 -31.47 -31.44 -71.95
CA LEU B 126 -30.30 -30.56 -71.76
C LEU B 126 -29.62 -30.79 -70.41
N PHE B 127 -30.39 -30.92 -69.33
CA PHE B 127 -29.77 -31.17 -68.03
C PHE B 127 -29.04 -32.51 -68.11
N ARG B 128 -29.66 -33.52 -68.70
CA ARG B 128 -29.03 -34.83 -68.81
C ARG B 128 -27.82 -34.79 -69.74
N ALA B 129 -27.89 -33.98 -70.78
CA ALA B 129 -26.77 -33.89 -71.71
C ALA B 129 -25.56 -33.29 -70.95
N ALA B 130 -25.86 -32.38 -70.03
CA ALA B 130 -24.83 -31.73 -69.21
C ALA B 130 -24.09 -32.80 -68.41
N VAL B 131 -24.84 -33.75 -67.83
CA VAL B 131 -24.23 -34.81 -67.08
C VAL B 131 -23.37 -35.69 -68.00
N ARG B 132 -23.87 -36.02 -69.20
CA ARG B 132 -23.09 -36.85 -70.11
C ARG B 132 -21.79 -36.20 -70.53
N LEU B 133 -21.82 -34.92 -70.86
CA LEU B 133 -20.60 -34.26 -71.28
C LEU B 133 -19.60 -34.05 -70.12
N MET B 134 -20.11 -33.70 -68.94
CA MET B 134 -19.23 -33.48 -67.81
C MET B 134 -18.63 -34.72 -67.17
N PHE B 135 -19.37 -35.84 -67.17
CA PHE B 135 -18.83 -37.03 -66.51
C PHE B 135 -18.35 -38.15 -67.39
N SER B 136 -18.18 -37.89 -68.69
CA SER B 136 -17.83 -38.99 -69.59
C SER B 136 -16.41 -39.50 -69.78
N ASP B 137 -15.49 -38.72 -70.32
CA ASP B 137 -14.20 -39.35 -70.53
C ASP B 137 -13.12 -38.78 -69.63
N LEU B 138 -13.32 -39.02 -68.34
CA LEU B 138 -12.47 -38.54 -67.27
C LEU B 138 -11.13 -39.28 -67.10
N GLU B 139 -10.10 -38.51 -66.78
CA GLU B 139 -8.77 -39.07 -66.56
C GLU B 139 -8.48 -39.00 -65.05
N PRO B 140 -7.91 -40.07 -64.48
CA PRO B 140 -7.61 -40.10 -63.05
C PRO B 140 -6.52 -39.11 -62.69
N VAL B 141 -6.63 -38.51 -61.51
CA VAL B 141 -5.59 -37.61 -61.04
C VAL B 141 -5.48 -37.80 -59.52
N PRO B 142 -4.38 -37.34 -58.93
CA PRO B 142 -4.24 -37.51 -57.48
C PRO B 142 -5.32 -36.71 -56.73
N LEU B 143 -5.81 -37.27 -55.64
CA LEU B 143 -6.81 -36.60 -54.81
C LEU B 143 -6.04 -35.60 -53.94
N LYS B 144 -6.25 -34.31 -54.15
CA LYS B 144 -5.53 -33.27 -53.39
C LYS B 144 -6.29 -32.80 -52.15
N ILE B 145 -5.55 -32.63 -51.05
CA ILE B 145 -6.11 -32.22 -49.76
C ILE B 145 -5.50 -30.90 -49.25
N ARG B 146 -6.33 -29.99 -48.77
CA ARG B 146 -5.85 -28.71 -48.24
C ARG B 146 -5.12 -28.93 -46.90
N LYS B 147 -3.91 -28.43 -46.79
CA LYS B 147 -3.15 -28.61 -45.56
C LYS B 147 -3.83 -27.89 -44.40
N GLY B 148 -3.93 -28.56 -43.26
CA GLY B 148 -4.56 -27.96 -42.10
C GLY B 148 -6.09 -28.03 -42.06
N SER B 149 -6.71 -28.50 -43.14
CA SER B 149 -8.17 -28.59 -43.19
C SER B 149 -8.63 -29.68 -42.23
N SER B 150 -9.87 -29.60 -41.78
CA SER B 150 -10.40 -30.58 -40.84
C SER B 150 -11.17 -31.71 -41.53
N THR B 151 -11.14 -32.90 -40.94
CA THR B 151 -11.88 -34.03 -41.46
C THR B 151 -13.35 -33.97 -40.98
N CYS B 152 -13.67 -33.03 -40.08
CA CYS B 152 -15.02 -32.88 -39.57
C CYS B 152 -15.59 -34.20 -39.02
N ILE B 153 -16.88 -34.46 -39.18
CA ILE B 153 -17.47 -35.67 -38.58
C ILE B 153 -16.92 -36.98 -39.10
N PRO B 154 -16.56 -37.91 -38.19
CA PRO B 154 -16.61 -37.86 -36.72
C PRO B 154 -15.33 -37.60 -35.94
N TYR B 155 -14.17 -37.61 -36.63
CA TYR B 155 -12.88 -37.44 -35.98
C TYR B 155 -12.36 -36.04 -35.73
N PHE B 156 -12.66 -35.09 -36.61
CA PHE B 156 -12.18 -33.74 -36.45
C PHE B 156 -10.64 -33.73 -36.32
N SER B 157 -9.97 -34.34 -37.28
CA SER B 157 -8.51 -34.31 -37.29
C SER B 157 -8.05 -33.22 -38.27
N ASN B 158 -6.89 -32.60 -38.00
CA ASN B 158 -6.33 -31.57 -38.91
C ASN B 158 -4.92 -32.02 -39.32
N ASP B 159 -4.58 -33.25 -38.92
CA ASP B 159 -3.28 -33.86 -39.20
C ASP B 159 -3.24 -34.49 -40.59
N MET B 160 -2.28 -34.06 -41.40
CA MET B 160 -2.22 -34.54 -42.78
C MET B 160 -2.04 -36.03 -42.91
N GLY B 161 -1.25 -36.63 -42.03
CA GLY B 161 -1.05 -38.07 -42.11
C GLY B 161 -2.35 -38.80 -41.86
N THR B 162 -3.10 -38.30 -40.88
CA THR B 162 -4.37 -38.89 -40.56
C THR B 162 -5.37 -38.67 -41.70
N LYS B 163 -5.38 -37.47 -42.27
CA LYS B 163 -6.30 -37.17 -43.37
C LYS B 163 -6.02 -38.07 -44.57
N ILE B 164 -4.74 -38.27 -44.88
CA ILE B 164 -4.35 -39.10 -46.01
C ILE B 164 -4.83 -40.53 -45.82
N GLU B 165 -4.67 -41.05 -44.61
CA GLU B 165 -5.08 -42.42 -44.28
C GLU B 165 -6.59 -42.57 -44.40
N ILE B 166 -7.31 -41.58 -43.88
CA ILE B 166 -8.76 -41.57 -43.95
C ILE B 166 -9.19 -41.61 -45.42
N ALA B 167 -8.55 -40.79 -46.24
CA ALA B 167 -8.88 -40.71 -47.65
C ALA B 167 -8.59 -42.02 -48.39
N GLU B 168 -7.44 -42.62 -48.14
CA GLU B 168 -7.09 -43.85 -48.83
C GLU B 168 -8.01 -44.99 -48.38
N ARG B 169 -8.28 -45.04 -47.08
CA ARG B 169 -9.20 -46.04 -46.57
C ARG B 169 -10.60 -45.84 -47.19
N ALA B 170 -11.03 -44.59 -47.31
CA ALA B 170 -12.33 -44.28 -47.88
C ALA B 170 -12.39 -44.74 -49.34
N LEU B 171 -11.33 -44.48 -50.11
CA LEU B 171 -11.37 -44.94 -51.49
C LEU B 171 -11.46 -46.46 -51.55
N GLU B 172 -10.84 -47.11 -50.58
CA GLU B 172 -10.84 -48.57 -50.55
C GLU B 172 -12.18 -49.18 -50.14
N LYS B 173 -12.88 -48.52 -49.22
CA LYS B 173 -14.15 -49.02 -48.71
C LYS B 173 -15.44 -48.36 -49.22
N ALA B 174 -15.31 -47.38 -50.11
CA ALA B 174 -16.47 -46.66 -50.68
C ALA B 174 -17.49 -47.62 -51.28
N GLU B 175 -17.01 -48.58 -52.07
CA GLU B 175 -17.91 -49.53 -52.70
C GLU B 175 -18.77 -50.28 -51.70
N GLU B 176 -18.15 -50.75 -50.64
CA GLU B 176 -18.86 -51.50 -49.61
C GLU B 176 -19.84 -50.59 -48.89
N ALA B 177 -19.43 -49.35 -48.66
CA ALA B 177 -20.28 -48.39 -47.98
C ALA B 177 -21.48 -48.06 -48.87
N GLY B 178 -21.22 -47.85 -50.16
CA GLY B 178 -22.29 -47.52 -51.09
C GLY B 178 -23.32 -48.63 -51.16
N ASN B 179 -22.85 -49.88 -51.19
CA ASN B 179 -23.76 -51.00 -51.27
C ASN B 179 -24.57 -51.10 -50.00
N LEU B 180 -23.95 -50.79 -48.86
CA LEU B 180 -24.73 -50.79 -47.62
C LEU B 180 -25.86 -49.76 -47.72
N MET B 181 -25.57 -48.58 -48.28
CA MET B 181 -26.60 -47.56 -48.42
C MET B 181 -27.68 -48.03 -49.39
N LEU B 182 -27.28 -48.65 -50.49
CA LEU B 182 -28.27 -49.14 -51.44
C LEU B 182 -29.25 -50.09 -50.74
N GLN B 183 -28.79 -50.74 -49.67
CA GLN B 183 -29.61 -51.66 -48.89
C GLN B 183 -30.39 -50.90 -47.83
N GLY B 184 -30.23 -49.58 -47.76
CA GLY B 184 -30.92 -48.82 -46.73
C GLY B 184 -30.21 -48.86 -45.37
N LYS B 185 -29.01 -49.45 -45.35
CA LYS B 185 -28.23 -49.56 -44.12
C LYS B 185 -27.28 -48.39 -43.93
N PHE B 186 -27.83 -47.19 -43.76
CA PHE B 186 -27.01 -45.99 -43.58
C PHE B 186 -26.21 -45.99 -42.28
N ASP B 187 -26.82 -46.49 -41.21
CA ASP B 187 -26.13 -46.52 -39.94
C ASP B 187 -24.92 -47.41 -40.02
N ASP B 188 -25.05 -48.54 -40.70
CA ASP B 188 -23.91 -49.43 -40.84
C ASP B 188 -22.83 -48.75 -41.67
N ALA B 189 -23.22 -48.11 -42.78
CA ALA B 189 -22.23 -47.45 -43.64
C ALA B 189 -21.46 -46.38 -42.84
N TYR B 190 -22.18 -45.65 -42.00
CA TYR B 190 -21.56 -44.62 -41.16
C TYR B 190 -20.66 -45.23 -40.07
N GLN B 191 -21.19 -46.20 -39.33
CA GLN B 191 -20.43 -46.83 -38.26
C GLN B 191 -19.19 -47.56 -38.72
N LEU B 192 -19.29 -48.27 -39.85
CA LEU B 192 -18.14 -49.00 -40.37
C LEU B 192 -17.13 -48.16 -41.15
N HIS B 193 -17.62 -47.19 -41.90
CA HIS B 193 -16.72 -46.41 -42.75
C HIS B 193 -16.79 -44.90 -42.61
N GLN B 194 -17.54 -44.43 -41.63
CA GLN B 194 -17.69 -43.00 -41.35
C GLN B 194 -18.24 -42.23 -42.54
N MET B 195 -18.99 -42.93 -43.39
CA MET B 195 -19.60 -42.34 -44.55
C MET B 195 -21.05 -42.13 -44.22
N GLY B 196 -21.37 -40.92 -43.81
CA GLY B 196 -22.73 -40.58 -43.44
C GLY B 196 -22.64 -39.60 -42.30
N GLY B 197 -23.65 -39.64 -41.42
CA GLY B 197 -23.64 -38.75 -40.27
C GLY B 197 -24.25 -37.40 -40.58
N ALA B 198 -23.43 -36.36 -40.72
CA ALA B 198 -23.96 -35.04 -41.01
C ALA B 198 -22.85 -34.10 -41.40
N TYR B 199 -23.26 -32.93 -41.88
CA TYR B 199 -22.37 -31.82 -42.22
C TYR B 199 -22.26 -31.14 -40.86
N TYR B 200 -21.13 -30.47 -40.64
CA TYR B 200 -20.91 -29.75 -39.39
C TYR B 200 -21.00 -28.27 -39.78
N VAL B 201 -21.98 -27.55 -39.22
CA VAL B 201 -22.22 -26.16 -39.58
C VAL B 201 -21.34 -25.15 -38.88
N VAL B 202 -20.57 -24.41 -39.65
CA VAL B 202 -19.73 -23.37 -39.07
C VAL B 202 -20.24 -22.11 -39.72
N TYR B 203 -20.20 -21.00 -39.00
CA TYR B 203 -20.65 -19.73 -39.57
C TYR B 203 -19.42 -18.89 -39.95
N ARG B 204 -19.36 -18.46 -41.20
CA ARG B 204 -18.22 -17.66 -41.65
C ARG B 204 -18.62 -16.21 -41.89
N ALA B 205 -17.67 -15.33 -41.67
CA ALA B 205 -17.90 -13.91 -41.89
C ALA B 205 -17.86 -13.57 -43.36
N GLN B 206 -18.77 -12.69 -43.77
CA GLN B 206 -18.83 -12.07 -45.09
C GLN B 206 -18.44 -10.70 -44.49
N SER B 207 -17.16 -10.40 -44.52
CA SER B 207 -16.60 -9.22 -43.86
C SER B 207 -17.11 -7.86 -44.27
N THR B 208 -17.66 -7.75 -45.47
CA THR B 208 -18.20 -6.48 -45.90
C THR B 208 -19.58 -6.81 -46.41
N ASP B 209 -20.51 -5.88 -46.24
CA ASP B 209 -21.90 -6.08 -46.71
C ASP B 209 -22.39 -4.64 -46.90
N ALA B 210 -23.44 -4.46 -47.67
CA ALA B 210 -23.95 -3.12 -47.94
C ALA B 210 -24.30 -2.25 -46.74
N ILE B 211 -23.96 -0.97 -46.86
CA ILE B 211 -24.30 0.04 -45.87
C ILE B 211 -24.56 1.30 -46.71
N THR B 212 -25.59 2.04 -46.38
CA THR B 212 -25.87 3.30 -47.08
C THR B 212 -25.92 4.42 -46.04
N LEU B 213 -25.77 5.65 -46.50
CA LEU B 213 -25.82 6.81 -45.63
C LEU B 213 -27.08 7.55 -46.01
N ASP B 214 -27.96 7.74 -45.05
CA ASP B 214 -29.21 8.46 -45.28
C ASP B 214 -28.92 9.97 -45.27
N PRO B 215 -29.03 10.62 -46.44
CA PRO B 215 -28.81 12.05 -46.64
C PRO B 215 -29.55 12.90 -45.61
N LYS B 216 -30.82 12.60 -45.40
CA LYS B 216 -31.64 13.33 -44.45
C LYS B 216 -31.05 13.34 -43.04
N THR B 217 -31.02 12.16 -42.43
CA THR B 217 -30.54 11.99 -41.07
C THR B 217 -29.04 12.05 -40.87
N GLY B 218 -28.26 11.77 -41.92
CA GLY B 218 -26.82 11.75 -41.71
C GLY B 218 -26.43 10.48 -40.96
N LYS B 219 -27.37 9.55 -40.85
CA LYS B 219 -27.13 8.28 -40.14
C LYS B 219 -26.91 7.14 -41.16
N PHE B 220 -26.05 6.20 -40.80
CA PHE B 220 -25.76 5.05 -41.65
C PHE B 220 -26.78 3.92 -41.42
N VAL B 221 -27.08 3.19 -42.47
CA VAL B 221 -28.04 2.10 -42.37
C VAL B 221 -27.47 0.82 -42.95
N SER B 222 -27.31 -0.20 -42.12
CA SER B 222 -26.76 -1.47 -42.63
C SER B 222 -27.86 -2.27 -43.33
N LYS B 223 -27.50 -3.06 -44.33
CA LYS B 223 -28.50 -3.87 -45.02
C LYS B 223 -29.05 -5.01 -44.15
N ASP B 224 -30.37 -5.14 -44.10
CA ASP B 224 -30.97 -6.20 -43.29
C ASP B 224 -30.71 -7.56 -43.90
N ARG B 225 -30.22 -8.48 -43.09
CA ARG B 225 -29.95 -9.83 -43.54
C ARG B 225 -30.92 -10.72 -42.77
N MET B 226 -31.87 -11.29 -43.51
CA MET B 226 -32.91 -12.13 -42.93
C MET B 226 -32.40 -13.47 -42.49
N VAL B 227 -32.78 -13.86 -41.27
CA VAL B 227 -32.36 -15.14 -40.73
C VAL B 227 -33.57 -15.92 -40.23
N ALA B 228 -33.45 -17.24 -40.29
CA ALA B 228 -34.52 -18.12 -39.85
C ALA B 228 -34.23 -18.66 -38.46
N ASP B 229 -35.23 -18.71 -37.60
CA ASP B 229 -34.99 -19.30 -36.29
C ASP B 229 -35.13 -20.82 -36.46
N PHE B 230 -34.91 -21.57 -35.37
CA PHE B 230 -34.98 -23.02 -35.40
C PHE B 230 -36.32 -23.54 -35.97
N GLU B 231 -37.44 -23.01 -35.48
CA GLU B 231 -38.78 -23.48 -35.94
C GLU B 231 -38.94 -23.33 -37.43
N TYR B 232 -38.60 -22.15 -37.94
CA TYR B 232 -38.72 -21.89 -39.37
C TYR B 232 -37.83 -22.87 -40.15
N ALA B 233 -36.60 -23.05 -39.66
CA ALA B 233 -35.66 -23.93 -40.34
C ALA B 233 -36.12 -25.36 -40.45
N VAL B 234 -36.63 -25.94 -39.36
CA VAL B 234 -37.07 -27.34 -39.44
C VAL B 234 -38.42 -27.56 -40.11
N THR B 235 -39.20 -26.50 -40.29
CA THR B 235 -40.51 -26.64 -40.94
C THR B 235 -40.49 -26.07 -42.36
N GLY B 236 -39.27 -25.86 -42.88
CA GLY B 236 -39.15 -25.32 -44.23
C GLY B 236 -39.88 -24.00 -44.38
N GLY B 237 -40.04 -23.29 -43.26
CA GLY B 237 -40.72 -21.98 -43.30
C GLY B 237 -42.23 -22.01 -43.05
N GLU B 238 -42.81 -23.17 -42.79
CA GLU B 238 -44.24 -23.22 -42.55
C GLU B 238 -44.62 -22.59 -41.21
N GLN B 239 -43.70 -22.63 -40.27
CA GLN B 239 -43.93 -22.04 -38.95
C GLN B 239 -42.66 -21.31 -38.58
N GLY B 240 -42.62 -20.71 -37.39
CA GLY B 240 -41.42 -20.01 -36.94
C GLY B 240 -41.27 -18.67 -37.64
N SER B 241 -40.09 -18.06 -37.54
CA SER B 241 -39.96 -16.78 -38.23
C SER B 241 -38.65 -16.45 -38.94
N LEU B 242 -38.80 -15.62 -39.95
CA LEU B 242 -37.75 -15.14 -40.81
C LEU B 242 -37.68 -13.68 -40.42
N PHE B 243 -36.57 -13.26 -39.82
CA PHE B 243 -36.45 -11.86 -39.36
C PHE B 243 -35.07 -11.30 -39.61
N ALA B 244 -34.94 -9.99 -39.47
CA ALA B 244 -33.64 -9.34 -39.71
C ALA B 244 -32.63 -9.56 -38.58
N ALA B 245 -31.47 -10.12 -38.86
CA ALA B 245 -30.48 -10.31 -37.80
C ALA B 245 -30.08 -8.91 -37.32
N SER B 246 -29.57 -8.80 -36.10
CA SER B 246 -29.17 -7.51 -35.57
C SER B 246 -27.71 -7.27 -35.84
N LYS B 247 -27.41 -6.22 -36.57
CA LYS B 247 -26.06 -5.83 -36.91
C LYS B 247 -25.57 -4.69 -35.99
N ASP B 248 -26.47 -4.16 -35.17
CA ASP B 248 -26.15 -3.08 -34.23
C ASP B 248 -24.92 -3.43 -33.37
N ALA B 249 -23.90 -2.58 -33.39
CA ALA B 249 -22.68 -2.83 -32.65
C ALA B 249 -22.54 -2.08 -31.33
N SER B 250 -23.57 -1.35 -30.95
CA SER B 250 -23.54 -0.59 -29.72
C SER B 250 -23.21 -1.53 -28.56
N ARG B 251 -23.73 -2.75 -28.64
CA ARG B 251 -23.50 -3.75 -27.61
C ARG B 251 -22.02 -3.99 -27.30
N LEU B 252 -21.14 -3.77 -28.27
CA LEU B 252 -19.72 -4.01 -28.02
C LEU B 252 -19.14 -3.06 -26.96
N LYS B 253 -19.65 -1.83 -26.90
CA LYS B 253 -19.18 -0.89 -25.89
C LYS B 253 -19.66 -1.39 -24.53
N GLU B 254 -20.94 -1.67 -24.45
CA GLU B 254 -21.55 -2.18 -23.23
C GLU B 254 -20.89 -3.46 -22.71
N GLN B 255 -20.70 -4.44 -23.60
CA GLN B 255 -20.13 -5.72 -23.21
C GLN B 255 -18.62 -5.79 -22.98
N TYR B 256 -17.87 -5.16 -23.90
CA TYR B 256 -16.44 -5.28 -23.94
C TYR B 256 -15.67 -3.98 -23.80
N GLY B 257 -16.40 -2.88 -23.65
CA GLY B 257 -15.74 -1.59 -23.52
C GLY B 257 -15.09 -1.12 -24.80
N ILE B 258 -15.51 -1.70 -25.93
CA ILE B 258 -14.92 -1.34 -27.20
C ILE B 258 -15.61 -0.12 -27.75
N ASP B 259 -14.83 0.88 -28.14
CA ASP B 259 -15.43 2.08 -28.70
C ASP B 259 -15.96 1.80 -30.10
N VAL B 260 -17.20 2.18 -30.33
CA VAL B 260 -17.85 1.93 -31.62
C VAL B 260 -18.16 3.25 -32.36
N PRO B 261 -17.37 3.60 -33.37
CA PRO B 261 -17.71 4.86 -34.04
C PRO B 261 -19.09 4.78 -34.70
N ASP B 262 -19.71 5.93 -34.87
CA ASP B 262 -21.00 6.02 -35.50
C ASP B 262 -20.97 5.39 -36.89
N GLY B 263 -22.00 4.63 -37.21
CA GLY B 263 -22.03 3.98 -38.52
C GLY B 263 -21.13 2.76 -38.74
N PHE B 264 -20.75 2.05 -37.67
CA PHE B 264 -19.96 0.83 -37.83
C PHE B 264 -20.84 -0.28 -37.30
N PHE B 265 -20.85 -1.41 -38.00
CA PHE B 265 -21.73 -2.53 -37.63
C PHE B 265 -21.09 -3.92 -37.43
N CYS B 266 -21.84 -4.84 -36.82
CA CYS B 266 -21.34 -6.19 -36.68
C CYS B 266 -21.46 -6.79 -38.09
N GLU B 267 -20.67 -7.81 -38.37
CA GLU B 267 -20.59 -8.47 -39.68
C GLU B 267 -21.65 -9.48 -40.05
N ARG B 268 -21.93 -9.54 -41.35
CA ARG B 268 -22.85 -10.52 -41.85
C ARG B 268 -22.15 -11.86 -41.63
N ARG B 269 -22.92 -12.88 -41.24
CA ARG B 269 -22.43 -14.25 -41.02
C ARG B 269 -23.21 -15.16 -41.97
N ARG B 270 -22.52 -16.13 -42.56
CA ARG B 270 -23.16 -17.02 -43.51
C ARG B 270 -22.89 -18.45 -43.07
N THR B 271 -23.83 -19.34 -43.34
CA THR B 271 -23.62 -20.72 -42.97
C THR B 271 -22.60 -21.33 -43.92
N ALA B 272 -21.75 -22.19 -43.37
CA ALA B 272 -20.76 -22.92 -44.15
C ALA B 272 -20.84 -24.33 -43.59
N MET B 273 -20.63 -25.34 -44.42
CA MET B 273 -20.75 -26.69 -43.94
C MET B 273 -19.53 -27.52 -44.20
N GLY B 274 -19.06 -28.21 -43.15
CA GLY B 274 -17.90 -29.09 -43.29
C GLY B 274 -18.43 -30.50 -43.50
N GLY B 275 -18.03 -31.16 -44.58
CA GLY B 275 -18.52 -32.50 -44.85
C GLY B 275 -17.77 -33.61 -44.15
N PRO B 276 -18.42 -34.76 -43.92
CA PRO B 276 -17.73 -35.87 -43.25
C PRO B 276 -16.70 -36.33 -44.28
N PHE B 277 -15.41 -36.12 -43.99
CA PHE B 277 -14.36 -36.41 -44.98
C PHE B 277 -14.35 -37.80 -45.60
N ALA B 278 -14.68 -38.85 -44.84
CA ALA B 278 -14.70 -40.20 -45.43
C ALA B 278 -15.70 -40.27 -46.57
N LEU B 279 -16.80 -39.54 -46.46
CA LEU B 279 -17.80 -39.52 -47.53
C LEU B 279 -17.35 -38.61 -48.68
N ASN B 280 -16.78 -37.46 -48.34
CA ASN B 280 -16.32 -36.53 -49.39
C ASN B 280 -15.16 -37.02 -50.28
N ALA B 281 -14.24 -37.78 -49.69
CA ALA B 281 -13.07 -38.25 -50.44
C ALA B 281 -13.42 -38.98 -51.73
N PRO B 282 -14.33 -39.98 -51.67
CA PRO B 282 -14.66 -40.65 -52.94
C PRO B 282 -15.40 -39.76 -53.93
N ILE B 283 -16.03 -38.69 -53.45
CA ILE B 283 -16.72 -37.76 -54.34
C ILE B 283 -15.67 -36.82 -54.97
N MET B 284 -14.75 -36.34 -54.14
CA MET B 284 -13.69 -35.45 -54.61
C MET B 284 -12.82 -36.11 -55.71
N ALA B 285 -12.60 -37.42 -55.59
CA ALA B 285 -11.78 -38.15 -56.55
C ALA B 285 -12.38 -38.15 -57.94
N VAL B 286 -13.69 -37.93 -58.04
CA VAL B 286 -14.35 -37.88 -59.35
C VAL B 286 -14.48 -36.42 -59.74
N ALA B 287 -14.71 -35.56 -58.74
CA ALA B 287 -14.88 -34.16 -59.02
C ALA B 287 -13.70 -33.48 -59.69
N GLN B 288 -12.47 -33.79 -59.26
CA GLN B 288 -11.36 -33.10 -59.91
C GLN B 288 -11.24 -33.49 -61.39
N PRO B 289 -11.38 -34.79 -61.70
CA PRO B 289 -11.30 -35.18 -63.13
C PRO B 289 -12.36 -34.44 -63.94
N VAL B 290 -13.56 -34.25 -63.37
CA VAL B 290 -14.62 -33.53 -64.07
C VAL B 290 -14.19 -32.09 -64.34
N ARG B 291 -13.64 -31.44 -63.32
CA ARG B 291 -13.16 -30.06 -63.50
C ARG B 291 -12.11 -30.02 -64.62
N ASN B 292 -11.19 -30.98 -64.59
CA ASN B 292 -10.16 -31.00 -65.61
C ASN B 292 -10.76 -31.12 -66.99
N LYS B 293 -11.86 -31.87 -67.12
CA LYS B 293 -12.48 -32.01 -68.43
C LYS B 293 -13.18 -30.70 -68.83
N ILE B 294 -14.10 -30.20 -68.01
CA ILE B 294 -14.77 -28.98 -68.41
C ILE B 294 -13.88 -27.75 -68.56
N TYR B 295 -12.76 -27.69 -67.83
CA TYR B 295 -11.86 -26.55 -67.95
C TYR B 295 -10.92 -26.67 -69.13
N SER B 296 -10.90 -27.85 -69.77
CA SER B 296 -10.08 -28.08 -70.96
C SER B 296 -10.97 -28.11 -72.21
N LYS B 297 -11.77 -29.15 -72.36
CA LYS B 297 -12.65 -29.27 -73.53
C LYS B 297 -13.66 -28.14 -73.63
N TYR B 298 -14.22 -27.75 -72.50
CA TYR B 298 -15.19 -26.65 -72.53
C TYR B 298 -14.65 -25.40 -71.87
N ALA B 299 -13.36 -25.16 -72.08
CA ALA B 299 -12.69 -23.98 -71.51
C ALA B 299 -13.39 -22.68 -71.85
N TYR B 300 -13.95 -22.61 -73.05
CA TYR B 300 -14.62 -21.38 -73.47
C TYR B 300 -15.65 -20.88 -72.43
N THR B 301 -16.60 -21.73 -72.07
CA THR B 301 -17.61 -21.29 -71.14
C THR B 301 -17.20 -21.43 -69.68
N PHE B 302 -16.32 -22.39 -69.37
CA PHE B 302 -15.93 -22.64 -67.98
C PHE B 302 -14.54 -22.27 -67.42
N HIS B 303 -13.52 -22.10 -68.24
CA HIS B 303 -12.21 -21.78 -67.69
C HIS B 303 -11.93 -20.29 -67.71
N HIS B 304 -11.94 -19.67 -66.54
CA HIS B 304 -11.73 -18.24 -66.44
C HIS B 304 -10.54 -17.88 -65.55
N THR B 305 -9.60 -17.14 -66.14
CA THR B 305 -8.36 -16.76 -65.45
C THR B 305 -8.19 -15.27 -65.28
N THR B 306 -7.62 -14.61 -66.30
CA THR B 306 -7.37 -13.18 -66.25
C THR B 306 -8.45 -12.30 -66.85
N ARG B 307 -8.34 -11.01 -66.59
CA ARG B 307 -9.31 -10.06 -67.13
C ARG B 307 -9.25 -10.13 -68.66
N LEU B 308 -8.05 -10.30 -69.20
CA LEU B 308 -7.93 -10.37 -70.65
C LEU B 308 -8.52 -11.66 -71.21
N ASN B 309 -8.34 -12.75 -70.48
CA ASN B 309 -8.90 -14.04 -70.86
C ASN B 309 -10.41 -13.87 -71.05
N LYS B 310 -11.07 -13.21 -70.09
CA LYS B 310 -12.51 -12.96 -70.18
C LYS B 310 -12.79 -12.00 -71.32
N GLU B 311 -12.00 -10.94 -71.37
CA GLU B 311 -12.19 -9.91 -72.38
C GLU B 311 -12.19 -10.40 -73.84
N GLU B 312 -11.27 -11.27 -74.20
CA GLU B 312 -11.21 -11.73 -75.58
C GLU B 312 -12.54 -12.33 -76.03
N LYS B 313 -13.20 -13.07 -75.14
CA LYS B 313 -14.49 -13.69 -75.46
C LYS B 313 -15.64 -12.69 -75.59
N VAL B 314 -15.80 -11.86 -74.57
CA VAL B 314 -16.89 -10.88 -74.56
C VAL B 314 -16.83 -9.85 -75.69
N LYS B 315 -15.60 -9.49 -76.09
CA LYS B 315 -15.36 -8.52 -77.15
C LYS B 315 -16.07 -8.93 -78.44
N GLU B 316 -16.07 -10.23 -78.74
CA GLU B 316 -16.71 -10.75 -79.94
C GLU B 316 -18.23 -10.72 -79.92
N TRP B 317 -18.81 -10.42 -78.76
CA TRP B 317 -20.27 -10.42 -78.67
C TRP B 317 -20.89 -9.11 -79.09
N SER B 318 -22.11 -9.18 -79.62
CA SER B 318 -22.84 -7.99 -79.99
C SER B 318 -23.63 -7.49 -78.78
N LEU B 319 -23.94 -8.42 -77.86
CA LEU B 319 -24.68 -8.09 -76.63
C LEU B 319 -24.16 -8.97 -75.50
N CYS B 320 -24.03 -8.36 -74.33
CA CYS B 320 -23.52 -9.06 -73.15
C CYS B 320 -24.47 -8.78 -72.00
N VAL B 321 -25.09 -9.81 -71.45
CA VAL B 321 -26.03 -9.60 -70.35
C VAL B 321 -25.42 -10.20 -69.08
N ALA B 322 -25.08 -9.35 -68.12
CA ALA B 322 -24.49 -9.78 -66.84
C ALA B 322 -25.63 -10.18 -65.91
N THR B 323 -25.75 -11.46 -65.59
CA THR B 323 -26.84 -11.92 -64.72
C THR B 323 -26.48 -12.06 -63.25
N ASP B 324 -27.52 -12.17 -62.43
CA ASP B 324 -27.43 -12.35 -61.00
C ASP B 324 -28.44 -13.47 -60.60
N VAL B 325 -28.08 -14.29 -59.61
CA VAL B 325 -28.99 -15.33 -59.13
C VAL B 325 -29.19 -15.05 -57.64
N SER B 326 -30.43 -15.11 -57.18
CA SER B 326 -30.65 -14.88 -55.76
C SER B 326 -30.43 -16.16 -54.94
N ASP B 327 -29.67 -16.03 -53.86
CA ASP B 327 -29.45 -17.12 -52.88
C ASP B 327 -29.33 -18.50 -53.54
N HIS B 328 -28.36 -18.63 -54.42
CA HIS B 328 -28.17 -19.85 -55.19
C HIS B 328 -28.14 -21.17 -54.42
N ASP B 329 -27.31 -21.25 -53.39
CA ASP B 329 -27.20 -22.52 -52.68
C ASP B 329 -28.47 -23.00 -51.99
N THR B 330 -29.18 -22.10 -51.34
CA THR B 330 -30.38 -22.51 -50.63
C THR B 330 -31.54 -22.83 -51.58
N PHE B 331 -31.50 -22.27 -52.80
CA PHE B 331 -32.56 -22.54 -53.81
C PHE B 331 -32.23 -23.75 -54.68
N TRP B 332 -30.95 -24.20 -54.67
CA TRP B 332 -30.52 -25.32 -55.52
C TRP B 332 -31.50 -26.49 -55.33
N PRO B 333 -32.04 -27.02 -56.43
CA PRO B 333 -33.02 -28.13 -56.35
C PRO B 333 -32.59 -29.57 -56.20
N GLY B 334 -33.18 -30.23 -55.21
CA GLY B 334 -32.92 -31.63 -54.98
C GLY B 334 -33.34 -32.49 -56.19
N TRP B 335 -34.31 -32.02 -56.99
CA TRP B 335 -34.71 -32.80 -58.15
C TRP B 335 -33.53 -32.87 -59.15
N LEU B 336 -32.67 -31.86 -59.14
CA LEU B 336 -31.51 -31.94 -60.03
C LEU B 336 -30.50 -32.98 -59.50
N ARG B 337 -30.37 -33.09 -58.17
CA ARG B 337 -29.49 -34.10 -57.60
C ARG B 337 -30.02 -35.46 -58.12
N ASP B 338 -31.32 -35.66 -58.03
CA ASP B 338 -31.89 -36.91 -58.49
C ASP B 338 -31.78 -37.15 -59.99
N LEU B 339 -31.92 -36.10 -60.78
CA LEU B 339 -31.79 -36.24 -62.22
C LEU B 339 -30.34 -36.59 -62.54
N ILE B 340 -29.41 -35.92 -61.88
CA ILE B 340 -28.01 -36.18 -62.13
C ILE B 340 -27.66 -37.62 -61.82
N CYS B 341 -28.11 -38.10 -60.67
CA CYS B 341 -27.84 -39.48 -60.26
C CYS B 341 -28.46 -40.46 -61.24
N ASP B 342 -29.68 -40.18 -61.67
CA ASP B 342 -30.36 -41.09 -62.59
C ASP B 342 -29.57 -41.20 -63.89
N GLU B 343 -29.10 -40.07 -64.42
CA GLU B 343 -28.36 -40.08 -65.67
C GLU B 343 -26.97 -40.72 -65.51
N LEU B 344 -26.33 -40.56 -64.35
CA LEU B 344 -25.04 -41.19 -64.12
C LEU B 344 -25.25 -42.71 -64.16
N LEU B 345 -26.35 -43.18 -63.57
CA LEU B 345 -26.63 -44.60 -63.60
C LEU B 345 -26.83 -45.05 -65.07
N ASN B 346 -27.57 -44.25 -65.85
CA ASN B 346 -27.82 -44.58 -67.25
C ASN B 346 -26.49 -44.68 -67.99
N MET B 347 -25.57 -43.78 -67.65
CA MET B 347 -24.26 -43.80 -68.30
C MET B 347 -23.41 -45.00 -67.91
N GLY B 348 -23.81 -45.75 -66.89
CA GLY B 348 -23.01 -46.90 -66.46
C GLY B 348 -22.13 -46.69 -65.24
N TYR B 349 -22.29 -45.55 -64.54
CA TYR B 349 -21.51 -45.29 -63.32
C TYR B 349 -21.86 -46.33 -62.25
N ALA B 350 -20.87 -46.73 -61.43
CA ALA B 350 -21.11 -47.68 -60.36
C ALA B 350 -22.29 -47.22 -59.49
N PRO B 351 -23.30 -48.09 -59.30
CA PRO B 351 -24.46 -47.72 -58.49
C PRO B 351 -24.08 -47.33 -57.05
N TRP B 352 -23.10 -48.02 -56.48
CA TRP B 352 -22.68 -47.69 -55.13
C TRP B 352 -22.10 -46.28 -55.02
N TRP B 353 -21.41 -45.86 -56.07
CA TRP B 353 -20.80 -44.53 -56.04
C TRP B 353 -21.89 -43.48 -56.20
N VAL B 354 -22.83 -43.74 -57.11
CA VAL B 354 -23.93 -42.81 -57.32
C VAL B 354 -24.69 -42.65 -56.01
N LYS B 355 -24.87 -43.77 -55.29
CA LYS B 355 -25.61 -43.74 -54.04
C LYS B 355 -24.89 -42.86 -53.00
N LEU B 356 -23.56 -42.94 -52.98
CA LEU B 356 -22.77 -42.12 -52.05
C LEU B 356 -22.99 -40.67 -52.42
N PHE B 357 -22.94 -40.36 -53.72
CA PHE B 357 -23.10 -39.00 -54.21
C PHE B 357 -24.50 -38.48 -53.83
N GLU B 358 -25.52 -39.27 -54.13
CA GLU B 358 -26.89 -38.90 -53.78
C GLU B 358 -27.02 -38.59 -52.28
N THR B 359 -26.48 -39.48 -51.46
CA THR B 359 -26.61 -39.34 -50.01
C THR B 359 -25.91 -38.09 -49.50
N SER B 360 -24.80 -37.72 -50.14
CA SER B 360 -24.06 -36.52 -49.72
C SER B 360 -24.89 -35.24 -49.94
N LEU B 361 -25.91 -35.31 -50.79
CA LEU B 361 -26.78 -34.14 -51.04
C LEU B 361 -28.16 -34.28 -50.33
N LYS B 362 -28.23 -35.15 -49.32
CA LYS B 362 -29.48 -35.35 -48.54
C LYS B 362 -29.16 -35.47 -47.04
N LEU B 363 -27.90 -35.30 -46.73
CA LEU B 363 -27.40 -35.46 -45.38
C LEU B 363 -27.88 -34.51 -44.31
N PRO B 364 -28.04 -35.02 -43.07
CA PRO B 364 -28.47 -34.17 -41.95
C PRO B 364 -27.38 -33.09 -41.71
N VAL B 365 -27.69 -32.09 -40.89
CA VAL B 365 -26.72 -31.03 -40.58
C VAL B 365 -26.72 -30.78 -39.08
N TYR B 366 -25.52 -30.64 -38.52
CA TYR B 366 -25.36 -30.40 -37.10
C TYR B 366 -25.05 -28.92 -36.92
N VAL B 367 -25.97 -28.21 -36.27
CA VAL B 367 -25.84 -26.77 -36.05
C VAL B 367 -25.06 -26.50 -34.75
N GLY B 368 -23.93 -25.82 -34.89
CA GLY B 368 -23.11 -25.51 -33.74
C GLY B 368 -23.61 -24.37 -32.88
N ALA B 369 -23.25 -23.14 -33.24
CA ALA B 369 -23.63 -22.01 -32.43
C ALA B 369 -23.97 -20.76 -33.24
N PRO B 370 -25.25 -20.57 -33.58
CA PRO B 370 -25.70 -19.40 -34.36
C PRO B 370 -25.71 -18.14 -33.53
N ALA B 371 -25.75 -18.32 -32.21
CA ALA B 371 -25.82 -17.20 -31.27
C ALA B 371 -25.57 -17.71 -29.86
N PRO B 372 -25.41 -16.79 -28.91
CA PRO B 372 -25.17 -17.22 -27.53
C PRO B 372 -26.39 -18.04 -27.06
N GLU B 373 -26.16 -19.10 -26.31
CA GLU B 373 -27.25 -19.93 -25.77
C GLU B 373 -28.13 -20.65 -26.82
N GLN B 374 -27.64 -20.78 -28.05
CA GLN B 374 -28.41 -21.45 -29.09
C GLN B 374 -27.53 -22.42 -29.86
N GLY B 375 -28.13 -23.47 -30.41
CA GLY B 375 -27.34 -24.40 -31.19
C GLY B 375 -27.23 -25.81 -30.67
N HIS B 376 -26.13 -26.46 -31.04
CA HIS B 376 -25.80 -27.83 -30.65
C HIS B 376 -26.99 -28.73 -30.89
N THR B 377 -27.48 -28.70 -32.12
CA THR B 377 -28.64 -29.48 -32.49
C THR B 377 -28.47 -30.13 -33.85
N LEU B 378 -28.80 -31.42 -33.93
CA LEU B 378 -28.74 -32.13 -35.19
C LEU B 378 -30.10 -31.98 -35.88
N LEU B 379 -30.08 -31.58 -37.16
CA LEU B 379 -31.30 -31.45 -37.93
C LEU B 379 -31.27 -32.62 -38.92
N GLY B 380 -32.31 -33.46 -38.90
CA GLY B 380 -32.36 -34.59 -39.80
C GLY B 380 -31.88 -35.86 -39.13
N ASP B 381 -32.37 -36.99 -39.62
CA ASP B 381 -32.01 -38.29 -39.06
C ASP B 381 -30.96 -38.99 -39.89
N PRO B 382 -29.76 -39.17 -39.36
CA PRO B 382 -28.70 -39.85 -40.11
C PRO B 382 -29.07 -41.27 -40.54
N SER B 383 -30.04 -41.90 -39.87
CA SER B 383 -30.40 -43.27 -40.25
C SER B 383 -31.10 -43.31 -41.63
N ASN B 384 -31.67 -42.20 -42.04
CA ASN B 384 -32.28 -42.12 -43.36
C ASN B 384 -32.18 -40.70 -43.90
N PRO B 385 -31.02 -40.37 -44.46
CA PRO B 385 -30.80 -39.02 -44.99
C PRO B 385 -31.94 -38.59 -45.92
N ASP B 386 -32.65 -37.54 -45.53
CA ASP B 386 -33.75 -37.07 -46.35
C ASP B 386 -33.91 -35.54 -46.36
N LEU B 387 -32.83 -34.82 -46.08
CA LEU B 387 -32.91 -33.34 -46.09
C LEU B 387 -32.88 -32.75 -47.53
N GLU B 388 -33.37 -31.52 -47.66
CA GLU B 388 -33.40 -30.81 -48.96
C GLU B 388 -32.88 -29.41 -48.62
N VAL B 389 -31.66 -29.33 -48.13
CA VAL B 389 -31.11 -28.01 -47.74
C VAL B 389 -30.70 -27.18 -48.97
N GLY B 390 -30.71 -27.80 -50.14
CA GLY B 390 -30.25 -27.11 -51.32
C GLY B 390 -28.85 -27.69 -51.57
N LEU B 391 -27.86 -26.84 -51.77
CA LEU B 391 -26.50 -27.31 -52.05
C LEU B 391 -25.62 -27.08 -50.81
N SER B 392 -25.07 -28.14 -50.22
CA SER B 392 -24.20 -27.99 -49.02
C SER B 392 -22.80 -27.52 -49.40
N SER B 393 -22.30 -26.47 -48.77
CA SER B 393 -20.97 -25.97 -49.15
C SER B 393 -19.79 -26.94 -49.02
N GLY B 394 -19.88 -27.88 -48.10
CA GLY B 394 -18.76 -28.80 -47.96
C GLY B 394 -18.88 -30.10 -48.74
N GLN B 395 -19.88 -30.20 -49.61
CA GLN B 395 -20.04 -31.41 -50.41
C GLN B 395 -18.89 -31.36 -51.42
N GLY B 396 -18.24 -32.49 -51.65
CA GLY B 396 -17.09 -32.49 -52.55
C GLY B 396 -17.21 -31.99 -53.99
N ALA B 397 -18.43 -31.70 -54.43
CA ALA B 397 -18.60 -31.26 -55.79
C ALA B 397 -19.54 -30.05 -55.90
N THR B 398 -19.66 -29.25 -54.85
CA THR B 398 -20.58 -28.13 -54.89
C THR B 398 -20.37 -27.15 -56.03
N ASP B 399 -19.12 -26.92 -56.42
CA ASP B 399 -18.91 -25.98 -57.52
C ASP B 399 -19.51 -26.58 -58.79
N LEU B 400 -19.29 -27.87 -59.02
CA LEU B 400 -19.82 -28.49 -60.21
C LEU B 400 -21.36 -28.53 -60.23
N MET B 401 -21.96 -28.73 -59.07
CA MET B 401 -23.42 -28.80 -59.00
C MET B 401 -24.02 -27.45 -59.37
N GLY B 402 -23.43 -26.39 -58.86
CA GLY B 402 -23.93 -25.07 -59.19
C GLY B 402 -23.68 -24.74 -60.65
N THR B 403 -22.51 -25.12 -61.18
CA THR B 403 -22.20 -24.81 -62.56
C THR B 403 -23.15 -25.52 -63.53
N LEU B 404 -23.44 -26.80 -63.26
CA LEU B 404 -24.34 -27.59 -64.10
C LEU B 404 -25.74 -26.99 -64.09
N LEU B 405 -26.26 -26.70 -62.90
CA LEU B 405 -27.58 -26.10 -62.81
C LEU B 405 -27.65 -24.77 -63.57
N MET B 406 -26.74 -23.87 -63.23
CA MET B 406 -26.80 -22.54 -63.83
C MET B 406 -26.46 -22.49 -65.30
N SER B 407 -25.46 -23.24 -65.74
CA SER B 407 -25.13 -23.20 -67.16
C SER B 407 -26.37 -23.60 -67.99
N ILE B 408 -27.07 -24.68 -67.62
CA ILE B 408 -28.26 -25.08 -68.40
C ILE B 408 -29.40 -24.07 -68.21
N THR B 409 -29.53 -23.53 -67.01
CA THR B 409 -30.57 -22.55 -66.74
C THR B 409 -30.36 -21.33 -67.64
N TYR B 410 -29.12 -20.89 -67.82
CA TYR B 410 -28.88 -19.71 -68.68
C TYR B 410 -29.14 -20.06 -70.15
N LEU B 411 -28.67 -21.23 -70.57
CA LEU B 411 -28.90 -21.70 -71.94
C LEU B 411 -30.40 -21.69 -72.19
N VAL B 412 -31.18 -22.29 -71.27
CA VAL B 412 -32.64 -22.32 -71.42
C VAL B 412 -33.25 -20.93 -71.54
N MET B 413 -32.74 -19.99 -70.74
CA MET B 413 -33.22 -18.63 -70.81
C MET B 413 -32.98 -18.08 -72.23
N GLN B 414 -31.81 -18.39 -72.82
CA GLN B 414 -31.54 -17.90 -74.19
C GLN B 414 -32.47 -18.57 -75.22
N LEU B 415 -32.69 -19.87 -75.07
CA LEU B 415 -33.57 -20.59 -75.98
C LEU B 415 -35.01 -20.09 -75.89
N ASP B 416 -35.52 -19.96 -74.66
CA ASP B 416 -36.89 -19.52 -74.44
C ASP B 416 -37.18 -18.14 -74.93
N HIS B 417 -36.30 -17.19 -74.64
CA HIS B 417 -36.59 -15.80 -75.00
C HIS B 417 -35.92 -15.24 -76.23
N THR B 418 -34.98 -15.96 -76.81
CA THR B 418 -34.26 -15.44 -77.96
C THR B 418 -33.95 -16.42 -79.09
N ALA B 419 -33.94 -17.71 -78.82
CA ALA B 419 -33.56 -18.59 -79.91
C ALA B 419 -34.42 -19.83 -80.11
N PRO B 420 -35.74 -19.64 -80.29
CA PRO B 420 -36.61 -20.80 -80.49
C PRO B 420 -36.25 -21.60 -81.77
N HIS B 421 -35.57 -20.93 -82.71
CA HIS B 421 -35.15 -21.55 -83.95
C HIS B 421 -34.08 -22.62 -83.72
N LEU B 422 -33.55 -22.69 -82.51
CA LEU B 422 -32.55 -23.71 -82.19
C LEU B 422 -33.16 -24.94 -81.55
N ASN B 423 -34.42 -24.85 -81.13
CA ASN B 423 -35.03 -26.01 -80.46
C ASN B 423 -35.04 -27.27 -81.31
N SER B 424 -35.15 -27.11 -82.63
CA SER B 424 -35.17 -28.27 -83.50
C SER B 424 -33.86 -29.06 -83.48
N ARG B 425 -32.80 -28.46 -82.95
CA ARG B 425 -31.52 -29.16 -82.88
C ARG B 425 -31.47 -30.06 -81.65
N ILE B 426 -32.51 -30.02 -80.82
CA ILE B 426 -32.56 -30.81 -79.59
C ILE B 426 -33.77 -31.73 -79.63
N LYS B 427 -33.58 -32.90 -80.23
CA LYS B 427 -34.65 -33.87 -80.39
C LYS B 427 -34.55 -35.10 -79.50
N ASP B 428 -33.34 -35.48 -79.15
CA ASP B 428 -33.12 -36.67 -78.33
C ASP B 428 -31.79 -36.51 -77.63
N MET B 429 -31.35 -37.51 -76.89
CA MET B 429 -30.10 -37.36 -76.17
C MET B 429 -28.89 -37.13 -77.07
N PRO B 430 -28.73 -37.93 -78.15
CA PRO B 430 -27.57 -37.70 -79.01
C PRO B 430 -27.49 -36.29 -79.56
N SER B 431 -28.61 -35.77 -80.07
CA SER B 431 -28.61 -34.41 -80.60
C SER B 431 -28.46 -33.37 -79.48
N ALA B 432 -29.03 -33.62 -78.31
CA ALA B 432 -28.90 -32.66 -77.20
C ALA B 432 -27.41 -32.54 -76.84
N CYS B 433 -26.74 -33.68 -76.73
CA CYS B 433 -25.31 -33.74 -76.43
C CYS B 433 -24.50 -32.99 -77.49
N ARG B 434 -24.78 -33.22 -78.77
CA ARG B 434 -24.05 -32.51 -79.84
C ARG B 434 -24.32 -31.03 -79.77
N PHE B 435 -25.57 -30.64 -79.56
CA PHE B 435 -25.87 -29.21 -79.47
C PHE B 435 -25.19 -28.53 -78.26
N LEU B 436 -25.26 -29.18 -77.09
CA LEU B 436 -24.66 -28.60 -75.88
C LEU B 436 -23.13 -28.56 -76.03
N ASP B 437 -22.56 -29.60 -76.61
CA ASP B 437 -21.12 -29.66 -76.83
C ASP B 437 -20.69 -28.46 -77.66
N SER B 438 -21.45 -28.14 -78.71
CA SER B 438 -21.12 -27.00 -79.57
C SER B 438 -21.32 -25.68 -78.82
N TYR B 439 -22.42 -25.62 -78.07
CA TYR B 439 -22.73 -24.44 -77.30
C TYR B 439 -21.65 -24.15 -76.26
N TRP B 440 -21.22 -25.17 -75.52
CA TRP B 440 -20.21 -24.95 -74.48
C TRP B 440 -18.84 -24.59 -75.05
N GLN B 441 -18.59 -24.86 -76.34
CA GLN B 441 -17.30 -24.48 -76.93
C GLN B 441 -17.36 -23.08 -77.53
N GLY B 442 -18.50 -22.43 -77.38
CA GLY B 442 -18.65 -21.09 -77.91
C GLY B 442 -18.88 -21.06 -79.41
N HIS B 443 -19.34 -22.17 -79.97
CA HIS B 443 -19.60 -22.26 -81.41
C HIS B 443 -20.99 -21.86 -81.91
N GLU B 444 -21.91 -21.49 -81.02
CA GLU B 444 -23.24 -21.10 -81.48
C GLU B 444 -23.37 -19.58 -81.41
N GLU B 445 -24.47 -19.06 -81.94
CA GLU B 445 -24.69 -17.61 -81.96
C GLU B 445 -25.08 -17.11 -80.58
N ILE B 446 -25.49 -18.03 -79.70
CA ILE B 446 -25.77 -17.65 -78.31
C ILE B 446 -24.59 -18.29 -77.56
N ARG B 447 -24.07 -17.56 -76.58
CA ARG B 447 -22.92 -18.05 -75.84
C ARG B 447 -23.04 -17.65 -74.39
N GLN B 448 -22.11 -18.13 -73.59
CA GLN B 448 -22.05 -17.80 -72.17
C GLN B 448 -20.70 -18.12 -71.56
N ILE B 449 -20.35 -17.35 -70.54
CA ILE B 449 -19.18 -17.65 -69.74
C ILE B 449 -19.80 -17.69 -68.33
N SER B 450 -19.50 -18.75 -67.59
CA SER B 450 -20.10 -18.86 -66.27
C SER B 450 -19.31 -19.69 -65.29
N LYS B 451 -19.70 -19.56 -64.05
CA LYS B 451 -19.15 -20.32 -62.95
C LYS B 451 -20.20 -20.19 -61.84
N SER B 452 -20.88 -21.28 -61.53
CA SER B 452 -21.92 -21.30 -60.50
C SER B 452 -22.93 -20.19 -60.73
N ASP B 453 -23.10 -19.32 -59.74
CA ASP B 453 -24.05 -18.24 -59.88
C ASP B 453 -23.55 -16.92 -60.50
N ASP B 454 -22.40 -16.94 -61.16
CA ASP B 454 -21.93 -15.73 -61.83
C ASP B 454 -21.81 -16.03 -63.32
N ALA B 455 -22.27 -15.12 -64.16
CA ALA B 455 -22.17 -15.38 -65.60
C ALA B 455 -22.43 -14.17 -66.46
N MET B 456 -21.98 -14.27 -67.70
CA MET B 456 -22.28 -13.27 -68.66
C MET B 456 -22.82 -14.05 -69.86
N LEU B 457 -23.97 -13.62 -70.36
CA LEU B 457 -24.61 -14.30 -71.47
C LEU B 457 -24.39 -13.46 -72.72
N GLY B 458 -24.02 -14.12 -73.81
CA GLY B 458 -23.76 -13.40 -75.04
C GLY B 458 -24.53 -13.82 -76.28
N TRP B 459 -24.64 -12.85 -77.18
CA TRP B 459 -25.28 -13.00 -78.49
C TRP B 459 -24.38 -12.36 -79.52
N THR B 460 -24.11 -13.10 -80.59
CA THR B 460 -23.33 -12.55 -81.70
C THR B 460 -24.41 -12.04 -82.66
N LYS B 461 -23.99 -11.63 -83.86
CA LYS B 461 -24.95 -11.19 -84.87
C LYS B 461 -25.72 -12.43 -85.25
N GLY B 462 -27.00 -12.27 -85.53
CA GLY B 462 -27.81 -13.42 -85.91
C GLY B 462 -29.29 -13.27 -85.57
N ARG B 463 -30.06 -14.34 -85.77
CA ARG B 463 -31.50 -14.33 -85.48
C ARG B 463 -31.87 -14.19 -84.01
N ALA B 464 -30.98 -14.64 -83.13
CA ALA B 464 -31.25 -14.56 -81.70
C ALA B 464 -30.97 -13.17 -81.11
N LEU B 465 -30.17 -12.36 -81.80
CA LEU B 465 -29.82 -11.05 -81.27
C LEU B 465 -30.99 -10.14 -80.90
N VAL B 466 -32.00 -10.07 -81.77
CA VAL B 466 -33.15 -9.22 -81.49
C VAL B 466 -33.82 -9.70 -80.20
N GLY B 467 -33.92 -11.02 -80.03
CA GLY B 467 -34.49 -11.56 -78.81
C GLY B 467 -33.61 -11.23 -77.61
N GLY B 468 -32.29 -11.26 -77.80
CA GLY B 468 -31.35 -10.94 -76.73
C GLY B 468 -31.65 -9.57 -76.13
N HIS B 469 -31.88 -8.59 -77.00
CA HIS B 469 -32.21 -7.26 -76.53
C HIS B 469 -33.53 -7.24 -75.75
N ARG B 470 -34.53 -7.97 -76.22
CA ARG B 470 -35.80 -8.02 -75.52
C ARG B 470 -35.62 -8.61 -74.11
N LEU B 471 -34.79 -9.65 -74.00
CA LEU B 471 -34.55 -10.30 -72.70
C LEU B 471 -33.86 -9.33 -71.73
N PHE B 472 -32.87 -8.60 -72.24
CA PHE B 472 -32.15 -7.63 -71.44
C PHE B 472 -33.17 -6.59 -70.96
N GLU B 473 -34.03 -6.14 -71.86
CA GLU B 473 -35.08 -5.20 -71.48
C GLU B 473 -36.02 -5.81 -70.41
N MET B 474 -36.35 -7.09 -70.56
CA MET B 474 -37.23 -7.75 -69.58
C MET B 474 -36.53 -7.73 -68.21
N LEU B 475 -35.25 -8.06 -68.19
CA LEU B 475 -34.48 -8.05 -66.95
C LEU B 475 -34.47 -6.65 -66.35
N LYS B 476 -34.24 -5.64 -67.19
CA LYS B 476 -34.22 -4.26 -66.69
C LYS B 476 -35.55 -3.88 -66.05
N GLU B 477 -36.67 -4.24 -66.68
CA GLU B 477 -37.97 -3.93 -66.11
C GLU B 477 -38.09 -4.65 -64.77
N GLY B 478 -37.48 -5.82 -64.66
CA GLY B 478 -37.51 -6.56 -63.40
C GLY B 478 -38.84 -6.93 -62.79
N LYS B 479 -39.85 -7.23 -63.61
CA LYS B 479 -41.16 -7.60 -63.08
C LYS B 479 -41.41 -9.09 -63.27
N VAL B 480 -40.78 -9.70 -64.26
CA VAL B 480 -40.99 -11.13 -64.53
C VAL B 480 -39.68 -11.92 -64.51
N ASN B 481 -39.67 -13.02 -63.75
CA ASN B 481 -38.48 -13.88 -63.70
C ASN B 481 -38.35 -14.55 -65.07
N PRO B 482 -37.20 -14.39 -65.75
CA PRO B 482 -37.05 -15.01 -67.08
C PRO B 482 -36.87 -16.51 -67.10
N SER B 483 -36.63 -17.10 -65.91
CA SER B 483 -36.41 -18.54 -65.78
C SER B 483 -37.39 -19.23 -64.85
N PRO B 484 -37.74 -20.48 -65.15
CA PRO B 484 -38.66 -21.22 -64.26
C PRO B 484 -37.88 -21.91 -63.13
N TYR B 485 -36.54 -21.93 -63.25
CA TYR B 485 -35.68 -22.68 -62.32
C TYR B 485 -35.06 -21.98 -61.11
N MET B 486 -34.61 -20.74 -61.29
CA MET B 486 -34.00 -19.96 -60.22
C MET B 486 -34.45 -18.51 -60.41
N LYS B 487 -34.21 -17.67 -59.40
CA LYS B 487 -34.60 -16.26 -59.49
C LYS B 487 -33.44 -15.50 -60.14
N ILE B 488 -33.65 -15.15 -61.40
CA ILE B 488 -32.63 -14.47 -62.19
C ILE B 488 -32.97 -13.00 -62.36
N SER B 489 -31.94 -12.16 -62.26
CA SER B 489 -32.11 -10.72 -62.45
C SER B 489 -30.82 -10.23 -63.15
N TYR B 490 -30.70 -8.93 -63.43
CA TYR B 490 -29.45 -8.46 -64.04
C TYR B 490 -28.57 -7.93 -62.89
N GLU B 491 -27.25 -8.07 -63.01
CA GLU B 491 -26.38 -7.60 -61.94
C GLU B 491 -26.28 -6.08 -62.03
N HIS B 492 -26.43 -5.40 -60.90
CA HIS B 492 -26.33 -3.95 -60.90
C HIS B 492 -24.85 -3.63 -60.86
N GLY B 493 -24.29 -3.37 -62.03
CA GLY B 493 -22.85 -3.11 -62.12
C GLY B 493 -22.28 -4.46 -62.53
N GLY B 494 -22.54 -4.84 -63.77
CA GLY B 494 -22.10 -6.13 -64.28
C GLY B 494 -20.64 -6.46 -64.10
N ALA B 495 -20.36 -7.64 -63.58
CA ALA B 495 -18.99 -8.07 -63.35
C ALA B 495 -18.97 -9.59 -63.51
N PHE B 496 -17.79 -10.15 -63.73
CA PHE B 496 -17.68 -11.61 -63.87
C PHE B 496 -16.43 -12.05 -63.16
N LEU B 497 -16.61 -12.88 -62.12
CA LEU B 497 -15.52 -13.41 -61.36
C LEU B 497 -14.54 -12.34 -60.86
N GLY B 498 -15.10 -11.32 -60.23
CA GLY B 498 -14.30 -10.25 -59.66
C GLY B 498 -13.92 -9.11 -60.58
N ASP B 499 -14.05 -9.31 -61.89
CA ASP B 499 -13.73 -8.24 -62.82
C ASP B 499 -14.96 -7.52 -63.35
N ILE B 500 -14.93 -6.19 -63.26
CA ILE B 500 -16.01 -5.36 -63.73
C ILE B 500 -15.94 -5.16 -65.26
N LEU B 501 -17.07 -5.24 -65.94
CA LEU B 501 -17.03 -5.00 -67.39
C LEU B 501 -17.27 -3.51 -67.57
N LEU B 502 -16.19 -2.80 -67.89
CA LEU B 502 -16.23 -1.34 -68.07
C LEU B 502 -16.56 -0.96 -69.51
N TYR B 503 -17.76 -0.42 -69.70
CA TYR B 503 -18.22 -0.02 -71.03
C TYR B 503 -17.81 1.42 -71.33
N ASP B 504 -17.74 1.81 -72.61
CA ASP B 504 -17.50 3.22 -72.91
C ASP B 504 -18.85 3.86 -73.34
N SER B 505 -18.79 5.02 -73.99
CA SER B 505 -20.01 5.71 -74.38
C SER B 505 -20.91 4.92 -75.35
N ARG B 506 -20.35 4.00 -76.11
CA ARG B 506 -21.16 3.22 -77.03
C ARG B 506 -21.98 2.14 -76.31
N ARG B 507 -21.58 1.81 -75.09
CA ARG B 507 -22.26 0.79 -74.31
C ARG B 507 -22.39 -0.51 -75.10
N GLU B 508 -21.29 -0.94 -75.71
CA GLU B 508 -21.28 -2.17 -76.48
C GLU B 508 -20.11 -3.02 -76.03
N PRO B 509 -20.29 -4.35 -76.05
CA PRO B 509 -19.26 -5.30 -75.65
C PRO B 509 -17.94 -5.12 -76.42
N GLY B 510 -18.05 -4.79 -77.70
CA GLY B 510 -16.86 -4.65 -78.53
C GLY B 510 -15.86 -3.62 -78.02
N SER B 511 -16.37 -2.54 -77.44
CA SER B 511 -15.47 -1.50 -76.93
C SER B 511 -15.50 -1.42 -75.40
N ALA B 512 -15.80 -2.54 -74.75
CA ALA B 512 -15.82 -2.59 -73.29
C ALA B 512 -14.58 -3.34 -72.88
N ILE B 513 -14.10 -3.14 -71.66
CA ILE B 513 -12.93 -3.85 -71.18
C ILE B 513 -13.17 -4.33 -69.76
N PHE B 514 -12.50 -5.41 -69.36
CA PHE B 514 -12.64 -5.89 -68.00
C PHE B 514 -11.58 -5.22 -67.16
N VAL B 515 -11.97 -4.66 -66.01
CA VAL B 515 -11.02 -4.05 -65.10
C VAL B 515 -11.26 -4.66 -63.71
N GLY B 516 -10.24 -4.66 -62.86
CA GLY B 516 -10.40 -5.20 -61.52
C GLY B 516 -11.41 -4.37 -60.74
N ASN B 517 -11.97 -4.94 -59.68
CA ASN B 517 -12.95 -4.22 -58.88
C ASN B 517 -12.19 -3.53 -57.74
N ILE B 518 -12.06 -2.21 -57.79
CA ILE B 518 -11.29 -1.49 -56.76
C ILE B 518 -11.86 -1.70 -55.37
N ASN B 519 -13.16 -1.85 -55.26
CA ASN B 519 -13.78 -2.13 -53.97
C ASN B 519 -13.30 -3.50 -53.42
N SER B 520 -13.03 -4.47 -54.30
CA SER B 520 -12.55 -5.77 -53.82
C SER B 520 -11.13 -5.64 -53.28
N MET B 521 -10.36 -4.70 -53.84
CA MET B 521 -9.01 -4.50 -53.32
C MET B 521 -9.15 -3.99 -51.89
N LEU B 522 -10.09 -3.06 -51.68
CA LEU B 522 -10.31 -2.50 -50.34
C LEU B 522 -10.83 -3.57 -49.37
N ASN B 523 -11.75 -4.41 -49.84
CA ASN B 523 -12.27 -5.51 -49.02
C ASN B 523 -11.12 -6.38 -48.55
N ASN B 524 -10.30 -6.83 -49.49
CA ASN B 524 -9.18 -7.71 -49.16
C ASN B 524 -8.12 -7.10 -48.26
N GLN B 525 -7.78 -5.85 -48.50
CA GLN B 525 -6.73 -5.26 -47.67
C GLN B 525 -7.18 -4.77 -46.31
N PHE B 526 -8.41 -4.31 -46.19
CA PHE B 526 -8.82 -3.79 -44.92
C PHE B 526 -9.93 -4.54 -44.21
N SER B 527 -10.50 -5.54 -44.87
CA SER B 527 -11.54 -6.36 -44.20
C SER B 527 -11.35 -7.84 -44.54
N PRO B 528 -10.18 -8.39 -44.23
CA PRO B 528 -10.00 -9.81 -44.54
C PRO B 528 -11.01 -10.63 -43.72
N GLU B 529 -11.31 -11.82 -44.18
CA GLU B 529 -12.28 -12.65 -43.47
C GLU B 529 -11.68 -13.24 -42.21
N TYR B 530 -10.39 -13.56 -42.26
CA TYR B 530 -9.74 -14.16 -41.11
C TYR B 530 -8.62 -13.32 -40.59
N GLY B 531 -8.24 -13.60 -39.35
CA GLY B 531 -7.13 -12.91 -38.72
C GLY B 531 -5.84 -13.52 -39.26
N VAL B 532 -4.70 -12.97 -38.89
CA VAL B 532 -3.44 -13.52 -39.39
C VAL B 532 -2.96 -14.81 -38.74
N GLN B 533 -3.61 -15.25 -37.65
CA GLN B 533 -3.26 -16.49 -36.95
C GLN B 533 -1.76 -16.56 -36.68
N SER B 534 -1.22 -15.53 -36.05
CA SER B 534 0.23 -15.53 -35.84
C SER B 534 0.72 -16.64 -34.93
N GLY B 535 -0.21 -17.31 -34.26
CA GLY B 535 0.18 -18.41 -33.38
C GLY B 535 0.27 -19.75 -34.06
N VAL B 536 -0.15 -19.81 -35.32
CA VAL B 536 -0.08 -21.04 -36.09
C VAL B 536 1.28 -20.95 -36.78
N ARG B 537 2.22 -21.74 -36.29
CA ARG B 537 3.61 -21.73 -36.79
C ARG B 537 3.73 -22.07 -38.26
N ASP B 538 3.07 -23.16 -38.67
CA ASP B 538 3.12 -23.60 -40.06
C ASP B 538 2.22 -22.68 -40.88
N ARG B 539 2.83 -21.75 -41.61
CA ARG B 539 2.06 -20.79 -42.40
C ARG B 539 1.20 -21.39 -43.49
N SER B 540 1.64 -22.52 -44.03
CA SER B 540 0.86 -23.15 -45.08
C SER B 540 -0.50 -23.57 -44.55
N LYS B 541 -0.62 -23.73 -43.23
CA LYS B 541 -1.89 -24.14 -42.61
C LYS B 541 -2.84 -22.99 -42.25
N ARG B 542 -2.35 -21.76 -42.35
CA ARG B 542 -3.15 -20.59 -42.03
C ARG B 542 -4.13 -20.27 -43.12
N LYS B 543 -5.18 -19.53 -42.75
CA LYS B 543 -6.18 -19.08 -43.70
C LYS B 543 -5.54 -18.05 -44.60
N ARG B 544 -4.54 -17.35 -44.04
CA ARG B 544 -3.84 -16.28 -44.81
C ARG B 544 -2.35 -16.52 -44.58
N PRO B 545 -1.76 -17.46 -45.35
CA PRO B 545 -0.35 -17.82 -45.22
C PRO B 545 0.70 -16.67 -45.30
N PHE B 546 0.61 -15.88 -46.35
CA PHE B 546 1.56 -14.79 -46.56
C PHE B 546 0.84 -13.51 -47.01
N PRO B 547 0.15 -12.83 -46.09
CA PRO B 547 -0.59 -11.61 -46.43
C PRO B 547 0.22 -10.54 -47.17
N GLY B 548 1.52 -10.47 -46.88
CA GLY B 548 2.36 -9.44 -47.51
C GLY B 548 2.50 -9.52 -49.02
N LEU B 549 2.38 -10.71 -49.57
CA LEU B 549 2.55 -10.91 -50.99
C LEU B 549 1.52 -10.25 -51.92
N ALA B 550 0.33 -9.97 -51.42
CA ALA B 550 -0.71 -9.36 -52.24
C ALA B 550 -0.27 -7.97 -52.70
N TRP B 551 0.64 -7.35 -51.95
CA TRP B 551 1.10 -6.03 -52.38
C TRP B 551 1.82 -6.12 -53.75
N ALA B 552 2.52 -7.25 -53.98
CA ALA B 552 3.26 -7.45 -55.23
C ALA B 552 2.40 -7.77 -56.46
N SER B 553 1.17 -8.21 -56.24
CA SER B 553 0.26 -8.52 -57.33
C SER B 553 -0.81 -7.45 -57.50
N MET B 554 -0.85 -6.49 -56.58
CA MET B 554 -1.84 -5.44 -56.59
C MET B 554 -1.98 -4.68 -57.92
N LYS B 555 -0.86 -4.28 -58.48
CA LYS B 555 -0.89 -3.53 -59.73
C LYS B 555 -1.44 -4.41 -60.87
N ASP B 556 -1.04 -5.65 -60.92
CA ASP B 556 -1.53 -6.52 -61.97
C ASP B 556 -3.06 -6.74 -61.82
N THR B 557 -3.51 -6.92 -60.59
CA THR B 557 -4.91 -7.17 -60.35
C THR B 557 -5.85 -5.97 -60.45
N TYR B 558 -5.43 -4.81 -59.93
CA TYR B 558 -6.28 -3.62 -59.91
C TYR B 558 -5.80 -2.39 -60.72
N GLY B 559 -4.59 -2.47 -61.27
CA GLY B 559 -4.04 -1.36 -62.04
C GLY B 559 -4.92 -0.78 -63.12
N ALA B 560 -5.80 -1.58 -63.71
CA ALA B 560 -6.67 -1.09 -64.78
C ALA B 560 -7.90 -0.35 -64.30
N CYS B 561 -8.17 -0.35 -63.00
CA CYS B 561 -9.34 0.39 -62.52
C CYS B 561 -9.06 1.86 -62.78
N PRO B 562 -10.02 2.57 -63.40
CA PRO B 562 -9.85 4.00 -63.68
C PRO B 562 -9.34 4.85 -62.52
N ILE B 563 -9.79 4.55 -61.30
CA ILE B 563 -9.38 5.31 -60.13
C ILE B 563 -8.33 4.65 -59.22
N TYR B 564 -7.59 3.68 -59.75
CA TYR B 564 -6.58 2.96 -58.99
C TYR B 564 -5.61 3.90 -58.25
N SER B 565 -5.01 4.83 -58.98
CA SER B 565 -4.06 5.77 -58.40
C SER B 565 -4.69 6.66 -57.33
N ASP B 566 -5.88 7.18 -57.63
CA ASP B 566 -6.56 8.02 -56.66
C ASP B 566 -6.83 7.26 -55.37
N VAL B 567 -7.24 6.00 -55.48
CA VAL B 567 -7.51 5.23 -54.27
C VAL B 567 -6.25 4.99 -53.44
N LEU B 568 -5.14 4.59 -54.08
CA LEU B 568 -3.90 4.40 -53.34
C LEU B 568 -3.47 5.71 -52.65
N GLU B 569 -3.67 6.83 -53.32
CA GLU B 569 -3.30 8.12 -52.72
C GLU B 569 -4.26 8.45 -51.56
N ALA B 570 -5.55 8.18 -51.73
CA ALA B 570 -6.48 8.46 -50.64
C ALA B 570 -6.09 7.55 -49.45
N ILE B 571 -5.71 6.31 -49.74
CA ILE B 571 -5.28 5.38 -48.67
C ILE B 571 -4.07 5.97 -47.91
N GLU B 572 -3.06 6.38 -48.67
CA GLU B 572 -1.84 6.92 -48.09
C GLU B 572 -2.17 8.13 -47.21
N ARG B 573 -2.99 9.03 -47.72
CA ARG B 573 -3.33 10.20 -46.93
C ARG B 573 -4.09 9.84 -45.65
N CYS B 574 -5.11 9.00 -45.78
CA CYS B 574 -5.89 8.64 -44.61
C CYS B 574 -5.10 7.82 -43.59
N TRP B 575 -4.20 6.98 -44.06
CA TRP B 575 -3.42 6.15 -43.17
C TRP B 575 -2.43 7.06 -42.41
N TRP B 576 -1.91 8.08 -43.09
CA TRP B 576 -1.00 9.03 -42.44
C TRP B 576 -1.79 9.69 -41.32
N ASN B 577 -3.01 10.13 -41.61
CA ASN B 577 -3.84 10.79 -40.62
C ASN B 577 -4.12 9.88 -39.42
N ALA B 578 -4.37 8.60 -39.71
CA ALA B 578 -4.71 7.65 -38.65
C ALA B 578 -3.56 7.04 -37.86
N PHE B 579 -2.47 6.69 -38.54
CA PHE B 579 -1.33 6.06 -37.89
C PHE B 579 -0.02 6.87 -37.83
N GLY B 580 0.05 7.99 -38.54
CA GLY B 580 1.28 8.77 -38.54
C GLY B 580 2.39 8.02 -39.25
N GLU B 581 2.06 7.26 -40.30
CA GLU B 581 3.10 6.50 -41.03
C GLU B 581 2.63 6.30 -42.47
N SER B 582 3.53 5.83 -43.32
CA SER B 582 3.25 5.57 -44.74
C SER B 582 2.68 4.17 -44.94
N TYR B 583 1.47 4.07 -45.48
CA TYR B 583 0.90 2.75 -45.69
C TYR B 583 1.75 1.98 -46.70
N ARG B 584 2.14 2.65 -47.77
CA ARG B 584 2.96 2.02 -48.80
C ARG B 584 4.22 1.42 -48.20
N ALA B 585 4.89 2.16 -47.32
CA ALA B 585 6.12 1.59 -46.72
C ALA B 585 5.75 0.42 -45.79
N TYR B 586 4.63 0.56 -45.08
CA TYR B 586 4.20 -0.50 -44.17
C TYR B 586 4.03 -1.78 -45.02
N ARG B 587 3.37 -1.66 -46.16
CA ARG B 587 3.16 -2.82 -47.03
C ARG B 587 4.41 -3.34 -47.72
N GLU B 588 5.31 -2.44 -48.10
CA GLU B 588 6.56 -2.85 -48.71
C GLU B 588 7.33 -3.72 -47.71
N ASP B 589 7.34 -3.30 -46.43
CA ASP B 589 8.03 -4.06 -45.38
C ASP B 589 7.39 -5.43 -45.23
N MET B 590 6.06 -5.48 -45.19
CA MET B 590 5.36 -6.77 -45.02
C MET B 590 5.65 -7.63 -46.25
N LEU B 591 5.71 -7.02 -47.42
CA LEU B 591 6.02 -7.75 -48.65
C LEU B 591 7.42 -8.38 -48.52
N LYS B 592 8.38 -7.60 -48.04
CA LYS B 592 9.74 -8.10 -47.86
C LYS B 592 9.80 -9.30 -46.95
N ARG B 593 9.25 -9.13 -45.74
CA ARG B 593 9.26 -10.21 -44.76
C ARG B 593 8.61 -11.46 -45.31
N ASP B 594 7.40 -11.34 -45.88
CA ASP B 594 6.72 -12.54 -46.37
C ASP B 594 7.45 -13.20 -47.52
N THR B 595 8.13 -12.38 -48.32
CA THR B 595 8.89 -12.92 -49.42
C THR B 595 10.01 -13.82 -48.88
N LEU B 596 10.61 -13.42 -47.76
CA LEU B 596 11.65 -14.22 -47.13
C LEU B 596 11.06 -15.48 -46.52
N GLU B 597 9.94 -15.31 -45.80
CA GLU B 597 9.32 -16.47 -45.16
C GLU B 597 8.94 -17.51 -46.22
N LEU B 598 8.42 -17.05 -47.36
CA LEU B 598 8.00 -17.98 -48.42
C LEU B 598 9.10 -18.95 -48.83
N SER B 599 10.31 -18.43 -49.03
CA SER B 599 11.44 -19.27 -49.42
C SER B 599 11.68 -20.45 -48.48
N ARG B 600 11.18 -20.37 -47.24
CA ARG B 600 11.31 -21.49 -46.29
C ARG B 600 10.29 -22.60 -46.65
N TYR B 601 9.28 -22.25 -47.43
CA TYR B 601 8.22 -23.23 -47.77
C TYR B 601 8.30 -23.80 -49.17
N VAL B 602 8.96 -23.07 -50.05
CA VAL B 602 9.09 -23.51 -51.41
C VAL B 602 10.48 -24.07 -51.63
N ALA B 603 10.59 -25.41 -51.63
CA ALA B 603 11.87 -26.11 -51.81
C ALA B 603 12.60 -25.57 -53.03
N SER B 604 11.85 -25.34 -54.11
CA SER B 604 12.42 -24.83 -55.35
C SER B 604 12.70 -23.34 -55.29
N MET B 605 12.83 -22.82 -54.09
CA MET B 605 13.10 -21.40 -53.94
C MET B 605 14.34 -21.23 -53.08
N ALA B 606 15.32 -20.52 -53.64
CA ALA B 606 16.58 -20.28 -52.93
C ALA B 606 16.23 -19.80 -51.52
N ARG B 607 17.09 -20.13 -50.54
CA ARG B 607 16.87 -19.73 -49.15
C ARG B 607 16.59 -18.24 -48.96
N GLN B 608 16.49 -17.52 -50.09
CA GLN B 608 16.20 -16.09 -50.12
C GLN B 608 15.99 -15.57 -51.55
N ALA B 609 15.57 -16.45 -52.45
CA ALA B 609 15.29 -16.06 -53.83
C ALA B 609 13.97 -15.28 -53.80
N GLY B 610 13.86 -14.27 -54.66
CA GLY B 610 12.66 -13.45 -54.71
C GLY B 610 11.40 -14.08 -55.29
N LEU B 611 10.49 -13.22 -55.70
CA LEU B 611 9.21 -13.63 -56.28
C LEU B 611 9.29 -13.62 -57.80
N ALA B 612 10.51 -13.65 -58.30
CA ALA B 612 10.73 -13.60 -59.74
C ALA B 612 9.91 -14.60 -60.57
N GLU B 613 9.86 -15.84 -60.11
CA GLU B 613 9.14 -16.88 -60.85
C GLU B 613 7.62 -16.98 -60.60
N LEU B 614 7.12 -16.23 -59.61
CA LEU B 614 5.69 -16.29 -59.27
C LEU B 614 4.78 -15.37 -60.09
N THR B 615 3.60 -15.87 -60.44
CA THR B 615 2.64 -15.09 -61.20
C THR B 615 1.69 -14.34 -60.26
N PRO B 616 0.99 -13.31 -60.78
CA PRO B 616 0.04 -12.54 -59.95
C PRO B 616 -0.90 -13.52 -59.24
N ILE B 617 -1.39 -14.52 -59.97
CA ILE B 617 -2.29 -15.52 -59.41
C ILE B 617 -1.62 -16.22 -58.22
N ASP B 618 -0.38 -16.65 -58.40
CA ASP B 618 0.35 -17.31 -57.32
C ASP B 618 0.38 -16.42 -56.08
N LEU B 619 0.70 -15.16 -56.26
CA LEU B 619 0.77 -14.24 -55.14
C LEU B 619 -0.59 -14.01 -54.44
N GLU B 620 -1.65 -13.83 -55.22
CA GLU B 620 -2.98 -13.60 -54.66
C GLU B 620 -3.39 -14.83 -53.85
N VAL B 621 -3.11 -16.02 -54.39
CA VAL B 621 -3.46 -17.28 -53.73
C VAL B 621 -2.71 -17.55 -52.42
N LEU B 622 -1.42 -17.18 -52.37
CA LEU B 622 -0.63 -17.36 -51.15
C LEU B 622 -1.09 -16.39 -50.04
N ALA B 623 -1.61 -15.23 -50.44
CA ALA B 623 -2.11 -14.28 -49.45
C ALA B 623 -3.53 -14.69 -49.05
N ASP B 624 -4.24 -15.37 -49.97
CA ASP B 624 -5.63 -15.80 -49.73
C ASP B 624 -5.99 -17.11 -50.46
N PRO B 625 -5.67 -18.26 -49.87
CA PRO B 625 -5.97 -19.57 -50.46
C PRO B 625 -7.45 -19.77 -50.82
N ASN B 626 -8.33 -19.04 -50.15
CA ASN B 626 -9.77 -19.13 -50.40
C ASN B 626 -10.10 -18.82 -51.87
N LYS B 627 -9.26 -18.03 -52.53
CA LYS B 627 -9.51 -17.69 -53.93
C LYS B 627 -9.45 -18.91 -54.83
N LEU B 628 -8.94 -20.01 -54.28
CA LEU B 628 -8.86 -21.28 -54.98
C LEU B 628 -10.21 -21.99 -54.79
N GLN B 629 -11.05 -21.41 -53.94
CA GLN B 629 -12.35 -21.99 -53.66
C GLN B 629 -13.46 -21.34 -54.44
N TYR B 630 -13.19 -20.24 -55.11
CA TYR B 630 -14.25 -19.59 -55.84
C TYR B 630 -13.78 -18.85 -57.08
N LYS B 631 -12.50 -18.51 -57.15
CA LYS B 631 -12.00 -17.76 -58.29
C LYS B 631 -11.22 -18.61 -59.26
N TRP B 632 -10.15 -19.23 -58.77
CA TRP B 632 -9.30 -20.05 -59.59
C TRP B 632 -9.33 -21.54 -59.26
N THR B 633 -8.54 -22.30 -60.01
CA THR B 633 -8.48 -23.72 -59.80
C THR B 633 -6.98 -24.09 -59.80
N GLU B 634 -6.67 -25.29 -59.29
CA GLU B 634 -5.29 -25.77 -59.23
C GLU B 634 -4.45 -25.55 -60.47
N ALA B 635 -5.03 -25.76 -61.64
CA ALA B 635 -4.24 -25.61 -62.88
C ALA B 635 -3.74 -24.19 -63.12
N ASP B 636 -4.39 -23.21 -62.48
CA ASP B 636 -4.05 -21.80 -62.65
C ASP B 636 -2.89 -21.37 -61.76
N VAL B 637 -2.46 -22.26 -60.87
CA VAL B 637 -1.38 -21.96 -59.94
C VAL B 637 -0.10 -22.71 -60.26
N SER B 638 1.04 -22.03 -60.18
CA SER B 638 2.32 -22.68 -60.44
C SER B 638 2.34 -23.97 -59.61
N ALA B 639 2.89 -25.03 -60.17
CA ALA B 639 2.95 -26.31 -59.48
C ALA B 639 3.69 -26.25 -58.15
N ASN B 640 4.85 -25.62 -58.12
CA ASN B 640 5.58 -25.57 -56.86
C ASN B 640 4.86 -24.77 -55.77
N ILE B 641 3.91 -23.92 -56.18
CA ILE B 641 3.15 -23.10 -55.22
C ILE B 641 1.94 -23.89 -54.75
N HIS B 642 1.32 -24.62 -55.66
CA HIS B 642 0.15 -25.41 -55.29
C HIS B 642 0.54 -26.40 -54.18
N GLU B 643 1.73 -26.97 -54.27
CA GLU B 643 2.24 -27.94 -53.30
C GLU B 643 2.40 -27.36 -51.88
N VAL B 644 2.56 -26.04 -51.81
CA VAL B 644 2.70 -25.36 -50.52
C VAL B 644 1.39 -25.48 -49.75
N LEU B 645 0.29 -25.39 -50.48
CA LEU B 645 -1.00 -25.38 -49.88
C LEU B 645 -1.74 -26.68 -49.82
N MET B 646 -1.36 -27.61 -50.69
CA MET B 646 -2.08 -28.89 -50.77
C MET B 646 -1.16 -30.08 -50.76
N HIS B 647 -1.70 -31.21 -50.33
CA HIS B 647 -0.95 -32.44 -50.35
C HIS B 647 -1.85 -33.46 -51.04
N GLY B 648 -1.27 -34.44 -51.72
CA GLY B 648 -2.11 -35.41 -52.40
C GLY B 648 -2.00 -36.87 -51.98
N VAL B 649 -2.99 -37.64 -52.40
CA VAL B 649 -3.03 -39.07 -52.15
C VAL B 649 -2.38 -39.70 -53.41
N SER B 650 -1.80 -40.90 -53.30
CA SER B 650 -1.15 -41.53 -54.46
C SER B 650 -2.08 -41.65 -55.67
N VAL B 651 -1.49 -41.47 -56.85
CA VAL B 651 -2.22 -41.56 -58.12
C VAL B 651 -2.65 -43.00 -58.37
N GLU B 652 -1.84 -43.93 -57.87
CA GLU B 652 -2.14 -45.35 -58.06
C GLU B 652 -3.41 -45.72 -57.33
N LYS B 653 -3.60 -45.18 -56.14
CA LYS B 653 -4.80 -45.48 -55.39
C LYS B 653 -6.05 -44.81 -55.96
N THR B 654 -5.94 -43.57 -56.41
CA THR B 654 -7.12 -42.93 -56.97
C THR B 654 -7.43 -43.50 -58.35
N GLU B 655 -6.38 -43.91 -59.06
CA GLU B 655 -6.52 -44.49 -60.39
C GLU B 655 -7.34 -45.77 -60.29
N ARG B 656 -6.99 -46.60 -59.32
CA ARG B 656 -7.69 -47.86 -59.13
C ARG B 656 -9.12 -47.59 -58.67
N PHE B 657 -9.29 -46.56 -57.85
CA PHE B 657 -10.63 -46.20 -57.38
C PHE B 657 -11.50 -45.73 -58.55
N LEU B 658 -10.98 -44.80 -59.34
CA LEU B 658 -11.73 -44.28 -60.49
C LEU B 658 -12.13 -45.37 -61.47
N ARG B 659 -11.23 -46.29 -61.74
CA ARG B 659 -11.50 -47.38 -62.66
C ARG B 659 -12.74 -48.18 -62.22
N SER B 660 -12.93 -48.34 -60.92
CA SER B 660 -14.07 -49.09 -60.41
C SER B 660 -15.37 -48.27 -60.40
N VAL B 661 -15.24 -46.96 -60.56
CA VAL B 661 -16.41 -46.10 -60.54
C VAL B 661 -16.98 -45.86 -61.92
N MET B 662 -16.12 -45.41 -62.81
CA MET B 662 -16.56 -45.09 -64.14
C MET B 662 -17.04 -46.23 -65.02
N PRO B 663 -17.80 -45.88 -66.06
CA PRO B 663 -18.34 -46.87 -66.99
C PRO B 663 -17.17 -47.39 -67.81
N ARG B 664 -16.53 -46.47 -68.54
CA ARG B 664 -15.38 -46.75 -69.39
C ARG B 664 -14.42 -45.55 -69.26
N PRO C 1 42.98 21.67 46.64
CA PRO C 1 42.40 20.30 46.73
C PRO C 1 41.44 19.88 45.61
N ARG C 2 41.68 20.36 44.39
CA ARG C 2 40.85 19.95 43.26
C ARG C 2 39.43 20.50 43.13
N ARG C 3 39.20 21.22 42.04
CA ARG C 3 37.87 21.72 41.81
C ARG C 3 37.18 20.53 41.12
N ALA C 4 35.89 20.35 41.39
CA ALA C 4 35.16 19.26 40.78
C ALA C 4 34.93 19.66 39.33
N PRO C 5 34.97 18.69 38.41
CA PRO C 5 34.72 19.08 37.01
C PRO C 5 33.22 19.41 36.87
N ALA C 6 32.90 20.40 36.05
CA ALA C 6 31.51 20.77 35.84
C ALA C 6 31.23 20.74 34.33
N PHE C 7 30.06 20.22 33.92
CA PHE C 7 29.67 20.16 32.50
C PHE C 7 28.29 20.76 32.27
N PRO C 8 28.17 21.65 31.27
CA PRO C 8 26.88 22.29 30.96
C PRO C 8 25.98 21.22 30.36
N LEU C 9 24.68 21.48 30.39
CA LEU C 9 23.66 20.56 29.84
C LEU C 9 23.98 20.13 28.43
N SER C 10 24.53 21.05 27.63
CA SER C 10 24.86 20.75 26.25
C SER C 10 25.96 19.73 26.09
N ASP C 11 26.73 19.48 27.15
CA ASP C 11 27.80 18.51 27.07
C ASP C 11 27.26 17.11 26.95
N ILE C 12 27.91 16.27 26.15
CA ILE C 12 27.49 14.89 26.00
C ILE C 12 27.40 14.17 27.35
N LYS C 13 28.26 14.52 28.33
CA LYS C 13 28.18 13.83 29.62
C LYS C 13 26.86 14.11 30.34
N ALA C 14 26.35 15.33 30.15
CA ALA C 14 25.08 15.72 30.73
C ALA C 14 23.93 15.17 29.87
N GLN C 15 24.06 15.29 28.55
CA GLN C 15 23.00 14.83 27.67
C GLN C 15 22.68 13.37 27.90
N MET C 16 23.70 12.57 28.17
CA MET C 16 23.52 11.12 28.39
C MET C 16 22.75 10.79 29.64
N LEU C 17 22.51 11.78 30.50
CA LEU C 17 21.77 11.53 31.73
C LEU C 17 20.26 11.57 31.48
N PHE C 18 19.87 11.97 30.28
CA PHE C 18 18.45 12.06 29.98
C PHE C 18 18.05 11.28 28.75
N ALA C 19 17.11 10.34 28.94
CA ALA C 19 16.68 9.50 27.82
C ALA C 19 15.95 10.30 26.76
N ASN C 20 15.73 9.65 25.62
CA ASN C 20 15.08 10.29 24.48
C ASN C 20 13.55 10.25 24.61
N ASN C 21 13.04 10.83 25.69
CA ASN C 21 11.60 10.90 25.90
C ASN C 21 11.30 12.28 26.48
N ILE C 22 10.08 12.76 26.24
CA ILE C 22 9.68 14.09 26.66
C ILE C 22 9.88 14.45 28.12
N LYS C 23 9.52 13.55 29.02
CA LYS C 23 9.71 13.82 30.44
C LYS C 23 11.18 13.99 30.85
N ALA C 24 12.03 13.08 30.39
CA ALA C 24 13.44 13.16 30.75
C ALA C 24 14.01 14.44 30.17
N GLN C 25 13.68 14.73 28.91
CA GLN C 25 14.18 15.95 28.28
C GLN C 25 13.68 17.20 29.00
N GLN C 26 12.39 17.22 29.34
CA GLN C 26 11.86 18.37 30.08
C GLN C 26 12.50 18.50 31.47
N ALA C 27 12.82 17.38 32.11
CA ALA C 27 13.46 17.50 33.42
C ALA C 27 14.85 18.14 33.30
N SER C 28 15.55 17.85 32.20
CA SER C 28 16.90 18.39 32.01
C SER C 28 16.93 19.88 31.79
N LYS C 29 15.92 20.37 31.09
CA LYS C 29 15.86 21.79 30.77
C LYS C 29 14.94 22.62 31.64
N ARG C 30 14.17 22.00 32.54
CA ARG C 30 13.20 22.77 33.34
C ARG C 30 13.80 24.06 33.90
N SER C 31 13.11 25.16 33.68
CA SER C 31 13.64 26.42 34.20
C SER C 31 13.08 26.71 35.58
N PHE C 32 13.68 27.69 36.25
CA PHE C 32 13.23 28.09 37.57
C PHE C 32 11.70 28.31 37.49
N LYS C 33 10.97 27.84 38.49
CA LYS C 33 9.51 27.95 38.52
C LYS C 33 9.06 28.33 39.92
N GLU C 34 8.01 29.15 40.02
CA GLU C 34 7.46 29.50 41.30
C GLU C 34 6.00 29.90 41.07
N GLY C 35 5.23 29.85 42.16
CA GLY C 35 3.81 30.18 42.07
C GLY C 35 3.11 29.73 43.34
N ALA C 36 2.00 30.36 43.68
CA ALA C 36 1.31 30.00 44.93
C ALA C 36 0.88 28.54 44.91
N ILE C 37 0.97 27.87 46.04
CA ILE C 37 0.48 26.49 46.03
C ILE C 37 -1.01 26.54 46.35
N GLU C 38 -1.74 25.52 45.90
CA GLU C 38 -3.16 25.46 46.20
C GLU C 38 -3.20 24.77 47.56
N THR C 39 -3.09 25.58 48.61
CA THR C 39 -3.06 25.10 49.99
C THR C 39 -4.15 24.03 50.28
N TYR C 40 -5.38 24.32 49.88
CA TYR C 40 -6.51 23.39 49.99
C TYR C 40 -7.29 23.65 48.72
N GLU C 41 -8.16 22.74 48.32
CA GLU C 41 -8.95 22.94 47.11
C GLU C 41 -9.54 24.34 47.06
N GLY C 42 -9.28 25.06 45.98
CA GLY C 42 -9.84 26.40 45.86
C GLY C 42 -9.25 27.49 46.75
N LEU C 43 -8.14 27.23 47.44
CA LEU C 43 -7.52 28.26 48.28
C LEU C 43 -6.04 28.36 48.01
N LEU C 44 -5.60 29.52 47.52
CA LEU C 44 -4.20 29.78 47.23
C LEU C 44 -3.48 30.27 48.49
N SER C 45 -2.24 29.82 48.70
CA SER C 45 -1.46 30.23 49.86
C SER C 45 -1.33 31.74 49.94
N VAL C 46 -1.50 32.47 48.83
CA VAL C 46 -1.40 33.94 48.90
C VAL C 46 -2.75 34.64 48.89
N ASP C 47 -3.83 33.87 48.98
CA ASP C 47 -5.18 34.48 49.03
C ASP C 47 -5.16 35.54 50.14
N PRO C 48 -5.54 36.80 49.83
CA PRO C 48 -5.55 37.89 50.83
C PRO C 48 -6.24 37.55 52.16
N ARG C 49 -7.31 36.78 52.13
CA ARG C 49 -7.99 36.42 53.37
C ARG C 49 -7.10 35.50 54.16
N PHE C 50 -6.53 34.50 53.48
CA PHE C 50 -5.64 33.54 54.16
C PHE C 50 -4.44 34.24 54.80
N LEU C 51 -3.83 35.19 54.09
CA LEU C 51 -2.69 35.89 54.66
C LEU C 51 -3.11 36.75 55.85
N SER C 52 -4.27 37.40 55.75
CA SER C 52 -4.77 38.23 56.86
C SER C 52 -4.94 37.30 58.07
N PHE C 53 -5.54 36.13 57.84
CA PHE C 53 -5.72 35.10 58.87
C PHE C 53 -4.36 34.76 59.53
N LYS C 54 -3.37 34.41 58.70
CA LYS C 54 -2.06 34.06 59.26
C LYS C 54 -1.46 35.25 60.02
N ASN C 55 -1.64 36.46 59.51
CA ASN C 55 -1.09 37.62 60.22
C ASN C 55 -1.70 37.71 61.61
N GLU C 56 -3.03 37.68 61.67
CA GLU C 56 -3.73 37.76 62.96
C GLU C 56 -3.39 36.63 63.93
N LEU C 57 -3.50 35.40 63.45
CA LEU C 57 -3.24 34.23 64.27
C LEU C 57 -1.79 34.17 64.80
N SER C 58 -0.81 34.39 63.92
CA SER C 58 0.57 34.32 64.40
C SER C 58 0.85 35.35 65.51
N ARG C 59 0.37 36.59 65.34
CA ARG C 59 0.60 37.61 66.37
C ARG C 59 -0.11 37.27 67.68
N TYR C 60 -1.35 36.81 67.58
CA TYR C 60 -2.15 36.47 68.76
C TYR C 60 -1.52 35.35 69.57
N LEU C 61 -1.21 34.24 68.89
CA LEU C 61 -0.61 33.11 69.56
C LEU C 61 0.73 33.45 70.18
N THR C 62 1.55 34.23 69.47
CA THR C 62 2.86 34.60 70.00
C THR C 62 2.68 35.45 71.27
N ASP C 63 1.81 36.45 71.16
CA ASP C 63 1.56 37.33 72.28
C ASP C 63 0.97 36.59 73.49
N HIS C 64 0.03 35.69 73.25
CA HIS C 64 -0.59 34.96 74.34
C HIS C 64 0.11 33.72 74.85
N PHE C 65 1.00 33.13 74.05
CA PHE C 65 1.67 31.93 74.51
C PHE C 65 3.16 31.98 74.24
N PRO C 66 3.91 32.81 75.01
CA PRO C 66 5.36 32.95 74.85
C PRO C 66 5.98 31.59 75.11
N ALA C 67 7.11 31.33 74.47
CA ALA C 67 7.82 30.07 74.65
C ALA C 67 8.11 29.86 76.15
N ASN C 68 8.14 28.60 76.55
CA ASN C 68 8.47 28.20 77.93
C ASN C 68 9.62 27.17 77.79
N VAL C 69 10.84 27.67 77.66
CA VAL C 69 12.01 26.83 77.53
C VAL C 69 13.04 27.35 78.53
N ASP C 70 13.55 26.50 79.42
CA ASP C 70 14.53 26.96 80.42
C ASP C 70 15.94 27.08 79.88
N GLU C 71 16.85 27.54 80.73
CA GLU C 71 18.24 27.73 80.35
C GLU C 71 18.90 26.47 79.78
N TYR C 72 18.36 25.30 80.10
CA TYR C 72 18.92 24.05 79.60
C TYR C 72 18.16 23.52 78.37
N GLY C 73 17.30 24.36 77.80
CA GLY C 73 16.54 23.96 76.62
C GLY C 73 15.39 23.01 76.88
N ARG C 74 15.01 22.85 78.15
CA ARG C 74 13.89 21.95 78.44
C ARG C 74 12.64 22.77 78.32
N VAL C 75 11.61 22.20 77.69
CA VAL C 75 10.39 22.96 77.61
C VAL C 75 9.55 22.54 78.82
N TYR C 76 8.72 23.47 79.27
CA TYR C 76 7.85 23.25 80.42
C TYR C 76 6.60 24.11 80.19
N GLY C 77 5.76 24.21 81.21
CA GLY C 77 4.58 25.03 81.09
C GLY C 77 3.65 24.79 79.91
N ASN C 78 3.45 25.83 79.10
CA ASN C 78 2.56 25.76 77.94
C ASN C 78 3.02 24.83 76.81
N GLY C 79 4.27 24.36 76.86
CA GLY C 79 4.76 23.44 75.84
C GLY C 79 5.09 24.09 74.50
N VAL C 80 5.34 25.38 74.53
CA VAL C 80 5.66 26.18 73.36
C VAL C 80 7.15 26.46 73.38
N ARG C 81 7.84 26.26 72.27
CA ARG C 81 9.27 26.51 72.32
C ARG C 81 9.76 27.71 71.53
N THR C 82 8.85 28.37 70.83
CA THR C 82 9.24 29.58 70.08
C THR C 82 7.99 30.33 69.62
N ASN C 83 8.19 31.49 69.00
CA ASN C 83 7.07 32.28 68.50
C ASN C 83 6.35 31.50 67.39
N PHE C 84 5.18 31.99 66.97
CA PHE C 84 4.39 31.32 65.93
C PHE C 84 4.47 32.01 64.56
N PHE C 85 5.48 32.87 64.36
CA PHE C 85 5.63 33.60 63.12
C PHE C 85 6.13 32.79 61.93
N GLY C 86 6.59 31.57 62.18
CA GLY C 86 7.09 30.75 61.09
C GLY C 86 6.08 30.46 59.99
N MET C 87 4.80 30.74 60.26
CA MET C 87 3.73 30.51 59.27
C MET C 87 3.63 31.67 58.28
N ARG C 88 4.37 32.75 58.51
CA ARG C 88 4.32 33.93 57.63
C ARG C 88 5.11 33.82 56.33
N HIS C 89 4.87 32.80 55.53
CA HIS C 89 5.61 32.69 54.26
C HIS C 89 4.65 32.58 53.09
N MET C 90 5.04 33.14 51.94
CA MET C 90 4.25 33.03 50.73
C MET C 90 4.52 31.62 50.16
N ASN C 91 3.79 30.62 50.64
CA ASN C 91 4.13 29.26 50.19
C ASN C 91 4.04 29.03 48.68
N GLY C 92 5.16 28.57 48.10
CA GLY C 92 5.19 28.33 46.67
C GLY C 92 6.22 29.25 46.02
N PHE C 93 6.63 30.28 46.75
CA PHE C 93 7.63 31.24 46.26
C PHE C 93 8.87 31.08 47.11
N PRO C 94 9.96 30.58 46.49
CA PRO C 94 11.23 30.36 47.18
C PRO C 94 12.15 31.55 47.35
N MET C 95 13.05 31.39 48.32
CA MET C 95 14.08 32.37 48.58
C MET C 95 14.95 32.26 47.32
N ILE C 96 15.71 33.30 46.99
CA ILE C 96 16.56 33.30 45.79
C ILE C 96 17.96 33.77 46.19
N PRO C 97 18.99 33.02 45.80
CA PRO C 97 18.92 31.77 45.04
C PRO C 97 18.97 30.61 46.01
N ALA C 98 18.62 29.41 45.56
CA ALA C 98 18.76 28.24 46.41
C ALA C 98 20.27 27.94 46.32
N THR C 99 20.77 27.05 47.15
CA THR C 99 22.19 26.73 47.16
C THR C 99 22.64 25.75 46.09
N TRP C 100 23.89 25.89 45.67
CA TRP C 100 24.47 24.93 44.75
C TRP C 100 24.99 23.87 45.70
N PRO C 101 24.78 22.58 45.42
CA PRO C 101 25.28 21.55 46.32
C PRO C 101 26.81 21.44 46.32
N LEU C 102 27.40 21.40 47.51
CA LEU C 102 28.85 21.31 47.66
C LEU C 102 29.36 20.00 47.06
N ALA C 103 30.28 20.08 46.11
CA ALA C 103 30.76 18.84 45.48
C ALA C 103 31.69 18.03 46.38
N SER C 104 32.36 18.69 47.32
CA SER C 104 33.26 18.01 48.24
C SER C 104 33.13 18.64 49.61
N ASN C 105 32.90 17.81 50.64
CA ASN C 105 32.79 18.37 51.99
C ASN C 105 34.03 18.13 52.84
N LEU C 106 35.13 17.74 52.21
CA LEU C 106 36.36 17.47 52.99
C LEU C 106 36.89 18.70 53.72
N LYS C 107 36.97 19.83 53.02
CA LYS C 107 37.42 21.07 53.66
C LYS C 107 36.39 21.58 54.66
N LYS C 108 35.09 21.44 54.34
CA LYS C 108 34.06 21.89 55.26
C LYS C 108 34.28 21.16 56.61
N ARG C 109 34.46 19.84 56.57
CA ARG C 109 34.69 19.06 57.78
C ARG C 109 35.98 19.46 58.51
N ALA C 110 37.08 19.56 57.76
CA ALA C 110 38.36 19.94 58.35
C ALA C 110 38.32 21.32 58.99
N ASP C 111 37.73 22.30 58.30
CA ASP C 111 37.61 23.65 58.85
C ASP C 111 36.69 23.67 60.07
N ALA C 112 35.75 22.72 60.17
CA ALA C 112 34.84 22.70 61.33
C ALA C 112 35.47 21.86 62.46
N ASP C 113 36.72 21.46 62.24
CA ASP C 113 37.46 20.67 63.21
C ASP C 113 36.88 19.29 63.47
N LEU C 114 36.35 18.66 62.43
CA LEU C 114 35.77 17.32 62.55
C LEU C 114 36.83 16.39 61.97
N ALA C 115 36.90 15.18 62.50
CA ALA C 115 37.92 14.21 62.08
C ALA C 115 37.74 13.58 60.72
N ASP C 116 38.87 13.20 60.12
CA ASP C 116 38.85 12.58 58.81
C ASP C 116 38.87 11.04 58.88
N GLY C 117 38.60 10.53 60.07
CA GLY C 117 38.56 9.09 60.24
C GLY C 117 38.37 8.78 61.72
N PRO C 118 38.13 7.51 62.09
CA PRO C 118 37.94 7.17 63.51
C PRO C 118 39.20 7.68 64.25
N VAL C 119 38.99 8.36 65.35
CA VAL C 119 40.09 8.92 66.07
C VAL C 119 40.86 7.86 66.84
N SER C 120 40.17 6.86 67.38
CA SER C 120 40.84 5.80 68.13
C SER C 120 40.38 4.42 67.66
N GLU C 121 41.18 3.40 67.96
CA GLU C 121 40.81 2.05 67.57
C GLU C 121 39.44 1.67 68.16
N ARG C 122 39.16 2.09 69.39
CA ARG C 122 37.88 1.82 70.03
C ARG C 122 36.74 2.30 69.10
N ASP C 123 36.83 3.55 68.64
CA ASP C 123 35.80 4.11 67.74
C ASP C 123 35.72 3.34 66.44
N ASN C 124 36.87 2.96 65.89
CA ASN C 124 36.91 2.20 64.66
C ASN C 124 36.15 0.88 64.90
N LEU C 125 36.37 0.27 66.05
CA LEU C 125 35.68 -0.99 66.37
C LEU C 125 34.15 -0.79 66.49
N LEU C 126 33.73 0.31 67.12
CA LEU C 126 32.31 0.58 67.31
C LEU C 126 31.58 0.86 65.99
N PHE C 127 32.21 1.62 65.09
CA PHE C 127 31.57 1.91 63.80
C PHE C 127 31.44 0.59 63.05
N ARG C 128 32.49 -0.22 63.06
CA ARG C 128 32.44 -1.51 62.37
C ARG C 128 31.47 -2.46 63.04
N ALA C 129 31.38 -2.43 64.37
CA ALA C 129 30.44 -3.30 65.06
C ALA C 129 29.02 -2.92 64.61
N ALA C 130 28.77 -1.62 64.42
CA ALA C 130 27.48 -1.16 64.00
C ALA C 130 27.12 -1.79 62.64
N VAL C 131 28.09 -1.88 61.75
CA VAL C 131 27.84 -2.52 60.46
C VAL C 131 27.53 -4.00 60.65
N ARG C 132 28.27 -4.67 61.54
CA ARG C 132 28.04 -6.10 61.73
C ARG C 132 26.66 -6.39 62.29
N LEU C 133 26.23 -5.61 63.27
CA LEU C 133 24.93 -5.81 63.87
C LEU C 133 23.77 -5.46 62.93
N MET C 134 23.94 -4.39 62.16
CA MET C 134 22.90 -3.96 61.23
C MET C 134 22.71 -4.78 59.99
N PHE C 135 23.80 -5.31 59.42
CA PHE C 135 23.69 -6.07 58.19
C PHE C 135 23.84 -7.58 58.27
N SER C 136 23.78 -8.13 59.47
CA SER C 136 24.02 -9.56 59.58
C SER C 136 22.94 -10.59 59.28
N ASP C 137 21.91 -10.70 60.11
CA ASP C 137 20.98 -11.79 59.78
C ASP C 137 19.68 -11.30 59.21
N LEU C 138 19.76 -10.79 58.00
CA LEU C 138 18.62 -10.21 57.33
C LEU C 138 17.66 -11.18 56.64
N GLU C 139 16.37 -10.84 56.68
CA GLU C 139 15.35 -11.67 56.04
C GLU C 139 14.86 -10.93 54.80
N PRO C 140 14.70 -11.64 53.68
CA PRO C 140 14.24 -10.97 52.47
C PRO C 140 12.80 -10.52 52.62
N VAL C 141 12.47 -9.42 51.93
CA VAL C 141 11.11 -8.89 51.91
C VAL C 141 10.94 -8.25 50.55
N PRO C 142 9.69 -8.08 50.12
CA PRO C 142 9.48 -7.46 48.82
C PRO C 142 10.01 -6.04 48.80
N LEU C 143 10.57 -5.66 47.66
CA LEU C 143 11.06 -4.29 47.43
C LEU C 143 9.82 -3.44 47.18
N LYS C 144 9.50 -2.50 48.08
CA LYS C 144 8.34 -1.63 47.90
C LYS C 144 8.71 -0.33 47.19
N ILE C 145 7.79 0.13 46.34
CA ILE C 145 7.98 1.34 45.55
C ILE C 145 6.84 2.33 45.73
N ARG C 146 7.17 3.59 45.98
CA ARG C 146 6.16 4.63 46.16
C ARG C 146 5.42 4.91 44.84
N LYS C 147 4.10 4.87 44.89
CA LYS C 147 3.30 5.15 43.70
C LYS C 147 3.53 6.59 43.27
N GLY C 148 3.65 6.82 41.98
CA GLY C 148 3.85 8.18 41.49
C GLY C 148 5.26 8.77 41.62
N SER C 149 6.17 8.05 42.26
CA SER C 149 7.54 8.53 42.39
C SER C 149 8.22 8.43 41.02
N SER C 150 9.15 9.33 40.72
CA SER C 150 9.90 9.33 39.45
C SER C 150 11.14 8.41 39.51
N THR C 151 11.51 7.80 38.39
CA THR C 151 12.67 6.93 38.37
C THR C 151 13.92 7.79 38.16
N CYS C 152 13.72 9.09 37.93
CA CYS C 152 14.82 10.02 37.70
C CYS C 152 15.76 9.60 36.59
N ILE C 153 17.07 9.82 36.73
CA ILE C 153 17.98 9.47 35.63
C ILE C 153 18.04 7.97 35.28
N PRO C 154 17.92 7.65 33.99
CA PRO C 154 17.75 8.58 32.86
C PRO C 154 16.31 8.66 32.25
N TYR C 155 15.39 7.79 32.66
CA TYR C 155 14.04 7.76 32.08
C TYR C 155 12.99 8.72 32.63
N PHE C 156 13.10 9.10 33.90
CA PHE C 156 12.13 9.99 34.50
C PHE C 156 10.70 9.50 34.27
N SER C 157 10.46 8.23 34.55
CA SER C 157 9.14 7.62 34.43
C SER C 157 8.46 7.63 35.81
N ASN C 158 7.14 7.79 35.81
CA ASN C 158 6.35 7.79 37.03
C ASN C 158 5.35 6.65 36.90
N ASP C 159 5.45 5.89 35.83
CA ASP C 159 4.55 4.76 35.56
C ASP C 159 4.91 3.54 36.38
N MET C 160 3.99 3.04 37.20
CA MET C 160 4.31 1.90 38.05
C MET C 160 4.73 0.64 37.34
N GLY C 161 4.13 0.38 36.17
CA GLY C 161 4.49 -0.80 35.42
C GLY C 161 5.94 -0.70 34.99
N THR C 162 6.34 0.49 34.56
CA THR C 162 7.69 0.72 34.12
C THR C 162 8.64 0.68 35.30
N LYS C 163 8.24 1.27 36.43
CA LYS C 163 9.09 1.27 37.60
C LYS C 163 9.32 -0.16 38.10
N ILE C 164 8.30 -1.01 38.00
CA ILE C 164 8.45 -2.39 38.46
C ILE C 164 9.44 -3.11 37.55
N GLU C 165 9.34 -2.87 36.24
CA GLU C 165 10.22 -3.52 35.29
C GLU C 165 11.68 -3.10 35.52
N ILE C 166 11.88 -1.80 35.70
CA ILE C 166 13.22 -1.24 35.93
C ILE C 166 13.83 -1.88 37.16
N ALA C 167 13.05 -1.98 38.22
CA ALA C 167 13.54 -2.59 39.45
C ALA C 167 13.86 -4.09 39.31
N GLU C 168 13.00 -4.84 38.61
CA GLU C 168 13.26 -6.27 38.44
C GLU C 168 14.49 -6.49 37.58
N ARG C 169 14.58 -5.73 36.50
CA ARG C 169 15.72 -5.81 35.60
C ARG C 169 16.99 -5.43 36.39
N ALA C 170 16.91 -4.39 37.20
CA ALA C 170 18.05 -3.98 38.00
C ALA C 170 18.49 -5.08 38.95
N LEU C 171 17.55 -5.69 39.67
CA LEU C 171 17.94 -6.75 40.57
C LEU C 171 18.59 -7.90 39.81
N GLU C 172 18.18 -8.06 38.55
CA GLU C 172 18.72 -9.13 37.73
C GLU C 172 20.10 -8.81 37.20
N LYS C 173 20.34 -7.54 36.87
CA LYS C 173 21.63 -7.15 36.31
C LYS C 173 22.62 -6.42 37.23
N ALA C 174 22.25 -6.25 38.49
CA ALA C 174 23.12 -5.57 39.46
C ALA C 174 24.49 -6.23 39.56
N GLU C 175 24.51 -7.56 39.63
CA GLU C 175 25.78 -8.28 39.74
C GLU C 175 26.73 -7.94 38.62
N GLU C 176 26.21 -7.96 37.39
CA GLU C 176 27.01 -7.67 36.22
C GLU C 176 27.44 -6.20 36.20
N ALA C 177 26.55 -5.31 36.65
CA ALA C 177 26.85 -3.88 36.71
C ALA C 177 27.91 -3.59 37.78
N GLY C 178 27.82 -4.24 38.93
CA GLY C 178 28.79 -4.01 39.98
C GLY C 178 30.18 -4.50 39.58
N ASN C 179 30.25 -5.64 38.89
CA ASN C 179 31.53 -6.14 38.44
C ASN C 179 32.14 -5.21 37.40
N LEU C 180 31.31 -4.61 36.56
CA LEU C 180 31.83 -3.67 35.58
C LEU C 180 32.49 -2.51 36.33
N MET C 181 31.82 -2.02 37.37
CA MET C 181 32.35 -0.90 38.13
C MET C 181 33.66 -1.32 38.82
N LEU C 182 33.69 -2.53 39.36
CA LEU C 182 34.91 -3.02 40.01
C LEU C 182 36.06 -2.97 39.01
N GLN C 183 35.73 -3.03 37.72
CA GLN C 183 36.75 -2.96 36.69
C GLN C 183 36.98 -1.53 36.24
N GLY C 184 36.34 -0.57 36.91
CA GLY C 184 36.50 0.83 36.50
C GLY C 184 35.67 1.20 35.27
N LYS C 185 34.78 0.28 34.86
CA LYS C 185 33.95 0.55 33.68
C LYS C 185 32.59 1.12 34.04
N PHE C 186 32.57 2.32 34.59
CA PHE C 186 31.34 2.97 34.99
C PHE C 186 30.46 3.36 33.80
N ASP C 187 31.05 3.82 32.71
CA ASP C 187 30.24 4.22 31.57
C ASP C 187 29.52 2.99 31.05
N ASP C 188 30.20 1.85 31.04
CA ASP C 188 29.56 0.65 30.57
C ASP C 188 28.40 0.26 31.48
N ALA C 189 28.62 0.31 32.78
CA ALA C 189 27.59 -0.06 33.71
C ALA C 189 26.36 0.85 33.55
N TYR C 190 26.60 2.11 33.25
CA TYR C 190 25.50 3.05 33.10
C TYR C 190 24.78 2.87 31.75
N GLN C 191 25.57 2.74 30.69
CA GLN C 191 25.00 2.56 29.38
C GLN C 191 24.22 1.26 29.26
N LEU C 192 24.72 0.19 29.85
CA LEU C 192 24.01 -1.07 29.77
C LEU C 192 22.86 -1.23 30.78
N HIS C 193 23.08 -0.81 32.02
CA HIS C 193 22.07 -1.01 33.04
C HIS C 193 21.54 0.23 33.75
N GLN C 194 21.89 1.41 33.25
CA GLN C 194 21.45 2.66 33.85
C GLN C 194 21.83 2.77 35.33
N MET C 195 22.94 2.13 35.71
CA MET C 195 23.39 2.20 37.10
C MET C 195 24.61 3.12 37.11
N GLY C 196 24.36 4.35 37.54
CA GLY C 196 25.41 5.35 37.56
C GLY C 196 24.79 6.64 37.08
N GLY C 197 25.59 7.50 36.45
CA GLY C 197 25.07 8.77 35.97
C GLY C 197 25.15 9.87 37.02
N ALA C 198 24.01 10.19 37.63
CA ALA C 198 23.99 11.26 38.64
C ALA C 198 22.70 11.30 39.42
N TYR C 199 22.71 12.13 40.47
CA TYR C 199 21.53 12.38 41.26
C TYR C 199 20.94 13.58 40.53
N TYR C 200 19.62 13.70 40.59
CA TYR C 200 18.92 14.80 39.94
C TYR C 200 18.49 15.73 41.07
N VAL C 201 19.04 16.94 41.09
CA VAL C 201 18.74 17.85 42.18
C VAL C 201 17.40 18.54 42.07
N VAL C 202 16.57 18.39 43.09
CA VAL C 202 15.28 19.07 43.10
C VAL C 202 15.22 19.86 44.39
N TYR C 203 14.82 21.11 44.26
CA TYR C 203 14.73 21.97 45.42
C TYR C 203 13.36 21.87 46.07
N ARG C 204 13.33 21.57 47.36
CA ARG C 204 12.07 21.43 48.08
C ARG C 204 11.86 22.51 49.14
N ALA C 205 10.61 22.87 49.33
CA ALA C 205 10.27 23.87 50.30
C ALA C 205 10.32 23.35 51.73
N GLN C 206 10.85 24.18 52.61
CA GLN C 206 10.88 23.92 54.05
C GLN C 206 9.89 25.08 54.24
N SER C 207 8.60 24.76 54.27
CA SER C 207 7.54 25.78 54.29
C SER C 207 7.48 26.79 55.41
N THR C 208 8.10 26.49 56.53
CA THR C 208 8.13 27.42 57.64
C THR C 208 9.59 27.50 58.07
N ASP C 209 10.02 28.68 58.47
CA ASP C 209 11.39 28.85 58.93
C ASP C 209 11.32 30.01 59.93
N ALA C 210 12.29 30.14 60.80
CA ALA C 210 12.23 31.18 61.80
C ALA C 210 12.03 32.61 61.31
N ILE C 211 11.19 33.33 62.04
CA ILE C 211 10.92 34.74 61.78
C ILE C 211 10.78 35.36 63.16
N THR C 212 11.35 36.54 63.36
CA THR C 212 11.23 37.22 64.65
C THR C 212 10.69 38.62 64.43
N LEU C 213 10.15 39.21 65.49
CA LEU C 213 9.61 40.55 65.42
C LEU C 213 10.53 41.45 66.26
N ASP C 214 11.14 42.45 65.61
CA ASP C 214 12.04 43.36 66.31
C ASP C 214 11.23 44.32 67.18
N PRO C 215 11.33 44.17 68.51
CA PRO C 215 10.59 45.04 69.43
C PRO C 215 10.78 46.52 69.09
N LYS C 216 12.03 46.90 68.86
CA LYS C 216 12.34 48.28 68.54
C LYS C 216 11.59 48.80 67.32
N THR C 217 11.86 48.20 66.17
CA THR C 217 11.26 48.59 64.90
C THR C 217 9.84 48.09 64.62
N GLY C 218 9.40 47.05 65.30
CA GLY C 218 8.07 46.53 65.00
C GLY C 218 8.07 45.87 63.61
N LYS C 219 9.27 45.64 63.07
CA LYS C 219 9.41 45.00 61.77
C LYS C 219 9.80 43.53 61.98
N PHE C 220 9.34 42.67 61.07
CA PHE C 220 9.69 41.25 61.16
C PHE C 220 11.02 41.02 60.44
N VAL C 221 11.76 40.01 60.89
CA VAL C 221 13.06 39.67 60.31
C VAL C 221 13.11 38.16 60.10
N SER C 222 13.35 37.73 58.87
CA SER C 222 13.45 36.30 58.56
C SER C 222 14.87 35.81 58.78
N LYS C 223 15.00 34.57 59.23
CA LYS C 223 16.31 34.00 59.47
C LYS C 223 17.09 33.87 58.16
N ASP C 224 18.32 34.38 58.15
CA ASP C 224 19.15 34.27 56.96
C ASP C 224 19.53 32.81 56.82
N ARG C 225 19.45 32.33 55.58
CA ARG C 225 19.82 30.97 55.22
C ARG C 225 20.92 31.18 54.21
N MET C 226 22.11 30.69 54.55
CA MET C 226 23.29 30.83 53.69
C MET C 226 23.27 29.85 52.55
N VAL C 227 23.68 30.31 51.37
CA VAL C 227 23.73 29.47 50.20
C VAL C 227 25.08 29.67 49.52
N ALA C 228 25.52 28.63 48.83
CA ALA C 228 26.78 28.62 48.12
C ALA C 228 26.53 28.89 46.65
N ASP C 229 27.37 29.73 46.03
CA ASP C 229 27.21 29.94 44.60
C ASP C 229 28.01 28.83 43.94
N PHE C 230 27.95 28.76 42.61
CA PHE C 230 28.63 27.71 41.86
C PHE C 230 30.12 27.52 42.18
N GLU C 231 30.86 28.62 42.22
CA GLU C 231 32.29 28.56 42.48
C GLU C 231 32.58 27.94 43.82
N TYR C 232 31.81 28.34 44.83
CA TYR C 232 32.02 27.78 46.17
C TYR C 232 31.77 26.27 46.13
N ALA C 233 30.65 25.92 45.49
CA ALA C 233 30.24 24.53 45.37
C ALA C 233 31.24 23.63 44.71
N VAL C 234 31.89 24.09 43.64
CA VAL C 234 32.84 23.19 42.98
C VAL C 234 34.25 23.21 43.53
N THR C 235 34.52 24.09 44.49
CA THR C 235 35.86 24.13 45.08
C THR C 235 35.83 23.79 46.56
N GLY C 236 34.76 23.11 46.99
CA GLY C 236 34.64 22.74 48.38
C GLY C 236 34.68 23.96 49.27
N GLY C 237 34.37 25.12 48.71
CA GLY C 237 34.40 26.34 49.52
C GLY C 237 35.72 27.11 49.53
N GLU C 238 36.70 26.68 48.75
CA GLU C 238 37.99 27.39 48.73
C GLU C 238 37.87 28.76 48.04
N GLN C 239 36.99 28.85 47.06
CA GLN C 239 36.74 30.10 46.34
C GLN C 239 35.22 30.29 46.33
N GLY C 240 34.77 31.30 45.60
CA GLY C 240 33.36 31.59 45.48
C GLY C 240 32.86 32.14 46.78
N SER C 241 31.55 32.13 46.99
CA SER C 241 31.03 32.67 48.21
C SER C 241 29.82 31.99 48.81
N LEU C 242 29.69 32.23 50.10
CA LEU C 242 28.61 31.69 50.91
C LEU C 242 27.88 32.92 51.41
N PHE C 243 26.65 33.14 50.92
CA PHE C 243 25.88 34.31 51.30
C PHE C 243 24.43 33.99 51.68
N ALA C 244 23.75 34.98 52.23
CA ALA C 244 22.37 34.84 52.64
C ALA C 244 21.41 34.95 51.45
N ALA C 245 20.61 33.92 51.24
CA ALA C 245 19.67 33.98 50.12
C ALA C 245 18.67 35.09 50.47
N SER C 246 17.97 35.63 49.48
CA SER C 246 17.00 36.67 49.77
C SER C 246 15.58 36.09 49.90
N LYS C 247 15.01 36.24 51.09
CA LYS C 247 13.66 35.79 51.38
C LYS C 247 12.68 36.94 51.18
N ASP C 248 13.19 38.11 50.81
CA ASP C 248 12.34 39.29 50.56
C ASP C 248 11.21 38.98 49.53
N ALA C 249 9.96 39.17 49.92
CA ALA C 249 8.83 38.90 49.01
C ALA C 249 8.24 40.14 48.33
N SER C 250 8.84 41.32 48.54
CA SER C 250 8.33 42.53 47.91
C SER C 250 8.19 42.31 46.41
N ARG C 251 9.17 41.62 45.85
CA ARG C 251 9.20 41.34 44.44
C ARG C 251 7.90 40.71 43.85
N LEU C 252 7.15 39.98 44.66
CA LEU C 252 5.94 39.35 44.12
C LEU C 252 4.89 40.37 43.66
N LYS C 253 4.86 41.56 44.28
CA LYS C 253 3.91 42.58 43.88
C LYS C 253 4.35 43.02 42.50
N GLU C 254 5.56 43.55 42.46
CA GLU C 254 6.17 43.99 41.22
C GLU C 254 6.01 42.93 40.10
N GLN C 255 6.42 41.69 40.37
CA GLN C 255 6.41 40.62 39.37
C GLN C 255 5.11 39.94 39.02
N TYR C 256 4.25 39.71 40.01
CA TYR C 256 3.01 39.00 39.76
C TYR C 256 1.73 39.70 40.16
N GLY C 257 1.84 40.93 40.65
CA GLY C 257 0.63 41.61 41.07
C GLY C 257 0.03 40.99 42.32
N ILE C 258 0.85 40.31 43.10
CA ILE C 258 0.36 39.72 44.34
C ILE C 258 0.62 40.67 45.47
N ASP C 259 -0.40 40.96 46.27
CA ASP C 259 -0.21 41.86 47.40
C ASP C 259 0.58 41.11 48.46
N VAL C 260 1.60 41.76 49.01
CA VAL C 260 2.43 41.15 50.04
C VAL C 260 2.27 41.89 51.37
N PRO C 261 1.58 41.28 52.34
CA PRO C 261 1.45 42.02 53.60
C PRO C 261 2.81 42.12 54.28
N ASP C 262 2.93 43.12 55.13
CA ASP C 262 4.14 43.35 55.92
C ASP C 262 4.47 42.06 56.68
N GLY C 263 5.76 41.73 56.74
CA GLY C 263 6.14 40.56 57.49
C GLY C 263 5.88 39.17 56.91
N PHE C 264 5.74 39.06 55.59
CA PHE C 264 5.58 37.78 54.92
C PHE C 264 6.78 37.60 53.97
N PHE C 265 7.40 36.42 54.00
CA PHE C 265 8.58 36.13 53.21
C PHE C 265 8.51 34.92 52.29
N CYS C 266 9.49 34.83 51.41
CA CYS C 266 9.61 33.70 50.51
C CYS C 266 10.13 32.55 51.35
N GLU C 267 9.89 31.33 50.90
CA GLU C 267 10.29 30.13 51.63
C GLU C 267 11.73 29.68 51.50
N ARG C 268 12.19 29.05 52.58
CA ARG C 268 13.51 28.44 52.61
C ARG C 268 13.40 27.26 51.64
N ARG C 269 14.45 27.07 50.85
CA ARG C 269 14.49 25.97 49.88
C ARG C 269 15.64 25.09 50.26
N ARG C 270 15.41 23.79 50.22
CA ARG C 270 16.46 22.86 50.55
C ARG C 270 16.72 21.97 49.34
N THR C 271 17.95 21.50 49.22
CA THR C 271 18.30 20.66 48.10
C THR C 271 17.83 19.25 48.46
N ALA C 272 17.32 18.55 47.47
CA ALA C 272 16.87 17.17 47.63
C ALA C 272 17.45 16.48 46.39
N MET C 273 17.72 15.18 46.46
CA MET C 273 18.28 14.49 45.30
C MET C 273 17.49 13.25 44.93
N GLY C 274 17.17 13.11 43.64
CA GLY C 274 16.46 11.93 43.19
C GLY C 274 17.52 10.99 42.63
N GLY C 275 17.56 9.78 43.12
CA GLY C 275 18.56 8.85 42.63
C GLY C 275 18.19 8.13 41.34
N PRO C 276 19.21 7.64 40.59
CA PRO C 276 18.93 6.93 39.35
C PRO C 276 18.35 5.59 39.85
N PHE C 277 17.05 5.39 39.60
CA PHE C 277 16.38 4.22 40.15
C PHE C 277 16.98 2.83 39.91
N ALA C 278 17.59 2.60 38.75
CA ALA C 278 18.21 1.29 38.51
C ALA C 278 19.33 1.03 39.52
N LEU C 279 20.08 2.07 39.89
CA LEU C 279 21.17 1.94 40.88
C LEU C 279 20.57 1.83 42.28
N ASN C 280 19.51 2.59 42.55
CA ASN C 280 18.88 2.55 43.87
C ASN C 280 18.12 1.29 44.25
N ALA C 281 17.46 0.66 43.28
CA ALA C 281 16.69 -0.57 43.54
C ALA C 281 17.49 -1.65 44.28
N PRO C 282 18.66 -2.04 43.77
CA PRO C 282 19.40 -3.07 44.51
C PRO C 282 19.82 -2.64 45.91
N ILE C 283 19.88 -1.34 46.16
CA ILE C 283 20.28 -0.87 47.48
C ILE C 283 19.08 -0.93 48.39
N MET C 284 17.94 -0.49 47.87
CA MET C 284 16.70 -0.51 48.63
C MET C 284 16.34 -1.95 49.03
N ALA C 285 16.62 -2.89 48.13
CA ALA C 285 16.31 -4.31 48.41
C ALA C 285 17.04 -4.82 49.66
N VAL C 286 18.15 -4.18 50.01
CA VAL C 286 18.90 -4.56 51.19
C VAL C 286 18.51 -3.68 52.37
N ALA C 287 18.27 -2.40 52.10
CA ALA C 287 17.92 -1.48 53.16
C ALA C 287 16.68 -1.85 53.97
N GLN C 288 15.63 -2.28 53.28
CA GLN C 288 14.41 -2.59 54.05
C GLN C 288 14.69 -3.74 55.04
N PRO C 289 15.36 -4.82 54.58
CA PRO C 289 15.63 -5.90 55.55
C PRO C 289 16.44 -5.39 56.76
N VAL C 290 17.34 -4.45 56.52
CA VAL C 290 18.13 -3.89 57.61
C VAL C 290 17.21 -3.14 58.56
N ARG C 291 16.32 -2.33 58.00
CA ARG C 291 15.38 -1.58 58.86
C ARG C 291 14.57 -2.56 59.71
N ASN C 292 14.10 -3.62 59.08
CA ASN C 292 13.31 -4.62 59.79
C ASN C 292 14.14 -5.19 60.93
N LYS C 293 15.43 -5.37 60.71
CA LYS C 293 16.26 -5.90 61.79
C LYS C 293 16.43 -4.94 62.94
N ILE C 294 16.91 -3.72 62.66
CA ILE C 294 17.11 -2.79 63.73
C ILE C 294 15.82 -2.32 64.40
N TYR C 295 14.70 -2.36 63.68
CA TYR C 295 13.44 -1.93 64.31
C TYR C 295 12.82 -3.03 65.16
N SER C 296 13.33 -4.25 65.02
CA SER C 296 12.85 -5.38 65.80
C SER C 296 13.84 -5.70 66.93
N LYS C 297 15.00 -6.23 66.58
CA LYS C 297 16.01 -6.55 67.59
C LYS C 297 16.53 -5.35 68.36
N TYR C 298 16.64 -4.20 67.70
CA TYR C 298 17.13 -3.03 68.43
C TYR C 298 16.05 -1.97 68.53
N ALA C 299 14.81 -2.45 68.67
CA ALA C 299 13.65 -1.58 68.79
C ALA C 299 13.83 -0.53 69.84
N TYR C 300 14.49 -0.88 70.94
CA TYR C 300 14.68 0.09 71.99
C TYR C 300 15.31 1.41 71.57
N THR C 301 16.42 1.36 70.83
CA THR C 301 17.03 2.62 70.46
C THR C 301 16.51 3.10 69.10
N PHE C 302 16.02 2.19 68.27
CA PHE C 302 15.57 2.57 66.92
C PHE C 302 14.10 2.61 66.47
N HIS C 303 13.20 1.88 67.13
CA HIS C 303 11.79 1.88 66.70
C HIS C 303 10.96 2.85 67.51
N HIS C 304 10.58 3.96 66.86
CA HIS C 304 9.82 4.98 67.54
C HIS C 304 8.46 5.19 66.87
N THR C 305 7.41 5.11 67.67
CA THR C 305 6.06 5.24 67.14
C THR C 305 5.30 6.37 67.80
N THR C 306 4.66 6.08 68.93
CA THR C 306 3.85 7.08 69.62
C THR C 306 4.61 7.88 70.67
N ARG C 307 3.94 8.89 71.23
CA ARG C 307 4.53 9.70 72.28
C ARG C 307 4.71 8.85 73.54
N LEU C 308 3.76 7.94 73.79
CA LEU C 308 3.86 7.06 74.96
C LEU C 308 4.97 6.02 74.72
N ASN C 309 5.11 5.57 73.49
CA ASN C 309 6.16 4.60 73.16
C ASN C 309 7.53 5.20 73.57
N LYS C 310 7.73 6.48 73.29
CA LYS C 310 8.97 7.19 73.63
C LYS C 310 9.01 7.48 75.12
N GLU C 311 7.86 7.86 75.65
CA GLU C 311 7.75 8.21 77.05
C GLU C 311 8.14 7.08 78.01
N GLU C 312 7.76 5.85 77.69
CA GLU C 312 8.09 4.75 78.58
C GLU C 312 9.60 4.59 78.78
N LYS C 313 10.35 4.77 77.70
CA LYS C 313 11.81 4.65 77.75
C LYS C 313 12.46 5.78 78.52
N VAL C 314 12.11 7.01 78.17
CA VAL C 314 12.71 8.17 78.84
C VAL C 314 12.34 8.34 80.32
N LYS C 315 11.19 7.82 80.72
CA LYS C 315 10.75 7.90 82.11
C LYS C 315 11.79 7.24 83.02
N GLU C 316 12.25 6.06 82.60
CA GLU C 316 13.24 5.28 83.35
C GLU C 316 14.61 5.91 83.47
N TRP C 317 14.86 7.03 82.81
CA TRP C 317 16.19 7.65 82.88
C TRP C 317 16.29 8.65 84.00
N SER C 318 17.51 8.85 84.49
CA SER C 318 17.77 9.81 85.56
C SER C 318 18.12 11.15 84.94
N LEU C 319 18.60 11.08 83.70
CA LEU C 319 18.96 12.28 82.96
C LEU C 319 18.67 12.03 81.49
N CYS C 320 18.13 13.05 80.82
CA CYS C 320 17.80 12.93 79.40
C CYS C 320 18.37 14.15 78.69
N VAL C 321 19.30 13.95 77.76
CA VAL C 321 19.88 15.09 77.04
C VAL C 321 19.41 15.05 75.57
N ALA C 322 18.66 16.07 75.18
CA ALA C 322 18.12 16.20 73.83
C ALA C 322 19.19 16.89 72.98
N THR C 323 19.80 16.16 72.06
CA THR C 323 20.87 16.74 71.24
C THR C 323 20.39 17.28 69.90
N ASP C 324 21.28 18.03 69.25
CA ASP C 324 21.06 18.67 67.97
C ASP C 324 22.33 18.51 67.13
N VAL C 325 22.19 18.26 65.84
CA VAL C 325 23.37 18.10 64.98
C VAL C 325 23.26 19.15 63.89
N SER C 326 24.34 19.86 63.61
CA SER C 326 24.31 20.86 62.56
C SER C 326 24.53 20.30 61.14
N ASP C 327 23.60 20.65 60.25
CA ASP C 327 23.67 20.28 58.83
C ASP C 327 24.19 18.85 58.63
N HIS C 328 23.46 17.89 59.17
CA HIS C 328 23.89 16.51 59.10
C HIS C 328 24.28 15.94 57.75
N ASP C 329 23.37 16.04 56.78
CA ASP C 329 23.67 15.45 55.47
C ASP C 329 24.91 16.00 54.77
N THR C 330 25.13 17.29 54.87
CA THR C 330 26.28 17.87 54.18
C THR C 330 27.60 17.57 54.91
N PHE C 331 27.54 17.37 56.23
CA PHE C 331 28.73 17.03 57.01
C PHE C 331 29.03 15.51 57.04
N TRP C 332 28.06 14.70 56.64
CA TRP C 332 28.21 13.22 56.67
C TRP C 332 29.53 12.85 56.02
N PRO C 333 30.37 12.08 56.72
CA PRO C 333 31.68 11.71 56.15
C PRO C 333 31.87 10.55 55.20
N GLY C 334 32.52 10.86 54.09
CA GLY C 334 32.82 9.85 53.10
C GLY C 334 33.68 8.76 53.69
N TRP C 335 34.49 9.08 54.69
CA TRP C 335 35.32 8.00 55.21
C TRP C 335 34.42 6.94 55.87
N LEU C 336 33.25 7.33 56.36
CA LEU C 336 32.34 6.34 56.97
C LEU C 336 31.78 5.44 55.86
N ARG C 337 31.48 6.03 54.70
CA ARG C 337 31.02 5.25 53.55
C ARG C 337 32.09 4.17 53.29
N ASP C 338 33.35 4.58 53.25
CA ASP C 338 34.41 3.61 52.98
C ASP C 338 34.60 2.58 54.08
N LEU C 339 34.47 3.00 55.34
CA LEU C 339 34.64 2.06 56.44
C LEU C 339 33.50 1.04 56.37
N ILE C 340 32.31 1.50 56.05
CA ILE C 340 31.16 0.59 55.98
C ILE C 340 31.33 -0.45 54.87
N CYS C 341 31.76 0.00 53.70
CA CYS C 341 31.98 -0.88 52.57
C CYS C 341 33.04 -1.91 52.91
N ASP C 342 34.11 -1.45 53.54
CA ASP C 342 35.21 -2.33 53.94
C ASP C 342 34.73 -3.41 54.88
N GLU C 343 33.92 -3.03 55.87
CA GLU C 343 33.42 -4.00 56.82
C GLU C 343 32.41 -4.95 56.18
N LEU C 344 31.54 -4.45 55.30
CA LEU C 344 30.59 -5.33 54.63
C LEU C 344 31.38 -6.39 53.86
N LEU C 345 32.49 -6.00 53.25
CA LEU C 345 33.33 -6.96 52.52
C LEU C 345 33.88 -8.00 53.50
N ASN C 346 34.38 -7.55 54.65
CA ASN C 346 34.94 -8.44 55.64
C ASN C 346 33.88 -9.43 56.11
N MET C 347 32.63 -8.97 56.11
CA MET C 347 31.51 -9.79 56.51
C MET C 347 31.13 -10.83 55.47
N GLY C 348 31.59 -10.65 54.24
CA GLY C 348 31.27 -11.61 53.20
C GLY C 348 30.23 -11.16 52.17
N TYR C 349 29.83 -9.89 52.24
CA TYR C 349 28.87 -9.38 51.26
C TYR C 349 29.47 -9.44 49.86
N ALA C 350 28.65 -9.68 48.85
CA ALA C 350 29.14 -9.75 47.48
C ALA C 350 29.88 -8.45 47.15
N PRO C 351 31.11 -8.55 46.62
CA PRO C 351 31.89 -7.35 46.28
C PRO C 351 31.22 -6.45 45.25
N TRP C 352 30.52 -7.06 44.29
CA TRP C 352 29.84 -6.28 43.25
C TRP C 352 28.72 -5.42 43.85
N TRP C 353 28.03 -5.93 44.86
CA TRP C 353 26.96 -5.17 45.50
C TRP C 353 27.56 -4.06 46.34
N VAL C 354 28.65 -4.36 47.06
CA VAL C 354 29.28 -3.34 47.88
C VAL C 354 29.75 -2.23 46.96
N LYS C 355 30.27 -2.60 45.79
CA LYS C 355 30.73 -1.59 44.86
C LYS C 355 29.58 -0.69 44.39
N LEU C 356 28.39 -1.27 44.22
CA LEU C 356 27.25 -0.45 43.79
C LEU C 356 26.91 0.52 44.91
N PHE C 357 26.94 0.02 46.14
CA PHE C 357 26.64 0.83 47.31
C PHE C 357 27.65 1.99 47.43
N GLU C 358 28.92 1.64 47.32
CA GLU C 358 29.97 2.64 47.41
C GLU C 358 29.76 3.74 46.36
N THR C 359 29.56 3.34 45.11
CA THR C 359 29.36 4.26 44.02
C THR C 359 28.14 5.18 44.21
N SER C 360 27.06 4.65 44.78
CA SER C 360 25.86 5.44 45.03
C SER C 360 26.15 6.59 46.01
N LEU C 361 27.26 6.48 46.77
CA LEU C 361 27.60 7.51 47.73
C LEU C 361 28.79 8.38 47.27
N LYS C 362 29.05 8.39 45.96
CA LYS C 362 30.14 9.16 45.35
C LYS C 362 29.70 9.72 44.01
N LEU C 363 28.42 9.51 43.71
CA LEU C 363 27.87 9.91 42.43
C LEU C 363 27.78 11.39 42.10
N PRO C 364 27.97 11.75 40.81
CA PRO C 364 27.87 13.15 40.38
C PRO C 364 26.42 13.70 40.65
N VAL C 365 26.26 15.00 40.60
CA VAL C 365 24.93 15.59 40.80
C VAL C 365 24.58 16.60 39.71
N TYR C 366 23.38 16.46 39.15
CA TYR C 366 22.94 17.38 38.12
C TYR C 366 22.06 18.43 38.76
N VAL C 367 22.53 19.67 38.68
CA VAL C 367 21.85 20.81 39.25
C VAL C 367 20.87 21.40 38.25
N GLY C 368 19.61 21.43 38.64
CA GLY C 368 18.58 21.94 37.77
C GLY C 368 18.44 23.44 37.68
N ALA C 369 17.66 24.02 38.58
CA ALA C 369 17.44 25.45 38.52
C ALA C 369 17.33 26.05 39.92
N PRO C 370 18.46 26.51 40.48
CA PRO C 370 18.51 27.10 41.82
C PRO C 370 17.93 28.51 41.84
N ALA C 371 17.86 29.12 40.65
CA ALA C 371 17.37 30.48 40.49
C ALA C 371 17.12 30.77 39.00
N PRO C 372 16.46 31.89 38.68
CA PRO C 372 16.22 32.19 37.27
C PRO C 372 17.58 32.35 36.54
N GLU C 373 17.70 31.82 35.33
CA GLU C 373 18.94 31.95 34.56
C GLU C 373 20.16 31.26 35.15
N GLN C 374 19.96 30.30 36.04
CA GLN C 374 21.08 29.58 36.63
C GLN C 374 20.81 28.11 36.63
N GLY C 375 21.88 27.31 36.58
CA GLY C 375 21.71 25.88 36.66
C GLY C 375 22.03 25.07 35.45
N HIS C 376 21.31 23.96 35.30
CA HIS C 376 21.48 23.05 34.18
C HIS C 376 22.97 22.74 34.00
N THR C 377 23.56 22.28 35.09
CA THR C 377 24.97 21.94 35.11
C THR C 377 25.19 20.66 35.90
N LEU C 378 25.99 19.77 35.32
CA LEU C 378 26.35 18.52 35.96
C LEU C 378 27.65 18.74 36.74
N LEU C 379 27.67 18.37 38.03
CA LEU C 379 28.87 18.49 38.86
C LEU C 379 29.41 17.08 39.04
N GLY C 380 30.67 16.87 38.69
CA GLY C 380 31.26 15.56 38.84
C GLY C 380 31.26 14.79 37.53
N ASP C 381 32.21 13.88 37.36
CA ASP C 381 32.30 13.13 36.12
C ASP C 381 31.74 11.75 36.29
N PRO C 382 30.65 11.44 35.58
CA PRO C 382 30.05 10.10 35.72
C PRO C 382 30.98 8.96 35.33
N SER C 383 32.02 9.26 34.55
CA SER C 383 32.93 8.18 34.16
C SER C 383 33.75 7.63 35.33
N ASN C 384 33.88 8.43 36.39
CA ASN C 384 34.63 7.97 37.56
C ASN C 384 34.08 8.68 38.79
N PRO C 385 32.98 8.16 39.36
CA PRO C 385 32.32 8.75 40.53
C PRO C 385 33.29 9.00 41.68
N ASP C 386 33.45 10.26 42.07
CA ASP C 386 34.38 10.59 43.14
C ASP C 386 33.94 11.80 43.98
N LEU C 387 32.64 12.12 44.03
CA LEU C 387 32.20 13.28 44.81
C LEU C 387 32.14 12.97 46.30
N GLU C 388 32.17 14.01 47.12
CA GLU C 388 32.08 13.87 48.58
C GLU C 388 30.99 14.85 49.01
N VAL C 389 29.78 14.67 48.51
CA VAL C 389 28.72 15.63 48.86
C VAL C 389 28.18 15.43 50.28
N GLY C 390 28.60 14.33 50.92
CA GLY C 390 28.07 14.03 52.24
C GLY C 390 27.05 12.92 52.00
N LEU C 391 25.83 13.04 52.49
CA LEU C 391 24.83 12.01 52.27
C LEU C 391 23.81 12.52 51.25
N SER C 392 23.58 11.79 50.15
CA SER C 392 22.58 12.21 49.15
C SER C 392 21.20 11.74 49.61
N SER C 393 20.21 12.63 49.69
CA SER C 393 18.87 12.22 50.13
C SER C 393 18.19 11.11 49.31
N GLY C 394 18.51 10.99 48.03
CA GLY C 394 17.86 9.95 47.25
C GLY C 394 18.60 8.63 47.16
N GLN C 395 19.68 8.48 47.93
CA GLN C 395 20.45 7.24 47.92
C GLN C 395 19.49 6.28 48.64
N GLY C 396 19.43 5.03 48.19
CA GLY C 396 18.48 4.11 48.80
C GLY C 396 18.53 3.78 50.30
N ALA C 397 19.60 4.19 50.99
CA ALA C 397 19.72 3.87 52.41
C ALA C 397 20.12 5.08 53.28
N THR C 398 19.76 6.29 52.84
CA THR C 398 20.18 7.48 53.57
C THR C 398 19.79 7.50 55.03
N ASP C 399 18.60 7.01 55.34
CA ASP C 399 18.19 6.99 56.74
C ASP C 399 19.15 6.08 57.55
N LEU C 400 19.49 4.92 57.01
CA LEU C 400 20.37 4.02 57.72
C LEU C 400 21.78 4.60 57.85
N MET C 401 22.24 5.32 56.82
CA MET C 401 23.58 5.90 56.88
C MET C 401 23.65 6.96 57.96
N GLY C 402 22.60 7.76 58.04
CA GLY C 402 22.59 8.77 59.08
C GLY C 402 22.50 8.16 60.47
N THR C 403 21.62 7.17 60.62
CA THR C 403 21.45 6.50 61.90
C THR C 403 22.74 5.84 62.39
N LEU C 404 23.44 5.14 61.50
CA LEU C 404 24.69 4.45 61.83
C LEU C 404 25.73 5.46 62.34
N LEU C 405 25.94 6.52 61.57
CA LEU C 405 26.88 7.55 61.97
C LEU C 405 26.57 8.12 63.32
N MET C 406 25.35 8.67 63.43
CA MET C 406 24.94 9.36 64.63
C MET C 406 24.81 8.45 65.85
N SER C 407 24.32 7.23 65.67
CA SER C 407 24.16 6.38 66.86
C SER C 407 25.52 6.11 67.51
N ILE C 408 26.53 5.82 66.69
CA ILE C 408 27.86 5.60 67.23
C ILE C 408 28.47 6.90 67.72
N THR C 409 28.23 7.98 66.99
CA THR C 409 28.74 9.27 67.43
C THR C 409 28.25 9.62 68.86
N TYR C 410 26.96 9.38 69.15
CA TYR C 410 26.40 9.67 70.47
C TYR C 410 26.98 8.72 71.52
N LEU C 411 27.08 7.44 71.19
CA LEU C 411 27.67 6.47 72.10
C LEU C 411 29.11 6.92 72.44
N VAL C 412 29.87 7.34 71.42
CA VAL C 412 31.22 7.78 71.69
C VAL C 412 31.22 8.98 72.62
N MET C 413 30.27 9.88 72.42
CA MET C 413 30.18 11.05 73.29
C MET C 413 29.95 10.60 74.72
N GLN C 414 29.06 9.64 74.93
CA GLN C 414 28.81 9.16 76.30
C GLN C 414 30.06 8.48 76.91
N LEU C 415 30.73 7.67 76.10
CA LEU C 415 31.93 6.98 76.57
C LEU C 415 33.01 8.00 76.94
N ASP C 416 33.28 8.93 76.03
CA ASP C 416 34.29 9.94 76.22
C ASP C 416 34.06 10.83 77.43
N HIS C 417 32.84 11.33 77.61
CA HIS C 417 32.60 12.26 78.71
C HIS C 417 31.96 11.74 79.96
N THR C 418 31.48 10.50 79.95
CA THR C 418 30.78 10.02 81.13
C THR C 418 31.02 8.57 81.54
N ALA C 419 31.40 7.69 80.62
CA ALA C 419 31.59 6.29 80.97
C ALA C 419 32.91 5.61 80.59
N PRO C 420 34.05 6.22 80.93
CA PRO C 420 35.32 5.56 80.57
C PRO C 420 35.42 4.13 81.13
N HIS C 421 34.73 3.86 82.23
CA HIS C 421 34.76 2.54 82.84
C HIS C 421 34.21 1.46 81.94
N LEU C 422 33.54 1.88 80.86
CA LEU C 422 33.00 0.89 79.95
C LEU C 422 33.97 0.62 78.81
N ASN C 423 35.01 1.45 78.67
CA ASN C 423 35.96 1.22 77.58
C ASN C 423 36.57 -0.16 77.59
N SER C 424 36.85 -0.71 78.78
CA SER C 424 37.47 -2.05 78.82
C SER C 424 36.59 -3.15 78.23
N ARG C 425 35.30 -2.86 78.01
CA ARG C 425 34.40 -3.87 77.44
C ARG C 425 34.54 -3.88 75.91
N ILE C 426 35.32 -2.96 75.36
CA ILE C 426 35.49 -2.87 73.91
C ILE C 426 36.97 -3.11 73.55
N LYS C 427 37.34 -4.38 73.40
CA LYS C 427 38.72 -4.76 73.14
C LYS C 427 39.03 -5.25 71.74
N ASP C 428 38.02 -5.79 71.09
CA ASP C 428 38.20 -6.32 69.75
C ASP C 428 36.83 -6.37 69.08
N MET C 429 36.73 -6.98 67.91
CA MET C 429 35.43 -6.98 67.27
C MET C 429 34.35 -7.72 68.05
N PRO C 430 34.63 -8.95 68.50
CA PRO C 430 33.62 -9.71 69.24
C PRO C 430 33.09 -8.96 70.45
N SER C 431 34.01 -8.41 71.24
CA SER C 431 33.57 -7.68 72.40
C SER C 431 32.86 -6.37 72.03
N ALA C 432 33.28 -5.73 70.93
CA ALA C 432 32.62 -4.49 70.51
C ALA C 432 31.17 -4.81 70.15
N CYS C 433 31.00 -5.86 69.36
CA CYS C 433 29.67 -6.30 68.95
C CYS C 433 28.80 -6.67 70.14
N ARG C 434 29.36 -7.38 71.12
CA ARG C 434 28.58 -7.74 72.31
C ARG C 434 28.21 -6.49 73.09
N PHE C 435 29.16 -5.57 73.22
CA PHE C 435 28.83 -4.36 73.96
C PHE C 435 27.76 -3.51 73.25
N LEU C 436 27.93 -3.29 71.93
CA LEU C 436 26.98 -2.47 71.17
C LEU C 436 25.62 -3.13 71.16
N ASP C 437 25.59 -4.44 70.99
CA ASP C 437 24.33 -5.18 71.00
C ASP C 437 23.57 -4.92 72.30
N SER C 438 24.28 -4.96 73.42
CA SER C 438 23.67 -4.72 74.70
C SER C 438 23.22 -3.25 74.82
N TYR C 439 24.09 -2.35 74.36
CA TYR C 439 23.80 -0.92 74.42
C TYR C 439 22.56 -0.54 73.62
N TRP C 440 22.44 -1.08 72.41
CA TRP C 440 21.30 -0.80 71.54
C TRP C 440 19.98 -1.38 72.04
N GLN C 441 20.02 -2.39 72.92
CA GLN C 441 18.80 -2.98 73.47
C GLN C 441 18.38 -2.26 74.74
N GLY C 442 19.10 -1.20 75.09
CA GLY C 442 18.79 -0.44 76.28
C GLY C 442 19.20 -1.13 77.58
N HIS C 443 20.14 -2.07 77.51
CA HIS C 443 20.60 -2.79 78.69
C HIS C 443 21.78 -2.19 79.46
N GLU C 444 22.32 -1.05 79.03
CA GLU C 444 23.45 -0.46 79.73
C GLU C 444 23.02 0.74 80.51
N GLU C 445 23.88 1.24 81.40
CA GLU C 445 23.53 2.40 82.21
C GLU C 445 23.50 3.66 81.37
N ILE C 446 24.11 3.61 80.19
CA ILE C 446 24.02 4.78 79.30
C ILE C 446 23.10 4.26 78.19
N ARG C 447 22.18 5.11 77.73
CA ARG C 447 21.23 4.70 76.69
C ARG C 447 20.97 5.79 75.68
N GLN C 448 20.19 5.46 74.66
CA GLN C 448 19.81 6.45 73.64
C GLN C 448 18.64 5.98 72.81
N ILE C 449 17.89 6.95 72.30
CA ILE C 449 16.84 6.64 71.34
C ILE C 449 17.22 7.62 70.24
N SER C 450 17.22 7.15 69.01
CA SER C 450 17.61 8.04 67.93
C SER C 450 17.10 7.63 66.58
N LYS C 451 17.25 8.57 65.66
CA LYS C 451 16.87 8.36 64.27
C LYS C 451 17.62 9.47 63.51
N SER C 452 18.60 9.07 62.70
CA SER C 452 19.38 10.04 61.94
C SER C 452 19.92 11.12 62.87
N ASP C 453 19.59 12.37 62.58
CA ASP C 453 20.08 13.48 63.38
C ASP C 453 19.23 13.94 64.56
N ASP C 454 18.25 13.15 64.97
CA ASP C 454 17.45 13.50 66.14
C ASP C 454 17.70 12.40 67.19
N ALA C 455 17.82 12.78 68.45
CA ALA C 455 18.07 11.79 69.50
C ALA C 455 17.95 12.34 70.89
N MET C 456 17.76 11.44 71.85
CA MET C 456 17.77 11.87 73.24
C MET C 456 18.70 10.84 73.86
N LEU C 457 19.65 11.32 74.66
CA LEU C 457 20.65 10.46 75.26
C LEU C 457 20.34 10.30 76.75
N GLY C 458 20.36 9.06 77.23
CA GLY C 458 20.05 8.83 78.63
C GLY C 458 21.11 8.19 79.54
N TRP C 459 20.90 8.42 80.83
CA TRP C 459 21.75 7.92 81.91
C TRP C 459 20.82 7.45 83.00
N THR C 460 20.99 6.20 83.44
CA THR C 460 20.20 5.68 84.55
C THR C 460 21.08 5.99 85.76
N LYS C 461 20.77 5.42 86.90
CA LYS C 461 21.62 5.67 88.08
C LYS C 461 22.89 4.87 87.85
N GLY C 462 24.03 5.39 88.29
CA GLY C 462 25.24 4.63 88.10
C GLY C 462 26.46 5.50 88.07
N ARG C 463 27.59 4.90 87.72
CA ARG C 463 28.84 5.63 87.66
C ARG C 463 28.91 6.71 86.59
N ALA C 464 28.19 6.50 85.49
CA ALA C 464 28.18 7.46 84.38
C ALA C 464 27.31 8.69 84.63
N LEU C 465 26.28 8.55 85.48
CA LEU C 465 25.36 9.65 85.77
C LEU C 465 26.00 10.98 86.06
N VAL C 466 26.98 11.00 86.96
CA VAL C 466 27.66 12.23 87.29
C VAL C 466 28.29 12.86 86.05
N GLY C 467 28.90 12.02 85.21
CA GLY C 467 29.52 12.54 83.99
C GLY C 467 28.45 13.03 83.01
N GLY C 468 27.30 12.37 83.03
CA GLY C 468 26.21 12.79 82.17
C GLY C 468 25.89 14.25 82.46
N HIS C 469 25.82 14.60 83.74
CA HIS C 469 25.50 15.97 84.12
C HIS C 469 26.56 16.93 83.66
N ARG C 470 27.82 16.52 83.77
CA ARG C 470 28.92 17.39 83.31
C ARG C 470 28.81 17.62 81.80
N LEU C 471 28.41 16.59 81.08
CA LEU C 471 28.27 16.71 79.61
C LEU C 471 27.18 17.71 79.26
N PHE C 472 26.03 17.57 79.91
CA PHE C 472 24.90 18.46 79.70
C PHE C 472 25.42 19.90 79.92
N GLU C 473 26.08 20.09 81.05
CA GLU C 473 26.59 21.40 81.37
C GLU C 473 27.52 21.87 80.25
N MET C 474 28.34 20.96 79.74
CA MET C 474 29.26 21.33 78.66
C MET C 474 28.45 21.82 77.44
N LEU C 475 27.38 21.12 77.12
CA LEU C 475 26.51 21.49 76.02
C LEU C 475 25.87 22.86 76.31
N LYS C 476 25.32 23.04 77.52
CA LYS C 476 24.72 24.31 77.86
C LYS C 476 25.71 25.46 77.65
N GLU C 477 26.94 25.28 78.11
CA GLU C 477 27.94 26.33 77.96
C GLU C 477 28.23 26.59 76.50
N GLY C 478 28.04 25.55 75.71
CA GLY C 478 28.22 25.64 74.27
C GLY C 478 29.50 26.22 73.73
N LYS C 479 30.62 25.99 74.42
CA LYS C 479 31.89 26.51 73.93
C LYS C 479 32.75 25.45 73.27
N VAL C 480 32.56 24.20 73.67
CA VAL C 480 33.38 23.10 73.13
C VAL C 480 32.54 22.00 72.50
N ASN C 481 32.89 21.58 71.28
CA ASN C 481 32.14 20.52 70.62
C ASN C 481 32.47 19.22 71.35
N PRO C 482 31.46 18.52 71.88
CA PRO C 482 31.69 17.25 72.60
C PRO C 482 32.06 16.05 71.73
N SER C 483 32.04 16.23 70.42
CA SER C 483 32.36 15.11 69.52
C SER C 483 33.40 15.47 68.48
N PRO C 484 34.24 14.50 68.10
CA PRO C 484 35.24 14.80 67.07
C PRO C 484 34.64 14.55 65.66
N TYR C 485 33.44 13.98 65.58
CA TYR C 485 32.84 13.61 64.27
C TYR C 485 31.82 14.51 63.59
N MET C 486 30.95 15.14 64.38
CA MET C 486 29.94 16.04 63.88
C MET C 486 29.79 17.21 64.86
N LYS C 487 29.13 18.29 64.45
CA LYS C 487 28.90 19.43 65.34
C LYS C 487 27.65 19.15 66.15
N ILE C 488 27.82 18.85 67.43
CA ILE C 488 26.71 18.51 68.31
C ILE C 488 26.48 19.62 69.31
N SER C 489 25.21 19.93 69.58
CA SER C 489 24.84 20.93 70.60
C SER C 489 23.60 20.36 71.29
N TYR C 490 22.95 21.14 72.17
CA TYR C 490 21.72 20.64 72.79
C TYR C 490 20.57 21.35 72.06
N GLU C 491 19.43 20.67 71.91
CA GLU C 491 18.30 21.26 71.21
C GLU C 491 17.57 22.30 72.07
N HIS C 492 17.32 23.48 71.53
CA HIS C 492 16.62 24.49 72.32
C HIS C 492 15.13 24.14 72.27
N GLY C 493 14.67 23.45 73.29
CA GLY C 493 13.28 23.03 73.29
C GLY C 493 13.38 21.57 72.86
N GLY C 494 13.93 20.75 73.75
CA GLY C 494 14.12 19.34 73.47
C GLY C 494 12.92 18.60 72.96
N ALA C 495 13.06 17.94 71.81
CA ALA C 495 11.94 17.18 71.25
C ALA C 495 12.56 16.01 70.53
N PHE C 496 11.79 14.93 70.34
CA PHE C 496 12.29 13.75 69.64
C PHE C 496 11.23 13.32 68.63
N LEU C 497 11.61 13.23 67.36
CA LEU C 497 10.67 12.86 66.30
C LEU C 497 9.30 13.58 66.40
N GLY C 498 9.32 14.90 66.46
CA GLY C 498 8.06 15.65 66.51
C GLY C 498 7.40 15.87 67.85
N ASP C 499 7.72 15.04 68.85
CA ASP C 499 7.13 15.21 70.16
C ASP C 499 8.04 15.94 71.12
N ILE C 500 7.49 16.97 71.75
CA ILE C 500 8.23 17.77 72.71
C ILE C 500 8.26 17.05 74.07
N LEU C 501 9.41 17.08 74.75
CA LEU C 501 9.51 16.46 76.07
C LEU C 501 9.15 17.57 77.05
N LEU C 502 7.95 17.47 77.64
CA LEU C 502 7.44 18.48 78.56
C LEU C 502 7.79 18.13 80.01
N TYR C 503 8.68 18.91 80.59
CA TYR C 503 9.14 18.70 81.97
C TYR C 503 8.25 19.45 82.95
N ASP C 504 8.21 19.03 84.20
CA ASP C 504 7.43 19.80 85.19
C ASP C 504 8.42 20.61 86.02
N SER C 505 8.03 20.99 87.24
CA SER C 505 8.91 21.78 88.11
C SER C 505 10.18 21.05 88.53
N ARG C 506 10.13 19.72 88.62
CA ARG C 506 11.30 18.95 89.01
C ARG C 506 12.34 18.89 87.89
N ARG C 507 11.90 19.12 86.66
CA ARG C 507 12.82 19.09 85.52
C ARG C 507 13.56 17.75 85.48
N GLU C 508 12.84 16.65 85.66
CA GLU C 508 13.46 15.32 85.64
C GLU C 508 12.67 14.43 84.70
N PRO C 509 13.38 13.55 83.99
CA PRO C 509 12.76 12.60 83.03
C PRO C 509 11.60 11.83 83.62
N GLY C 510 11.77 11.39 84.87
CA GLY C 510 10.73 10.61 85.50
C GLY C 510 9.37 11.28 85.53
N SER C 511 9.33 12.59 85.72
CA SER C 511 8.04 13.28 85.76
C SER C 511 7.79 14.15 84.54
N ALA C 512 8.41 13.79 83.42
CA ALA C 512 8.25 14.54 82.19
C ALA C 512 7.38 13.71 81.27
N ILE C 513 6.76 14.37 80.29
CA ILE C 513 5.91 13.64 79.38
C ILE C 513 6.12 14.16 77.97
N PHE C 514 5.86 13.29 76.99
CA PHE C 514 5.97 13.70 75.59
C PHE C 514 4.62 14.19 75.11
N VAL C 515 4.57 15.40 74.55
CA VAL C 515 3.33 15.92 73.99
C VAL C 515 3.59 16.31 72.53
N GLY C 516 2.54 16.31 71.71
CA GLY C 516 2.72 16.71 70.31
C GLY C 516 3.18 18.15 70.25
N ASN C 517 3.85 18.55 69.16
CA ASN C 517 4.32 19.92 69.03
C ASN C 517 3.19 20.73 68.36
N ILE C 518 2.53 21.61 69.12
CA ILE C 518 1.41 22.38 68.58
C ILE C 518 1.83 23.19 67.35
N ASN C 519 3.05 23.73 67.36
CA ASN C 519 3.50 24.50 66.19
C ASN C 519 3.52 23.63 64.93
N SER C 520 3.82 22.35 65.07
CA SER C 520 3.84 21.46 63.90
C SER C 520 2.42 21.27 63.36
N MET C 521 1.43 21.35 64.23
CA MET C 521 0.03 21.22 63.76
C MET C 521 -0.26 22.42 62.88
N LEU C 522 0.17 23.61 63.32
CA LEU C 522 -0.05 24.84 62.53
C LEU C 522 0.74 24.74 61.20
N ASN C 523 1.97 24.23 61.28
CA ASN C 523 2.79 24.10 60.06
C ASN C 523 2.04 23.25 59.03
N ASN C 524 1.60 22.06 59.46
CA ASN C 524 0.91 21.11 58.60
C ASN C 524 -0.41 21.59 58.04
N GLN C 525 -1.22 22.24 58.85
CA GLN C 525 -2.51 22.69 58.36
C GLN C 525 -2.46 23.97 57.56
N PHE C 526 -1.56 24.88 57.89
CA PHE C 526 -1.57 26.15 57.16
C PHE C 526 -0.34 26.46 56.30
N SER C 527 0.68 25.61 56.35
CA SER C 527 1.85 25.79 55.50
C SER C 527 2.32 24.44 54.91
N PRO C 528 1.42 23.76 54.18
CA PRO C 528 1.88 22.48 53.62
C PRO C 528 3.02 22.71 52.66
N GLU C 529 3.83 21.68 52.44
CA GLU C 529 4.96 21.80 51.55
C GLU C 529 4.54 21.74 50.10
N TYR C 530 3.41 21.10 49.83
CA TYR C 530 2.91 20.99 48.48
C TYR C 530 1.47 21.38 48.44
N GLY C 531 1.03 21.77 47.24
CA GLY C 531 -0.37 22.11 46.98
C GLY C 531 -1.18 20.82 46.95
N VAL C 532 -2.49 20.90 46.72
CA VAL C 532 -3.32 19.68 46.70
C VAL C 532 -3.28 18.88 45.39
N GLN C 533 -2.64 19.41 44.35
CA GLN C 533 -2.52 18.76 43.03
C GLN C 533 -3.87 18.20 42.59
N SER C 534 -4.90 19.05 42.58
CA SER C 534 -6.23 18.57 42.25
C SER C 534 -6.37 18.06 40.84
N GLY C 535 -5.35 18.33 40.01
CA GLY C 535 -5.38 17.88 38.64
C GLY C 535 -4.82 16.47 38.46
N VAL C 536 -4.24 15.92 39.53
CA VAL C 536 -3.73 14.56 39.47
C VAL C 536 -4.90 13.69 39.91
N ARG C 537 -5.48 12.99 38.95
CA ARG C 537 -6.66 12.15 39.18
C ARG C 537 -6.46 11.07 40.21
N ASP C 538 -5.36 10.32 40.07
CA ASP C 538 -5.05 9.25 41.00
C ASP C 538 -4.50 9.87 42.29
N ARG C 539 -5.33 9.92 43.32
CA ARG C 539 -4.94 10.52 44.59
C ARG C 539 -3.77 9.87 45.26
N SER C 540 -3.61 8.57 45.06
CA SER C 540 -2.52 7.85 45.70
C SER C 540 -1.18 8.35 45.19
N LYS C 541 -1.18 8.96 44.03
CA LYS C 541 0.05 9.49 43.45
C LYS C 541 0.37 10.92 43.88
N ARG C 542 -0.57 11.59 44.55
CA ARG C 542 -0.35 12.98 45.00
C ARG C 542 0.57 13.07 46.18
N LYS C 543 1.15 14.25 46.39
CA LYS C 543 2.00 14.46 47.56
C LYS C 543 1.12 14.44 48.81
N ARG C 544 -0.13 14.87 48.66
CA ARG C 544 -1.08 14.91 49.79
C ARG C 544 -2.35 14.21 49.28
N PRO C 545 -2.37 12.88 49.31
CA PRO C 545 -3.51 12.07 48.84
C PRO C 545 -4.90 12.41 49.38
N PHE C 546 -5.03 12.55 50.70
CA PHE C 546 -6.30 12.84 51.35
C PHE C 546 -6.06 13.83 52.51
N PRO C 547 -5.89 15.12 52.19
CA PRO C 547 -5.64 16.12 53.25
C PRO C 547 -6.68 16.17 54.37
N GLY C 548 -7.94 15.95 54.03
CA GLY C 548 -9.01 16.02 55.01
C GLY C 548 -8.91 15.08 56.20
N LEU C 549 -8.27 13.93 55.99
CA LEU C 549 -8.11 12.93 57.04
C LEU C 549 -7.34 13.35 58.27
N ALA C 550 -6.43 14.31 58.13
CA ALA C 550 -5.64 14.76 59.28
C ALA C 550 -6.54 15.33 60.38
N TRP C 551 -7.74 15.80 60.01
CA TRP C 551 -8.64 16.37 61.02
C TRP C 551 -9.06 15.25 61.98
N ALA C 552 -9.22 14.04 61.46
CA ALA C 552 -9.63 12.91 62.32
C ALA C 552 -8.56 12.41 63.32
N SER C 553 -7.28 12.71 63.04
CA SER C 553 -6.18 12.27 63.88
C SER C 553 -5.60 13.41 64.70
N MET C 554 -6.08 14.63 64.44
CA MET C 554 -5.58 15.80 65.16
C MET C 554 -5.56 15.74 66.69
N LYS C 555 -6.64 15.26 67.29
CA LYS C 555 -6.74 15.18 68.76
C LYS C 555 -5.73 14.16 69.29
N ASP C 556 -5.67 13.00 68.65
CA ASP C 556 -4.74 12.00 69.08
C ASP C 556 -3.29 12.50 68.95
N THR C 557 -2.99 13.22 67.87
CA THR C 557 -1.64 13.72 67.65
C THR C 557 -1.22 14.91 68.50
N TYR C 558 -2.11 15.89 68.64
CA TYR C 558 -1.83 17.11 69.38
C TYR C 558 -2.60 17.37 70.69
N GLY C 559 -3.61 16.53 70.96
CA GLY C 559 -4.42 16.70 72.17
C GLY C 559 -3.70 16.93 73.49
N ALA C 560 -2.51 16.32 73.65
CA ALA C 560 -1.75 16.47 74.88
C ALA C 560 -1.02 17.80 75.02
N CYS C 561 -1.01 18.63 73.98
CA CYS C 561 -0.31 19.90 74.12
C CYS C 561 -1.10 20.77 75.09
N PRO C 562 -0.44 21.32 76.13
CA PRO C 562 -1.13 22.17 77.12
C PRO C 562 -2.11 23.20 76.51
N ILE C 563 -1.72 23.84 75.42
CA ILE C 563 -2.59 24.85 74.82
C ILE C 563 -3.39 24.40 73.60
N TYR C 564 -3.61 23.10 73.47
CA TYR C 564 -4.36 22.59 72.34
C TYR C 564 -5.71 23.29 72.12
N SER C 565 -6.53 23.34 73.16
CA SER C 565 -7.85 23.96 73.06
C SER C 565 -7.77 25.41 72.69
N ASP C 566 -6.91 26.15 73.38
CA ASP C 566 -6.73 27.55 73.12
C ASP C 566 -6.36 27.81 71.67
N VAL C 567 -5.50 26.98 71.10
CA VAL C 567 -5.09 27.18 69.71
C VAL C 567 -6.25 26.96 68.76
N LEU C 568 -6.99 25.87 68.93
CA LEU C 568 -8.14 25.61 68.05
C LEU C 568 -9.14 26.76 68.15
N GLU C 569 -9.33 27.29 69.36
CA GLU C 569 -10.23 28.42 69.55
C GLU C 569 -9.67 29.66 68.86
N ALA C 570 -8.36 29.89 68.99
CA ALA C 570 -7.74 31.04 68.32
C ALA C 570 -7.93 30.87 66.80
N ILE C 571 -7.69 29.67 66.28
CA ILE C 571 -7.88 29.41 64.86
C ILE C 571 -9.32 29.77 64.43
N GLU C 572 -10.29 29.24 65.15
CA GLU C 572 -11.71 29.48 64.83
C GLU C 572 -12.00 30.98 64.77
N ARG C 573 -11.54 31.70 65.79
CA ARG C 573 -11.80 33.11 65.84
C ARG C 573 -11.18 33.85 64.67
N CYS C 574 -9.90 33.61 64.41
CA CYS C 574 -9.22 34.29 63.30
C CYS C 574 -9.76 33.87 61.95
N TRP C 575 -10.14 32.60 61.83
CA TRP C 575 -10.67 32.16 60.55
C TRP C 575 -12.01 32.84 60.31
N TRP C 576 -12.77 33.06 61.39
CA TRP C 576 -14.07 33.73 61.24
C TRP C 576 -13.82 35.15 60.75
N ASN C 577 -12.88 35.85 61.39
CA ASN C 577 -12.57 37.22 60.98
C ASN C 577 -12.22 37.26 59.49
N ALA C 578 -11.41 36.30 59.04
CA ALA C 578 -10.94 36.28 57.64
C ALA C 578 -11.92 35.75 56.58
N PHE C 579 -12.61 34.66 56.88
CA PHE C 579 -13.49 34.07 55.88
C PHE C 579 -14.97 34.15 56.24
N GLY C 580 -15.28 34.56 57.46
CA GLY C 580 -16.67 34.65 57.85
C GLY C 580 -17.34 33.29 57.81
N GLU C 581 -16.59 32.26 58.17
CA GLU C 581 -17.09 30.89 58.18
C GLU C 581 -16.37 30.15 59.30
N SER C 582 -16.89 28.98 59.67
CA SER C 582 -16.31 28.17 60.73
C SER C 582 -15.21 27.26 60.21
N TYR C 583 -14.02 27.37 60.81
CA TYR C 583 -12.92 26.51 60.36
C TYR C 583 -13.26 25.07 60.69
N ARG C 584 -13.73 24.84 61.91
CA ARG C 584 -14.07 23.48 62.31
C ARG C 584 -15.01 22.85 61.29
N ALA C 585 -16.07 23.55 60.91
CA ALA C 585 -17.03 23.02 59.94
C ALA C 585 -16.38 22.79 58.56
N TYR C 586 -15.51 23.72 58.17
CA TYR C 586 -14.80 23.61 56.90
C TYR C 586 -13.99 22.30 56.89
N ARG C 587 -13.31 22.01 57.99
CA ARG C 587 -12.50 20.81 58.07
C ARG C 587 -13.36 19.56 58.20
N GLU C 588 -14.47 19.66 58.91
CA GLU C 588 -15.36 18.53 59.04
C GLU C 588 -15.82 18.14 57.65
N ASP C 589 -16.20 19.11 56.83
CA ASP C 589 -16.64 18.84 55.47
C ASP C 589 -15.54 18.19 54.64
N MET C 590 -14.33 18.71 54.76
CA MET C 590 -13.20 18.14 54.01
C MET C 590 -12.97 16.70 54.50
N LEU C 591 -13.09 16.48 55.81
CA LEU C 591 -12.90 15.16 56.40
C LEU C 591 -13.91 14.23 55.72
N LYS C 592 -15.18 14.62 55.72
CA LYS C 592 -16.21 13.79 55.09
C LYS C 592 -15.92 13.45 53.64
N ARG C 593 -15.61 14.46 52.83
CA ARG C 593 -15.33 14.19 51.41
C ARG C 593 -14.16 13.21 51.19
N ASP C 594 -13.03 13.46 51.84
CA ASP C 594 -11.87 12.59 51.68
C ASP C 594 -12.11 11.20 52.24
N THR C 595 -12.95 11.07 53.26
CA THR C 595 -13.24 9.75 53.79
C THR C 595 -13.98 8.98 52.69
N LEU C 596 -14.90 9.65 51.99
CA LEU C 596 -15.63 8.99 50.91
C LEU C 596 -14.70 8.65 49.76
N GLU C 597 -13.79 9.57 49.45
CA GLU C 597 -12.85 9.33 48.36
C GLU C 597 -11.93 8.18 48.70
N LEU C 598 -11.53 8.07 49.96
CA LEU C 598 -10.65 6.98 50.37
C LEU C 598 -11.25 5.61 50.06
N SER C 599 -12.54 5.43 50.33
CA SER C 599 -13.18 4.14 50.09
C SER C 599 -13.04 3.68 48.65
N ARG C 600 -12.71 4.61 47.76
CA ARG C 600 -12.54 4.25 46.37
C ARG C 600 -11.16 3.62 46.14
N TYR C 601 -10.27 3.82 47.10
CA TYR C 601 -8.92 3.30 46.99
C TYR C 601 -8.65 2.07 47.84
N VAL C 602 -9.38 1.94 48.94
CA VAL C 602 -9.18 0.80 49.83
C VAL C 602 -10.18 -0.30 49.51
N ALA C 603 -9.69 -1.36 48.86
CA ALA C 603 -10.52 -2.50 48.47
C ALA C 603 -11.22 -3.06 49.71
N SER C 604 -10.48 -3.15 50.82
CA SER C 604 -11.01 -3.66 52.07
C SER C 604 -11.87 -2.62 52.81
N MET C 605 -12.39 -1.64 52.06
CA MET C 605 -13.20 -0.60 52.68
C MET C 605 -14.52 -0.53 51.93
N ALA C 606 -15.62 -0.74 52.66
CA ALA C 606 -16.95 -0.69 52.05
C ALA C 606 -17.02 0.56 51.18
N ARG C 607 -17.82 0.52 50.12
CA ARG C 607 -17.97 1.65 49.20
C ARG C 607 -18.33 2.96 49.91
N GLN C 608 -18.40 2.91 51.23
CA GLN C 608 -18.68 4.06 52.09
C GLN C 608 -18.54 3.73 53.58
N ALA C 609 -17.66 2.78 53.90
CA ALA C 609 -17.41 2.44 55.30
C ALA C 609 -16.49 3.55 55.81
N GLY C 610 -16.67 3.94 57.08
CA GLY C 610 -15.87 5.01 57.67
C GLY C 610 -14.40 4.71 57.96
N LEU C 611 -13.81 5.54 58.80
CA LEU C 611 -12.39 5.44 59.20
C LEU C 611 -12.24 4.58 60.45
N ALA C 612 -13.29 3.83 60.77
CA ALA C 612 -13.33 2.98 61.95
C ALA C 612 -12.05 2.17 62.25
N GLU C 613 -11.61 1.41 61.25
CA GLU C 613 -10.43 0.55 61.38
C GLU C 613 -9.07 1.25 61.25
N LEU C 614 -9.07 2.53 60.88
CA LEU C 614 -7.82 3.28 60.70
C LEU C 614 -7.22 3.90 61.95
N THR C 615 -5.91 3.84 62.06
CA THR C 615 -5.23 4.41 63.23
C THR C 615 -4.79 5.85 62.99
N PRO C 616 -4.49 6.58 64.08
CA PRO C 616 -4.04 7.97 63.89
C PRO C 616 -2.89 8.02 62.89
N ILE C 617 -1.97 7.06 62.98
CA ILE C 617 -0.82 7.02 62.07
C ILE C 617 -1.27 6.84 60.63
N ASP C 618 -2.24 5.95 60.41
CA ASP C 618 -2.75 5.73 59.06
C ASP C 618 -3.29 7.05 58.48
N LEU C 619 -4.04 7.77 59.29
CA LEU C 619 -4.62 9.04 58.87
C LEU C 619 -3.54 10.12 58.59
N GLU C 620 -2.56 10.26 59.47
CA GLU C 620 -1.52 11.26 59.27
C GLU C 620 -0.73 10.99 57.99
N VAL C 621 -0.49 9.70 57.73
CA VAL C 621 0.25 9.28 56.56
C VAL C 621 -0.54 9.46 55.28
N LEU C 622 -1.86 9.23 55.31
CA LEU C 622 -2.67 9.42 54.12
C LEU C 622 -2.77 10.92 53.77
N ALA C 623 -2.74 11.79 54.77
CA ALA C 623 -2.79 13.22 54.52
C ALA C 623 -1.38 13.72 54.13
N ASP C 624 -0.36 13.01 54.60
CA ASP C 624 1.05 13.40 54.34
C ASP C 624 2.00 12.19 54.28
N PRO C 625 2.08 11.53 53.10
CA PRO C 625 2.96 10.35 52.94
C PRO C 625 4.42 10.61 53.31
N ASN C 626 4.83 11.86 53.24
CA ASN C 626 6.21 12.24 53.56
C ASN C 626 6.58 11.82 54.97
N LYS C 627 5.58 11.69 55.86
CA LYS C 627 5.86 11.27 57.23
C LYS C 627 6.41 9.84 57.27
N LEU C 628 6.31 9.16 56.15
CA LEU C 628 6.81 7.80 56.04
C LEU C 628 8.29 7.89 55.69
N GLN C 629 8.74 9.10 55.37
CA GLN C 629 10.13 9.33 54.99
C GLN C 629 11.00 9.87 56.11
N TYR C 630 10.40 10.17 57.25
CA TYR C 630 11.19 10.72 58.32
C TYR C 630 10.64 10.41 59.71
N LYS C 631 9.34 10.11 59.79
CA LYS C 631 8.73 9.85 61.09
C LYS C 631 8.47 8.36 61.36
N TRP C 632 7.67 7.75 60.50
CA TRP C 632 7.32 6.35 60.64
C TRP C 632 7.86 5.47 59.53
N THR C 633 7.65 4.17 59.70
CA THR C 633 8.08 3.18 58.74
C THR C 633 6.87 2.29 58.38
N GLU C 634 7.00 1.59 57.26
CA GLU C 634 5.95 0.71 56.76
C GLU C 634 5.23 -0.10 57.83
N ALA C 635 6.00 -0.72 58.70
CA ALA C 635 5.44 -1.56 59.75
C ALA C 635 4.48 -0.84 60.68
N ASP C 636 4.54 0.50 60.71
CA ASP C 636 3.68 1.28 61.59
C ASP C 636 2.32 1.60 60.97
N VAL C 637 2.15 1.23 59.71
CA VAL C 637 0.92 1.53 58.99
C VAL C 637 0.10 0.29 58.72
N SER C 638 -1.22 0.39 58.90
CA SER C 638 -2.08 -0.75 58.60
C SER C 638 -1.68 -1.21 57.20
N ALA C 639 -1.64 -2.52 57.01
CA ALA C 639 -1.29 -3.11 55.74
C ALA C 639 -2.16 -2.62 54.58
N ASN C 640 -3.47 -2.64 54.76
CA ASN C 640 -4.33 -2.21 53.65
C ASN C 640 -4.09 -0.75 53.26
N ILE C 641 -3.59 0.04 54.20
CA ILE C 641 -3.32 1.44 53.93
C ILE C 641 -1.95 1.60 53.26
N HIS C 642 -0.98 0.80 53.68
CA HIS C 642 0.34 0.88 53.08
C HIS C 642 0.25 0.56 51.57
N GLU C 643 -0.63 -0.37 51.22
CA GLU C 643 -0.85 -0.76 49.83
C GLU C 643 -1.38 0.37 48.96
N VAL C 644 -2.05 1.34 49.57
CA VAL C 644 -2.59 2.49 48.83
C VAL C 644 -1.46 3.37 48.29
N LEU C 645 -0.40 3.47 49.08
CA LEU C 645 0.72 4.33 48.77
C LEU C 645 1.92 3.66 48.10
N MET C 646 2.07 2.37 48.30
CA MET C 646 3.21 1.64 47.75
C MET C 646 2.81 0.39 46.99
N HIS C 647 3.66 -0.01 46.05
CA HIS C 647 3.44 -1.22 45.29
C HIS C 647 4.74 -2.03 45.40
N GLY C 648 4.64 -3.34 45.38
CA GLY C 648 5.84 -4.13 45.53
C GLY C 648 6.26 -4.95 44.35
N VAL C 649 7.52 -5.38 44.38
CA VAL C 649 8.11 -6.24 43.37
C VAL C 649 7.94 -7.64 43.96
N SER C 650 7.95 -8.69 43.14
CA SER C 650 7.76 -10.05 43.66
C SER C 650 8.77 -10.45 44.72
N VAL C 651 8.30 -11.18 45.74
CA VAL C 651 9.16 -11.64 46.83
C VAL C 651 10.18 -12.64 46.31
N GLU C 652 9.76 -13.41 45.31
CA GLU C 652 10.61 -14.43 44.72
C GLU C 652 11.84 -13.80 44.12
N LYS C 653 11.63 -12.70 43.39
CA LYS C 653 12.75 -12.02 42.75
C LYS C 653 13.70 -11.30 43.69
N THR C 654 13.17 -10.69 44.75
CA THR C 654 14.05 -9.99 45.67
C THR C 654 14.78 -11.02 46.54
N GLU C 655 14.09 -12.12 46.80
CA GLU C 655 14.60 -13.23 47.61
C GLU C 655 15.84 -13.82 46.97
N ARG C 656 15.73 -14.06 45.67
CA ARG C 656 16.82 -14.61 44.89
C ARG C 656 17.95 -13.58 44.81
N PHE C 657 17.59 -12.30 44.69
CA PHE C 657 18.58 -11.24 44.63
C PHE C 657 19.32 -11.20 45.96
N LEU C 658 18.60 -11.12 47.08
CA LEU C 658 19.22 -11.06 48.39
C LEU C 658 20.18 -12.21 48.66
N ARG C 659 19.75 -13.42 48.29
CA ARG C 659 20.56 -14.60 48.49
C ARG C 659 21.94 -14.44 47.87
N SER C 660 21.99 -13.83 46.69
CA SER C 660 23.27 -13.63 46.01
C SER C 660 24.09 -12.46 46.58
N VAL C 661 23.47 -11.65 47.42
CA VAL C 661 24.18 -10.50 47.99
C VAL C 661 24.78 -10.80 49.33
N MET C 662 23.96 -11.32 50.22
CA MET C 662 24.42 -11.61 51.54
C MET C 662 25.41 -12.74 51.70
N PRO C 663 26.12 -12.75 52.84
CA PRO C 663 27.13 -13.77 53.14
C PRO C 663 26.41 -15.09 53.41
N ARG C 664 25.58 -15.05 54.46
CA ARG C 664 24.79 -16.19 54.92
C ARG C 664 23.45 -15.65 55.38
MN MN G . 8.09 -3.62 4.24
MN MN H . -21.59 -11.08 -62.21
MN MN I . 15.43 16.65 68.93
#